data_3ZC1
#
_entry.id   3ZC1
#
_cell.length_a   183.310
_cell.length_b   183.310
_cell.length_c   111.280
_cell.angle_alpha   90.00
_cell.angle_beta   90.00
_cell.angle_gamma   90.00
#
_symmetry.space_group_name_H-M   'P 42 21 2'
#
loop_
_entity.id
_entity.type
_entity.pdbx_description
1 polymer AFTRAX
2 non-polymer 'MAGNESIUM ION'
3 water water
#
_entity_poly.entity_id   1
_entity_poly.type   'polypeptide(L)'
_entity_poly.pdbx_seq_one_letter_code
;GPHMRLEECRKRLEELEAAREELLKVLREMRIHSTKSIALIHAGKVEEAEQELKKAIELLEKVKAYREYPEIYFYLCNDA
MQELVEAIAFKNAISGEFTFEIDLEVTPAAFLNGFADAVGELRRYALTKLIEGDFKSAERMLEVMEKIYERLMEFTTFPD
KLVSGLRKKLDVARGGIERTKSDYIAAKVARLNESLGGN
;
_entity_poly.pdbx_strand_id   A,B,C,D,E,F,G,H
#
loop_
_chem_comp.id
_chem_comp.type
_chem_comp.name
_chem_comp.formula
MG non-polymer 'MAGNESIUM ION' 'Mg 2'
#
# COMPACT_ATOMS: atom_id res chain seq x y z
N MET A 4 22.15 27.76 -28.87
CA MET A 4 22.70 26.44 -29.07
C MET A 4 22.04 25.34 -28.22
N ARG A 5 21.13 24.60 -28.84
CA ARG A 5 20.45 23.42 -28.28
C ARG A 5 20.18 23.40 -26.80
N LEU A 6 21.26 23.27 -26.02
CA LEU A 6 21.18 23.21 -24.57
C LEU A 6 20.69 24.52 -24.00
N GLU A 7 21.11 25.61 -24.61
CA GLU A 7 20.63 26.92 -24.24
C GLU A 7 19.11 26.93 -24.35
N GLU A 8 18.63 26.42 -25.48
CA GLU A 8 17.20 26.28 -25.73
C GLU A 8 16.50 25.45 -24.66
N CYS A 9 16.74 24.13 -24.64
CA CYS A 9 16.02 23.22 -23.74
C CYS A 9 16.19 23.68 -22.26
N ARG A 10 17.30 24.35 -21.94
CA ARG A 10 17.42 25.10 -20.67
C ARG A 10 16.40 26.20 -20.45
N LYS A 11 16.30 27.13 -21.41
CA LYS A 11 15.34 28.24 -21.30
C LYS A 11 13.91 27.72 -21.19
N ARG A 12 13.59 26.72 -22.02
CA ARG A 12 12.28 26.09 -21.94
C ARG A 12 12.04 25.61 -20.54
N LEU A 13 13.05 24.99 -19.96
CA LEU A 13 12.96 24.45 -18.60
C LEU A 13 12.65 25.50 -17.55
N GLU A 14 13.44 26.57 -17.50
CA GLU A 14 13.20 27.65 -16.55
C GLU A 14 11.80 28.23 -16.69
N GLU A 15 11.42 28.44 -17.95
CA GLU A 15 10.07 28.88 -18.29
C GLU A 15 9.02 27.97 -17.64
N LEU A 16 9.14 26.67 -17.91
CA LEU A 16 8.24 25.66 -17.39
C LEU A 16 8.23 25.61 -15.87
N GLU A 17 9.34 26.02 -15.26
CA GLU A 17 9.43 26.02 -13.80
C GLU A 17 8.57 27.11 -13.19
N ALA A 18 8.80 28.34 -13.62
CA ALA A 18 7.94 29.43 -13.15
C ALA A 18 6.44 29.16 -13.41
N ALA A 19 6.16 28.72 -14.65
CA ALA A 19 4.80 28.41 -15.05
C ALA A 19 4.15 27.40 -14.12
N ARG A 20 4.86 26.31 -13.85
CA ARG A 20 4.30 25.29 -12.96
C ARG A 20 3.96 25.84 -11.58
N GLU A 21 4.88 26.62 -10.99
CA GLU A 21 4.55 27.29 -9.72
C GLU A 21 3.21 28.04 -9.77
N GLU A 22 3.10 28.94 -10.74
CA GLU A 22 1.89 29.76 -10.85
C GLU A 22 0.61 28.96 -11.10
N LEU A 23 0.76 27.92 -11.92
CA LEU A 23 -0.34 27.01 -12.22
C LEU A 23 -0.82 26.34 -10.95
N LEU A 24 0.11 25.81 -10.15
CA LEU A 24 -0.26 25.25 -8.85
C LEU A 24 -1.12 26.18 -8.01
N LYS A 25 -0.63 27.41 -7.79
CA LYS A 25 -1.43 28.38 -7.02
C LYS A 25 -2.83 28.57 -7.58
N VAL A 26 -2.91 28.89 -8.87
CA VAL A 26 -4.23 29.16 -9.49
C VAL A 26 -5.18 27.96 -9.41
N LEU A 27 -4.66 26.77 -9.70
CA LEU A 27 -5.42 25.52 -9.60
C LEU A 27 -5.98 25.29 -8.21
N ARG A 28 -5.14 25.51 -7.21
CA ARG A 28 -5.61 25.21 -5.87
C ARG A 28 -6.66 26.21 -5.43
N GLU A 29 -6.46 27.47 -5.78
CA GLU A 29 -7.45 28.48 -5.45
C GLU A 29 -8.81 28.13 -6.09
N MET A 30 -8.76 27.79 -7.37
CA MET A 30 -9.95 27.36 -8.07
C MET A 30 -10.64 26.22 -7.32
N ARG A 31 -9.90 25.16 -6.99
CA ARG A 31 -10.51 24.00 -6.35
C ARG A 31 -11.20 24.37 -5.05
N ILE A 32 -10.44 25.04 -4.18
CA ILE A 32 -10.97 25.57 -2.92
C ILE A 32 -12.30 26.28 -3.14
N HIS A 33 -12.33 27.20 -4.10
CA HIS A 33 -13.56 27.97 -4.34
C HIS A 33 -14.71 27.08 -4.75
N SER A 34 -14.42 26.09 -5.59
CA SER A 34 -15.44 25.13 -5.97
C SER A 34 -16.06 24.46 -4.75
N THR A 35 -15.21 23.80 -3.98
CA THR A 35 -15.67 23.07 -2.81
C THR A 35 -16.47 23.99 -1.89
N LYS A 36 -15.85 25.13 -1.57
CA LYS A 36 -16.48 26.17 -0.76
C LYS A 36 -17.93 26.36 -1.17
N SER A 37 -18.15 26.68 -2.45
CA SER A 37 -19.51 26.81 -2.98
C SER A 37 -20.40 25.62 -2.61
N ILE A 38 -19.89 24.41 -2.83
CA ILE A 38 -20.70 23.22 -2.52
C ILE A 38 -21.12 23.19 -1.05
N ALA A 39 -20.24 23.58 -0.15
CA ALA A 39 -20.62 23.45 1.25
C ALA A 39 -21.48 24.60 1.67
N LEU A 40 -21.33 25.73 0.98
CA LEU A 40 -22.15 26.88 1.24
C LEU A 40 -23.60 26.58 0.88
N ILE A 41 -23.83 25.83 -0.21
CA ILE A 41 -25.19 25.36 -0.52
C ILE A 41 -25.77 24.44 0.57
N HIS A 42 -24.94 23.51 1.08
CA HIS A 42 -25.38 22.58 2.10
C HIS A 42 -25.53 23.30 3.42
N ALA A 43 -25.13 24.56 3.46
CA ALA A 43 -25.30 25.37 4.66
C ALA A 43 -26.37 26.44 4.52
N GLY A 44 -27.05 26.46 3.37
CA GLY A 44 -28.15 27.37 3.14
C GLY A 44 -27.81 28.74 2.55
N LYS A 45 -26.54 29.10 2.55
CA LYS A 45 -26.12 30.39 2.01
C LYS A 45 -25.89 30.25 0.52
N VAL A 46 -26.91 29.82 -0.21
CA VAL A 46 -26.83 29.56 -1.64
C VAL A 46 -26.36 30.76 -2.51
N GLU A 47 -26.59 31.97 -2.01
CA GLU A 47 -26.15 33.18 -2.71
C GLU A 47 -24.64 33.35 -2.62
N GLU A 48 -24.11 33.28 -1.40
CA GLU A 48 -22.67 33.35 -1.17
C GLU A 48 -21.98 32.24 -1.97
N ALA A 49 -22.66 31.09 -2.06
CA ALA A 49 -22.20 29.97 -2.86
C ALA A 49 -22.16 30.32 -4.34
N GLU A 50 -23.18 31.05 -4.78
CA GLU A 50 -23.19 31.60 -6.14
C GLU A 50 -21.93 32.45 -6.34
N GLN A 51 -21.57 33.25 -5.34
CA GLN A 51 -20.42 34.15 -5.39
C GLN A 51 -19.08 33.40 -5.51
N GLU A 52 -18.92 32.38 -4.67
CA GLU A 52 -17.73 31.54 -4.72
C GLU A 52 -17.61 30.80 -6.05
N LEU A 53 -18.72 30.21 -6.50
CA LEU A 53 -18.69 29.47 -7.75
C LEU A 53 -18.33 30.39 -8.91
N LYS A 54 -18.80 31.64 -8.84
CA LYS A 54 -18.42 32.67 -9.81
C LYS A 54 -16.91 32.85 -9.80
N LYS A 55 -16.36 33.16 -8.62
CA LYS A 55 -14.91 33.31 -8.44
C LYS A 55 -14.12 32.18 -9.10
N ALA A 56 -14.58 30.96 -8.86
CA ALA A 56 -13.97 29.77 -9.45
C ALA A 56 -14.01 29.82 -10.98
N ILE A 57 -15.21 29.97 -11.55
CA ILE A 57 -15.37 29.99 -13.01
C ILE A 57 -14.51 31.06 -13.66
N GLU A 58 -14.32 32.16 -12.94
CA GLU A 58 -13.34 33.15 -13.38
C GLU A 58 -11.91 32.61 -13.38
N LEU A 59 -11.41 32.13 -12.23
CA LEU A 59 -10.04 31.61 -12.16
C LEU A 59 -9.74 30.54 -13.21
N LEU A 60 -10.78 29.78 -13.55
CA LEU A 60 -10.71 28.76 -14.59
C LEU A 60 -10.04 29.27 -15.86
N GLU A 61 -10.38 30.48 -16.26
CA GLU A 61 -9.83 31.07 -17.49
C GLU A 61 -8.31 31.23 -17.40
N LYS A 62 -7.87 31.89 -16.32
CA LYS A 62 -6.45 32.05 -16.05
C LYS A 62 -5.74 30.70 -16.10
N VAL A 63 -6.45 29.65 -15.67
CA VAL A 63 -5.94 28.28 -15.78
C VAL A 63 -5.83 27.78 -17.22
N LYS A 64 -6.85 28.08 -18.03
CA LYS A 64 -6.86 27.70 -19.44
C LYS A 64 -5.70 28.35 -20.19
N ALA A 65 -5.21 29.47 -19.65
CA ALA A 65 -4.07 30.19 -20.24
C ALA A 65 -2.76 29.43 -20.21
N TYR A 66 -2.72 28.33 -19.48
CA TYR A 66 -1.50 27.57 -19.31
C TYR A 66 -1.44 26.38 -20.24
N ARG A 67 -2.26 26.40 -21.28
CA ARG A 67 -2.30 25.27 -22.21
C ARG A 67 -1.17 25.39 -23.23
N GLU A 68 -0.46 26.51 -23.12
CA GLU A 68 0.72 26.79 -23.94
C GLU A 68 1.89 25.90 -23.54
N TYR A 69 1.78 25.31 -22.35
CA TYR A 69 2.82 24.44 -21.82
C TYR A 69 2.25 23.05 -21.65
N PRO A 70 2.04 22.31 -22.76
CA PRO A 70 1.37 21.01 -22.64
C PRO A 70 2.22 19.99 -21.91
N GLU A 71 3.45 20.35 -21.59
CA GLU A 71 4.24 19.51 -20.72
C GLU A 71 3.47 19.35 -19.43
N ILE A 72 3.40 20.44 -18.68
CA ILE A 72 2.89 20.41 -17.32
C ILE A 72 1.36 20.52 -17.17
N TYR A 73 0.72 21.20 -18.11
CA TYR A 73 -0.70 21.55 -17.98
C TYR A 73 -1.58 20.34 -17.70
N PHE A 74 -1.14 19.17 -18.15
CA PHE A 74 -2.02 18.02 -18.10
C PHE A 74 -1.77 17.12 -16.91
N TYR A 75 -0.54 17.13 -16.39
CA TYR A 75 -0.23 16.29 -15.25
C TYR A 75 -0.93 16.81 -14.00
N LEU A 76 -1.48 18.01 -14.09
CA LEU A 76 -2.13 18.63 -12.93
C LEU A 76 -3.62 19.06 -13.13
N CYS A 77 -4.08 19.01 -14.38
CA CYS A 77 -5.44 19.39 -14.74
C CYS A 77 -6.51 18.77 -13.84
N ASN A 78 -6.52 17.44 -13.79
CA ASN A 78 -7.58 16.61 -13.18
C ASN A 78 -8.45 17.17 -12.02
N ASP A 79 -7.83 17.38 -10.87
CA ASP A 79 -8.58 17.43 -9.62
C ASP A 79 -9.39 18.71 -9.40
N ALA A 80 -8.73 19.85 -9.58
CA ALA A 80 -9.41 21.13 -9.45
C ALA A 80 -10.65 21.21 -10.37
N MET A 81 -10.52 20.73 -11.61
CA MET A 81 -11.61 20.79 -12.57
C MET A 81 -12.67 19.74 -12.32
N GLN A 82 -12.25 18.63 -11.74
CA GLN A 82 -13.20 17.63 -11.30
C GLN A 82 -14.13 18.31 -10.30
N GLU A 83 -13.52 19.08 -9.39
CA GLU A 83 -14.29 19.79 -8.40
C GLU A 83 -15.19 20.84 -9.03
N LEU A 84 -14.68 21.53 -10.04
CA LEU A 84 -15.49 22.55 -10.71
C LEU A 84 -16.72 21.94 -11.33
N VAL A 85 -16.52 20.96 -12.21
CA VAL A 85 -17.62 20.16 -12.73
C VAL A 85 -18.60 19.70 -11.63
N GLU A 86 -18.07 19.21 -10.51
CA GLU A 86 -18.95 18.81 -9.40
C GLU A 86 -19.85 19.98 -9.03
N ALA A 87 -19.25 21.06 -8.55
CA ALA A 87 -20.01 22.19 -8.01
C ALA A 87 -21.06 22.72 -8.99
N ILE A 88 -20.70 22.69 -10.27
CA ILE A 88 -21.61 23.18 -11.31
C ILE A 88 -22.78 22.21 -11.53
N ALA A 89 -22.47 20.93 -11.64
CA ALA A 89 -23.49 19.90 -11.76
C ALA A 89 -24.49 20.05 -10.63
N PHE A 90 -23.96 20.14 -9.40
CA PHE A 90 -24.77 20.29 -8.20
C PHE A 90 -25.66 21.52 -8.27
N LYS A 91 -25.06 22.68 -8.56
CA LYS A 91 -25.82 23.91 -8.71
C LYS A 91 -27.00 23.69 -9.67
N ASN A 92 -26.71 23.26 -10.89
CA ASN A 92 -27.75 22.97 -11.87
C ASN A 92 -28.81 21.98 -11.38
N ALA A 93 -28.43 21.09 -10.48
CA ALA A 93 -29.36 20.05 -10.04
C ALA A 93 -30.31 20.54 -8.97
N ILE A 94 -29.77 21.29 -8.01
CA ILE A 94 -30.57 21.85 -6.94
C ILE A 94 -31.37 23.04 -7.45
N SER A 95 -31.24 23.30 -8.75
CA SER A 95 -31.97 24.39 -9.39
C SER A 95 -32.73 23.89 -10.60
N GLY A 96 -33.39 22.74 -10.47
CA GLY A 96 -34.30 22.20 -11.48
C GLY A 96 -33.81 22.12 -12.92
N GLU A 97 -32.99 23.07 -13.32
CA GLU A 97 -32.42 23.10 -14.66
C GLU A 97 -31.06 22.39 -14.70
N PHE A 98 -31.06 21.11 -14.35
CA PHE A 98 -29.86 20.30 -14.38
C PHE A 98 -29.56 19.83 -15.80
N THR A 99 -28.29 19.80 -16.19
CA THR A 99 -27.96 19.22 -17.48
C THR A 99 -26.52 18.72 -17.62
N PHE A 100 -26.36 17.64 -18.39
CA PHE A 100 -25.04 17.14 -18.78
C PHE A 100 -24.39 18.12 -19.75
N GLU A 101 -25.20 19.02 -20.30
CA GLU A 101 -24.71 19.98 -21.26
C GLU A 101 -24.17 21.21 -20.54
N ILE A 102 -22.94 21.11 -20.05
CA ILE A 102 -22.27 22.28 -19.48
C ILE A 102 -21.13 22.73 -20.39
N ASP A 103 -21.36 23.87 -21.01
CA ASP A 103 -20.57 24.38 -22.12
C ASP A 103 -19.10 24.70 -21.80
N LEU A 104 -18.41 23.76 -21.17
CA LEU A 104 -16.96 23.91 -21.00
C LEU A 104 -16.24 22.58 -20.86
N GLU A 105 -15.20 22.40 -21.68
CA GLU A 105 -14.28 21.27 -21.57
C GLU A 105 -12.88 21.86 -21.34
N VAL A 106 -12.09 21.39 -20.36
CA VAL A 106 -12.37 20.30 -19.38
C VAL A 106 -12.29 18.85 -19.94
N THR A 107 -11.31 18.09 -19.44
CA THR A 107 -11.09 16.69 -19.85
C THR A 107 -12.30 15.78 -19.58
N PRO A 108 -12.49 14.74 -20.41
CA PRO A 108 -13.64 13.84 -20.23
C PRO A 108 -13.63 13.08 -18.91
N ALA A 109 -12.44 12.69 -18.44
CA ALA A 109 -12.33 11.99 -17.16
C ALA A 109 -12.81 12.89 -16.03
N ALA A 110 -12.22 14.08 -15.93
CA ALA A 110 -12.66 15.07 -14.95
C ALA A 110 -14.16 15.28 -14.98
N PHE A 111 -14.72 15.32 -16.18
CA PHE A 111 -16.15 15.56 -16.43
C PHE A 111 -17.02 14.47 -15.79
N LEU A 112 -16.71 13.23 -16.15
CA LEU A 112 -17.46 12.07 -15.69
C LEU A 112 -17.34 11.85 -14.18
N ASN A 113 -16.10 11.85 -13.70
CA ASN A 113 -15.84 11.70 -12.28
C ASN A 113 -16.57 12.81 -11.54
N GLY A 114 -16.55 14.02 -12.09
CA GLY A 114 -17.22 15.14 -11.47
C GLY A 114 -18.71 14.95 -11.26
N PHE A 115 -19.37 14.43 -12.28
CA PHE A 115 -20.80 14.17 -12.14
C PHE A 115 -21.05 13.10 -11.11
N ALA A 116 -20.25 12.03 -11.19
CA ALA A 116 -20.39 10.91 -10.26
C ALA A 116 -20.15 11.35 -8.84
N ASP A 117 -19.27 12.31 -8.66
CA ASP A 117 -18.99 12.84 -7.35
C ASP A 117 -20.05 13.80 -6.85
N ALA A 118 -20.77 14.41 -7.79
CA ALA A 118 -21.91 15.24 -7.41
C ALA A 118 -23.12 14.42 -7.01
N VAL A 119 -23.14 13.14 -7.40
CA VAL A 119 -24.20 12.27 -6.91
C VAL A 119 -24.33 12.29 -5.37
N GLY A 120 -23.21 12.25 -4.67
CA GLY A 120 -23.28 12.16 -3.23
C GLY A 120 -23.71 13.43 -2.54
N GLU A 121 -23.36 14.56 -3.14
CA GLU A 121 -23.82 15.85 -2.62
C GLU A 121 -25.33 15.97 -2.86
N LEU A 122 -25.76 15.38 -3.98
CA LEU A 122 -27.19 15.27 -4.21
C LEU A 122 -27.89 14.45 -3.14
N ARG A 123 -27.33 13.32 -2.70
CA ARG A 123 -27.97 12.59 -1.60
C ARG A 123 -28.01 13.43 -0.35
N ARG A 124 -26.95 14.19 -0.11
CA ARG A 124 -26.96 15.03 1.10
C ARG A 124 -28.14 15.98 1.07
N TYR A 125 -28.26 16.66 -0.07
CA TYR A 125 -29.32 17.62 -0.29
C TYR A 125 -30.71 16.97 -0.23
N ALA A 126 -30.82 15.74 -0.73
CA ALA A 126 -32.09 15.03 -0.75
C ALA A 126 -32.53 14.56 0.64
N LEU A 127 -31.59 14.08 1.44
CA LEU A 127 -31.93 13.65 2.79
C LEU A 127 -32.32 14.87 3.59
N THR A 128 -31.62 15.98 3.35
CA THR A 128 -31.95 17.17 4.11
C THR A 128 -33.32 17.72 3.68
N LYS A 129 -33.60 17.63 2.38
CA LYS A 129 -34.90 18.04 1.84
C LYS A 129 -35.98 17.17 2.43
N LEU A 130 -35.66 15.90 2.65
CA LEU A 130 -36.59 14.96 3.27
C LEU A 130 -36.87 15.38 4.71
N ILE A 131 -35.84 15.83 5.42
CA ILE A 131 -36.03 16.29 6.79
C ILE A 131 -36.93 17.52 6.87
N GLU A 132 -36.59 18.55 6.10
CA GLU A 132 -37.46 19.74 5.98
C GLU A 132 -38.96 19.40 5.86
N GLY A 133 -39.27 18.31 5.15
CA GLY A 133 -40.64 17.90 4.90
C GLY A 133 -40.91 17.69 3.43
N ASP A 134 -40.25 18.49 2.61
CA ASP A 134 -40.45 18.51 1.16
C ASP A 134 -40.11 17.21 0.41
N PHE A 135 -41.12 16.40 0.08
CA PHE A 135 -40.88 15.20 -0.71
C PHE A 135 -40.75 15.45 -2.20
N LYS A 136 -41.33 16.54 -2.71
CA LYS A 136 -41.30 16.80 -4.15
C LYS A 136 -39.86 16.99 -4.63
N SER A 137 -39.18 17.96 -4.04
CA SER A 137 -37.79 18.26 -4.42
C SER A 137 -36.91 17.02 -4.20
N ALA A 138 -37.15 16.34 -3.09
CA ALA A 138 -36.48 15.08 -2.80
C ALA A 138 -36.59 14.09 -3.96
N GLU A 139 -37.81 13.86 -4.46
CA GLU A 139 -38.02 12.95 -5.59
C GLU A 139 -37.32 13.46 -6.85
N ARG A 140 -37.24 14.79 -6.97
CA ARG A 140 -36.55 15.37 -8.11
C ARG A 140 -35.07 15.03 -8.08
N MET A 141 -34.46 15.28 -6.93
CA MET A 141 -33.05 14.98 -6.71
C MET A 141 -32.76 13.50 -6.92
N LEU A 142 -33.64 12.65 -6.41
CA LEU A 142 -33.48 11.21 -6.58
C LEU A 142 -33.52 10.83 -8.07
N GLU A 143 -34.39 11.51 -8.82
CA GLU A 143 -34.43 11.33 -10.27
C GLU A 143 -33.08 11.66 -10.89
N VAL A 144 -32.57 12.87 -10.65
CA VAL A 144 -31.32 13.31 -11.29
C VAL A 144 -30.12 12.41 -10.91
N MET A 145 -30.07 12.02 -9.64
CA MET A 145 -29.08 11.06 -9.15
C MET A 145 -29.11 9.81 -9.99
N GLU A 146 -30.25 9.13 -9.97
CA GLU A 146 -30.44 7.96 -10.81
C GLU A 146 -30.06 8.19 -12.28
N LYS A 147 -30.36 9.37 -12.81
CA LYS A 147 -30.06 9.70 -14.19
C LYS A 147 -28.56 9.75 -14.45
N ILE A 148 -27.85 10.37 -13.52
CA ILE A 148 -26.41 10.45 -13.60
C ILE A 148 -25.84 9.06 -13.57
N TYR A 149 -26.32 8.25 -12.62
CA TYR A 149 -25.83 6.87 -12.56
C TYR A 149 -25.98 6.12 -13.88
N GLU A 150 -27.18 6.19 -14.47
CA GLU A 150 -27.42 5.49 -15.73
C GLU A 150 -26.55 6.04 -16.88
N ARG A 151 -26.65 7.33 -17.14
CA ARG A 151 -25.88 7.91 -18.23
C ARG A 151 -24.38 7.71 -18.06
N LEU A 152 -23.92 7.47 -16.84
CA LEU A 152 -22.48 7.31 -16.64
C LEU A 152 -22.02 5.89 -16.84
N MET A 153 -22.80 4.92 -16.34
CA MET A 153 -22.39 3.52 -16.41
C MET A 153 -22.00 3.09 -17.81
N GLU A 154 -22.55 3.80 -18.80
CA GLU A 154 -22.27 3.52 -20.20
C GLU A 154 -20.78 3.64 -20.55
N PHE A 155 -20.02 4.32 -19.70
CA PHE A 155 -18.61 4.57 -20.00
C PHE A 155 -17.66 3.63 -19.27
N THR A 156 -18.21 2.73 -18.47
CA THR A 156 -17.41 1.80 -17.68
C THR A 156 -16.66 0.81 -18.58
N THR A 157 -17.20 0.59 -19.77
CA THR A 157 -16.56 -0.25 -20.78
C THR A 157 -15.10 0.12 -21.02
N PHE A 158 -14.87 1.39 -21.39
CA PHE A 158 -13.55 1.98 -21.56
C PHE A 158 -12.61 1.55 -20.46
N PRO A 159 -11.31 1.41 -20.79
CA PRO A 159 -10.37 0.93 -19.79
C PRO A 159 -10.19 1.97 -18.69
N ASP A 160 -9.18 1.78 -17.84
CA ASP A 160 -8.82 2.85 -16.93
C ASP A 160 -8.07 3.88 -17.74
N LYS A 161 -6.96 4.38 -17.22
CA LYS A 161 -6.15 5.37 -17.93
C LYS A 161 -7.02 6.52 -18.39
N LEU A 162 -7.83 6.27 -19.43
CA LEU A 162 -8.69 7.27 -20.05
C LEU A 162 -9.78 7.78 -19.11
N VAL A 163 -10.16 6.95 -18.16
CA VAL A 163 -11.37 7.16 -17.37
C VAL A 163 -11.05 7.21 -15.87
N SER A 164 -10.04 6.46 -15.46
CA SER A 164 -9.53 6.39 -14.08
C SER A 164 -10.60 6.10 -13.01
N GLY A 165 -11.10 7.16 -12.39
CA GLY A 165 -11.99 7.03 -11.26
C GLY A 165 -13.24 6.17 -11.44
N LEU A 166 -13.80 6.16 -12.66
CA LEU A 166 -15.21 5.81 -12.86
C LEU A 166 -15.84 4.69 -12.02
N ARG A 167 -15.59 3.43 -12.37
CA ARG A 167 -16.26 2.27 -11.75
C ARG A 167 -16.37 2.32 -10.22
N LYS A 168 -15.29 2.74 -9.57
CA LYS A 168 -15.29 2.94 -8.14
C LYS A 168 -16.35 3.98 -7.76
N LYS A 169 -16.19 5.20 -8.27
CA LYS A 169 -17.11 6.30 -7.97
C LYS A 169 -18.58 5.98 -8.27
N LEU A 170 -18.82 5.13 -9.25
CA LEU A 170 -20.19 4.76 -9.58
C LEU A 170 -20.71 3.70 -8.64
N ASP A 171 -19.86 2.82 -8.12
CA ASP A 171 -20.36 1.92 -7.09
C ASP A 171 -20.66 2.67 -5.79
N VAL A 172 -19.88 3.72 -5.59
CA VAL A 172 -20.11 4.65 -4.50
C VAL A 172 -21.47 5.30 -4.65
N ALA A 173 -21.67 5.94 -5.80
CA ALA A 173 -22.92 6.64 -6.08
C ALA A 173 -24.05 5.67 -5.92
N ARG A 174 -23.87 4.46 -6.43
CA ARG A 174 -24.90 3.42 -6.34
C ARG A 174 -25.39 3.23 -4.91
N GLY A 175 -24.48 2.76 -4.03
CA GLY A 175 -24.87 2.53 -2.65
C GLY A 175 -25.50 3.75 -1.99
N GLY A 176 -25.02 4.91 -2.40
CA GLY A 176 -25.63 6.16 -1.97
C GLY A 176 -27.08 6.30 -2.41
N ILE A 177 -27.37 5.87 -3.64
CA ILE A 177 -28.72 5.93 -4.19
C ILE A 177 -29.65 4.99 -3.42
N GLU A 178 -29.19 3.76 -3.19
CA GLU A 178 -29.96 2.84 -2.35
C GLU A 178 -30.29 3.44 -1.00
N ARG A 179 -29.31 4.10 -0.36
CA ARG A 179 -29.59 4.72 0.95
C ARG A 179 -30.58 5.90 0.87
N THR A 180 -30.41 6.76 -0.13
CA THR A 180 -31.32 7.88 -0.36
C THR A 180 -32.73 7.34 -0.52
N LYS A 181 -32.86 6.24 -1.26
CA LYS A 181 -34.15 5.58 -1.40
C LYS A 181 -34.71 5.05 -0.06
N SER A 182 -34.02 4.13 0.61
CA SER A 182 -34.44 3.60 1.91
C SER A 182 -34.95 4.72 2.83
N ASP A 183 -34.18 5.81 2.85
CA ASP A 183 -34.54 7.01 3.63
C ASP A 183 -35.84 7.61 3.14
N TYR A 184 -36.00 7.65 1.81
CA TYR A 184 -37.26 8.14 1.24
C TYR A 184 -38.47 7.29 1.71
N ILE A 185 -38.30 5.99 1.79
CA ILE A 185 -39.38 5.10 2.23
C ILE A 185 -39.71 5.27 3.71
N ALA A 186 -38.71 5.25 4.58
CA ALA A 186 -39.03 5.45 5.98
C ALA A 186 -39.43 6.90 6.24
N ALA A 187 -39.26 7.75 5.23
CA ALA A 187 -39.74 9.12 5.30
C ALA A 187 -41.25 9.21 5.13
N LYS A 188 -41.79 8.26 4.37
CA LYS A 188 -43.22 8.21 4.13
C LYS A 188 -43.90 7.53 5.30
N VAL A 189 -43.81 8.17 6.46
CA VAL A 189 -44.71 7.90 7.55
C VAL A 189 -45.33 9.26 7.77
N ALA A 190 -45.68 9.84 6.62
CA ALA A 190 -46.41 11.10 6.51
C ALA A 190 -46.67 11.38 5.03
N ARG A 191 -47.66 10.73 4.37
CA ARG A 191 -48.70 9.85 4.93
C ARG A 191 -49.53 10.40 6.12
N LEU A 192 -49.20 9.96 7.33
CA LEU A 192 -49.83 10.48 8.54
C LEU A 192 -49.47 11.96 8.76
N ASN A 193 -50.06 12.59 9.76
CA ASN A 193 -49.88 14.03 10.01
C ASN A 193 -50.39 14.90 8.86
N MET B 4 24.94 20.71 24.54
CA MET B 4 25.76 20.31 23.40
C MET B 4 24.94 19.55 22.36
N ARG B 5 24.46 20.28 21.36
CA ARG B 5 23.51 19.83 20.33
C ARG B 5 23.04 18.37 20.28
N LEU B 6 23.95 17.41 20.32
CA LEU B 6 23.53 16.01 20.37
C LEU B 6 23.00 15.65 21.75
N GLU B 7 23.57 16.29 22.77
CA GLU B 7 23.17 16.06 24.14
C GLU B 7 21.85 16.77 24.52
N GLU B 8 21.65 18.00 24.03
CA GLU B 8 20.37 18.68 24.19
C GLU B 8 19.27 17.83 23.57
N CYS B 9 19.51 17.42 22.33
CA CYS B 9 18.53 16.64 21.58
C CYS B 9 18.23 15.32 22.27
N ARG B 10 19.27 14.63 22.77
CA ARG B 10 19.04 13.41 23.58
C ARG B 10 18.14 13.70 24.79
N LYS B 11 18.46 14.76 25.51
CA LYS B 11 17.69 15.19 26.66
C LYS B 11 16.22 15.34 26.29
N ARG B 12 15.95 16.34 25.44
CA ARG B 12 14.61 16.63 24.96
C ARG B 12 13.90 15.38 24.44
N LEU B 13 14.64 14.46 23.86
CA LEU B 13 14.06 13.21 23.42
C LEU B 13 13.52 12.39 24.60
N GLU B 14 14.36 12.20 25.60
CA GLU B 14 13.95 11.46 26.79
C GLU B 14 12.73 12.11 27.45
N GLU B 15 12.80 13.44 27.60
CA GLU B 15 11.67 14.22 28.12
C GLU B 15 10.40 13.91 27.34
N LEU B 16 10.48 14.01 26.01
CA LEU B 16 9.30 13.84 25.17
C LEU B 16 8.68 12.46 25.26
N GLU B 17 9.50 11.41 25.24
CA GLU B 17 8.95 10.06 25.36
C GLU B 17 8.23 9.89 26.70
N ALA B 18 8.88 10.34 27.76
CA ALA B 18 8.25 10.36 29.09
C ALA B 18 6.88 11.06 29.07
N ALA B 19 6.89 12.29 28.60
CA ALA B 19 5.70 13.11 28.48
C ALA B 19 4.61 12.37 27.72
N ARG B 20 5.02 11.67 26.66
CA ARG B 20 4.08 10.87 25.89
C ARG B 20 3.43 9.80 26.75
N GLU B 21 4.26 9.01 27.46
CA GLU B 21 3.71 7.96 28.35
C GLU B 21 2.64 8.53 29.29
N GLU B 22 3.01 9.60 29.96
CA GLU B 22 2.14 10.26 30.92
C GLU B 22 0.85 10.74 30.30
N LEU B 23 0.97 11.69 29.37
CA LEU B 23 -0.17 12.21 28.61
C LEU B 23 -1.12 11.10 28.18
N LEU B 24 -0.57 10.02 27.63
CA LEU B 24 -1.35 8.88 27.17
C LEU B 24 -2.15 8.25 28.29
N LYS B 25 -1.49 7.96 29.41
CA LYS B 25 -2.23 7.41 30.55
C LYS B 25 -3.36 8.32 31.07
N VAL B 26 -3.04 9.60 31.25
CA VAL B 26 -4.00 10.57 31.79
C VAL B 26 -5.19 10.77 30.86
N LEU B 27 -4.90 10.99 29.58
CA LEU B 27 -5.91 11.09 28.52
C LEU B 27 -6.82 9.87 28.62
N ARG B 28 -6.21 8.69 28.67
CA ARG B 28 -6.95 7.44 28.85
C ARG B 28 -7.95 7.55 30.00
N GLU B 29 -7.46 7.99 31.16
CA GLU B 29 -8.30 8.16 32.33
C GLU B 29 -9.50 9.03 32.05
N MET B 30 -9.19 10.26 31.61
CA MET B 30 -10.21 11.21 31.25
C MET B 30 -11.27 10.50 30.39
N ARG B 31 -10.81 9.64 29.48
CA ARG B 31 -11.72 8.98 28.57
C ARG B 31 -12.59 7.94 29.27
N ILE B 32 -11.99 7.15 30.16
CA ILE B 32 -12.71 6.08 30.87
C ILE B 32 -13.84 6.66 31.66
N HIS B 33 -13.58 7.82 32.26
CA HIS B 33 -14.68 8.54 32.90
C HIS B 33 -15.70 9.12 31.93
N SER B 34 -15.27 9.66 30.78
CA SER B 34 -16.21 10.20 29.77
C SER B 34 -17.23 9.13 29.37
N THR B 35 -16.70 7.96 29.01
CA THR B 35 -17.54 6.85 28.58
C THR B 35 -18.43 6.38 29.73
N LYS B 36 -17.83 6.16 30.91
CA LYS B 36 -18.58 5.70 32.08
C LYS B 36 -19.76 6.62 32.32
N SER B 37 -19.49 7.91 32.20
CA SER B 37 -20.50 8.96 32.35
C SER B 37 -21.67 8.74 31.40
N ILE B 38 -21.37 8.63 30.10
CA ILE B 38 -22.43 8.49 29.10
C ILE B 38 -23.27 7.21 29.33
N ALA B 39 -22.61 6.15 29.77
CA ALA B 39 -23.31 4.92 30.15
C ALA B 39 -24.27 5.16 31.30
N LEU B 40 -23.79 5.87 32.31
CA LEU B 40 -24.62 6.23 33.45
C LEU B 40 -25.86 7.01 33.01
N ILE B 41 -25.67 8.04 32.18
CA ILE B 41 -26.79 8.80 31.67
C ILE B 41 -27.79 7.87 30.98
N HIS B 42 -27.30 7.00 30.11
CA HIS B 42 -28.20 6.05 29.47
C HIS B 42 -28.91 5.09 30.45
N ALA B 43 -28.31 4.87 31.61
CA ALA B 43 -28.90 4.03 32.65
C ALA B 43 -29.94 4.79 33.45
N GLY B 44 -29.81 6.10 33.47
CA GLY B 44 -30.65 6.94 34.29
C GLY B 44 -29.88 7.61 35.42
N LYS B 45 -28.97 6.86 36.03
CA LYS B 45 -28.19 7.35 37.16
C LYS B 45 -27.47 8.69 36.89
N VAL B 46 -28.24 9.75 36.65
CA VAL B 46 -27.69 11.04 36.22
C VAL B 46 -26.79 11.67 37.30
N GLU B 47 -26.98 11.26 38.55
CA GLU B 47 -26.16 11.77 39.63
C GLU B 47 -24.72 11.31 39.44
N GLU B 48 -24.56 9.98 39.43
CA GLU B 48 -23.23 9.39 39.25
C GLU B 48 -22.64 9.78 37.89
N ALA B 49 -23.52 9.97 36.90
CA ALA B 49 -23.10 10.56 35.64
C ALA B 49 -22.36 11.89 35.87
N GLU B 50 -23.04 12.88 36.43
CA GLU B 50 -22.41 14.15 36.77
C GLU B 50 -21.13 14.00 37.59
N GLN B 51 -21.06 12.99 38.46
CA GLN B 51 -19.83 12.75 39.22
C GLN B 51 -18.67 12.38 38.30
N GLU B 52 -18.93 11.42 37.42
CA GLU B 52 -17.91 10.95 36.48
C GLU B 52 -17.42 12.09 35.61
N LEU B 53 -18.36 12.87 35.08
CA LEU B 53 -18.02 14.13 34.42
C LEU B 53 -17.05 14.93 35.28
N LYS B 54 -17.39 15.11 36.55
CA LYS B 54 -16.51 15.84 37.47
C LYS B 54 -15.09 15.30 37.40
N LYS B 55 -14.91 14.02 37.76
CA LYS B 55 -13.58 13.39 37.73
C LYS B 55 -12.80 13.67 36.44
N ALA B 56 -13.49 13.51 35.31
CA ALA B 56 -12.90 13.75 34.01
C ALA B 56 -12.42 15.20 33.86
N ILE B 57 -13.28 16.16 34.23
CA ILE B 57 -12.92 17.55 34.07
C ILE B 57 -11.82 17.94 35.01
N GLU B 58 -11.65 17.14 36.05
CA GLU B 58 -10.50 17.32 36.91
C GLU B 58 -9.25 16.93 36.12
N LEU B 59 -9.32 15.75 35.51
CA LEU B 59 -8.23 15.29 34.64
C LEU B 59 -7.78 16.30 33.58
N LEU B 60 -8.74 17.00 32.96
CA LEU B 60 -8.40 18.02 31.95
C LEU B 60 -7.32 19.01 32.43
N GLU B 61 -7.19 19.20 33.74
CA GLU B 61 -6.13 20.05 34.27
C GLU B 61 -4.76 19.44 34.01
N LYS B 62 -4.56 18.23 34.54
CA LYS B 62 -3.34 17.45 34.33
C LYS B 62 -2.98 17.42 32.84
N VAL B 63 -3.99 17.23 31.99
CA VAL B 63 -3.74 17.22 30.55
C VAL B 63 -3.29 18.57 30.00
N LYS B 64 -4.00 19.64 30.35
CA LYS B 64 -3.66 20.99 29.89
C LYS B 64 -2.24 21.33 30.31
N ALA B 65 -1.79 20.72 31.38
CA ALA B 65 -0.43 20.92 31.87
C ALA B 65 0.65 20.55 30.85
N TYR B 66 0.27 19.92 29.75
CA TYR B 66 1.26 19.45 28.78
C TYR B 66 1.35 20.29 27.51
N ARG B 67 0.53 21.32 27.37
CA ARG B 67 0.61 22.14 26.15
C ARG B 67 1.91 22.95 26.02
N GLU B 68 2.87 22.67 26.91
CA GLU B 68 4.20 23.22 26.84
C GLU B 68 5.07 22.34 25.94
N TYR B 69 4.58 21.14 25.66
CA TYR B 69 5.14 20.31 24.61
C TYR B 69 4.11 20.26 23.49
N PRO B 70 4.07 21.29 22.63
CA PRO B 70 3.08 21.35 21.55
C PRO B 70 3.21 20.19 20.55
N GLU B 71 4.44 19.75 20.31
CA GLU B 71 4.65 18.48 19.63
C GLU B 71 4.16 17.41 20.59
N ILE B 72 3.40 16.45 20.07
CA ILE B 72 2.66 15.42 20.82
C ILE B 72 1.31 15.87 21.40
N TYR B 73 1.22 17.11 21.91
CA TYR B 73 -0.01 17.58 22.56
C TYR B 73 -1.18 17.73 21.61
N PHE B 74 -0.94 18.31 20.43
CA PHE B 74 -2.06 18.58 19.53
C PHE B 74 -2.34 17.40 18.61
N TYR B 75 -1.37 16.50 18.48
CA TYR B 75 -1.64 15.21 17.87
C TYR B 75 -2.54 14.37 18.78
N LEU B 76 -1.95 13.87 19.87
CA LEU B 76 -2.60 12.87 20.73
C LEU B 76 -3.93 13.27 21.40
N CYS B 77 -4.13 14.57 21.62
CA CYS B 77 -5.21 15.06 22.50
C CYS B 77 -6.66 14.87 22.00
N ASN B 78 -6.83 14.87 20.68
CA ASN B 78 -8.17 14.95 20.10
C ASN B 78 -9.25 14.03 20.67
N ASP B 79 -9.10 12.72 20.49
CA ASP B 79 -10.11 11.77 20.96
C ASP B 79 -10.70 12.10 22.32
N ALA B 80 -9.89 11.96 23.38
CA ALA B 80 -10.32 12.16 24.76
C ALA B 80 -11.10 13.47 24.98
N MET B 81 -10.52 14.59 24.55
CA MET B 81 -11.16 15.87 24.67
C MET B 81 -12.53 15.86 24.00
N GLN B 82 -12.52 15.47 22.73
CA GLN B 82 -13.70 15.45 21.88
C GLN B 82 -14.85 14.66 22.52
N GLU B 83 -14.48 13.54 23.17
CA GLU B 83 -15.40 12.64 23.87
C GLU B 83 -15.92 13.24 25.18
N LEU B 84 -15.05 14.00 25.84
CA LEU B 84 -15.46 14.77 27.00
C LEU B 84 -16.56 15.72 26.62
N VAL B 85 -16.27 16.61 25.68
CA VAL B 85 -17.27 17.53 25.13
C VAL B 85 -18.58 16.82 24.79
N GLU B 86 -18.45 15.62 24.21
CA GLU B 86 -19.64 14.80 23.95
C GLU B 86 -20.41 14.49 25.23
N ALA B 87 -19.73 13.93 26.23
CA ALA B 87 -20.39 13.60 27.51
C ALA B 87 -21.11 14.81 28.11
N ILE B 88 -20.38 15.92 28.18
CA ILE B 88 -20.93 17.14 28.72
C ILE B 88 -22.19 17.55 27.96
N ALA B 89 -22.05 17.80 26.66
CA ALA B 89 -23.18 18.27 25.85
C ALA B 89 -24.38 17.35 25.95
N PHE B 90 -24.12 16.04 25.98
CA PHE B 90 -25.15 15.03 26.16
C PHE B 90 -25.93 15.24 27.44
N LYS B 91 -25.19 15.18 28.55
CA LYS B 91 -25.78 15.38 29.88
C LYS B 91 -26.61 16.68 29.95
N ASN B 92 -26.03 17.78 29.46
CA ASN B 92 -26.78 19.04 29.39
C ASN B 92 -28.09 18.90 28.64
N ALA B 93 -28.04 18.24 27.49
CA ALA B 93 -29.23 18.10 26.66
C ALA B 93 -30.31 17.29 27.37
N ILE B 94 -29.91 16.25 28.12
CA ILE B 94 -30.95 15.47 28.81
C ILE B 94 -31.43 16.11 30.11
N SER B 95 -30.69 17.10 30.61
CA SER B 95 -31.17 17.85 31.78
C SER B 95 -31.93 19.10 31.38
N GLY B 96 -32.39 19.17 30.13
CA GLY B 96 -33.09 20.33 29.61
C GLY B 96 -32.24 21.59 29.53
N GLU B 97 -31.03 21.47 30.09
CA GLU B 97 -30.13 22.58 30.23
C GLU B 97 -29.06 22.50 29.16
N PHE B 98 -29.49 22.32 27.89
CA PHE B 98 -28.51 22.22 26.82
C PHE B 98 -27.97 23.55 26.35
N THR B 99 -26.65 23.70 26.31
CA THR B 99 -26.05 24.89 25.72
C THR B 99 -24.76 24.60 24.91
N PHE B 100 -24.44 25.54 24.02
CA PHE B 100 -23.20 25.53 23.25
C PHE B 100 -22.09 26.19 24.05
N GLU B 101 -22.41 26.63 25.25
CA GLU B 101 -21.52 27.49 26.03
C GLU B 101 -20.70 26.73 27.07
N ILE B 102 -20.30 25.52 26.71
CA ILE B 102 -19.30 24.75 27.42
C ILE B 102 -18.01 25.53 27.27
N ASP B 103 -17.22 25.63 28.34
CA ASP B 103 -15.95 26.33 28.23
C ASP B 103 -14.79 25.46 28.62
N LEU B 104 -14.02 25.00 27.66
CA LEU B 104 -12.83 24.21 28.00
C LEU B 104 -11.66 24.62 27.14
N GLU B 105 -10.45 24.46 27.66
CA GLU B 105 -9.28 24.66 26.84
C GLU B 105 -9.17 23.47 25.88
N VAL B 106 -9.82 23.59 24.72
CA VAL B 106 -10.02 22.45 23.80
C VAL B 106 -9.96 22.84 22.32
N THR B 107 -9.26 22.03 21.52
CA THR B 107 -9.10 22.28 20.07
C THR B 107 -10.45 22.26 19.30
N PRO B 108 -10.66 23.24 18.38
CA PRO B 108 -11.96 23.47 17.75
C PRO B 108 -12.53 22.24 17.06
N ALA B 109 -11.66 21.48 16.42
CA ALA B 109 -12.07 20.21 15.86
C ALA B 109 -12.73 19.38 16.98
N ALA B 110 -12.00 19.12 18.06
CA ALA B 110 -12.51 18.36 19.20
C ALA B 110 -13.87 18.86 19.69
N PHE B 111 -14.04 20.18 19.69
CA PHE B 111 -15.27 20.82 20.12
C PHE B 111 -16.46 20.48 19.20
N LEU B 112 -16.37 20.97 17.98
CA LEU B 112 -17.38 20.68 16.97
C LEU B 112 -17.73 19.18 16.91
N ASN B 113 -16.69 18.37 16.86
CA ASN B 113 -16.88 16.93 16.73
C ASN B 113 -17.53 16.35 17.96
N GLY B 114 -17.31 16.98 19.12
CA GLY B 114 -17.92 16.56 20.36
C GLY B 114 -19.42 16.74 20.33
N PHE B 115 -19.86 17.89 19.84
CA PHE B 115 -21.28 18.11 19.67
C PHE B 115 -21.92 17.14 18.66
N ALA B 116 -21.31 17.06 17.48
CA ALA B 116 -21.79 16.15 16.44
C ALA B 116 -21.96 14.74 17.02
N ASP B 117 -20.88 14.25 17.63
CA ASP B 117 -20.85 12.96 18.31
C ASP B 117 -21.98 12.79 19.34
N ALA B 118 -22.25 13.85 20.11
CA ALA B 118 -23.38 13.82 21.04
C ALA B 118 -24.72 13.53 20.35
N VAL B 119 -24.93 14.10 19.17
CA VAL B 119 -26.17 13.82 18.42
C VAL B 119 -26.59 12.34 18.33
N GLY B 120 -25.64 11.44 18.12
CA GLY B 120 -25.96 10.02 18.02
C GLY B 120 -26.42 9.44 19.34
N GLU B 121 -25.81 9.94 20.40
CA GLU B 121 -26.17 9.52 21.73
C GLU B 121 -27.56 10.03 22.08
N LEU B 122 -27.86 11.26 21.68
CA LEU B 122 -29.23 11.77 21.79
C LEU B 122 -30.23 10.87 21.09
N ARG B 123 -30.00 10.57 19.81
CA ARG B 123 -30.92 9.73 19.08
C ARG B 123 -31.13 8.39 19.78
N ARG B 124 -30.05 7.77 20.26
CA ARG B 124 -30.21 6.51 20.98
C ARG B 124 -31.10 6.67 22.22
N TYR B 125 -30.85 7.71 23.02
CA TYR B 125 -31.68 8.02 24.19
C TYR B 125 -33.16 8.23 23.79
N ALA B 126 -33.36 8.91 22.66
CA ALA B 126 -34.70 9.33 22.21
C ALA B 126 -35.53 8.16 21.71
N LEU B 127 -34.89 7.27 20.97
CA LEU B 127 -35.48 6.00 20.64
C LEU B 127 -35.82 5.21 21.94
N THR B 128 -34.83 4.99 22.81
CA THR B 128 -35.06 4.18 24.02
C THR B 128 -36.21 4.74 24.90
N LYS B 129 -36.35 6.06 24.95
CA LYS B 129 -37.50 6.67 25.65
C LYS B 129 -38.77 6.36 24.87
N LEU B 130 -38.77 6.75 23.60
CA LEU B 130 -39.91 6.57 22.69
C LEU B 130 -40.41 5.13 22.65
N ILE B 131 -39.58 4.21 23.13
CA ILE B 131 -39.95 2.81 23.29
C ILE B 131 -40.70 2.66 24.61
N GLU B 132 -40.23 3.39 25.62
CA GLU B 132 -40.83 3.34 26.94
C GLU B 132 -41.99 4.30 27.03
N GLY B 133 -42.40 4.87 25.90
CA GLY B 133 -43.56 5.72 25.89
C GLY B 133 -43.27 7.22 25.92
N ASP B 134 -42.39 7.62 26.83
CA ASP B 134 -42.03 9.04 27.05
C ASP B 134 -41.92 9.93 25.79
N PHE B 135 -43.04 10.16 25.08
CA PHE B 135 -43.05 10.95 23.84
C PHE B 135 -42.45 12.34 24.01
N LYS B 136 -42.57 12.83 25.23
CA LYS B 136 -42.03 14.12 25.64
C LYS B 136 -40.50 14.16 25.47
N SER B 137 -39.82 13.36 26.30
CA SER B 137 -38.36 13.30 26.32
C SER B 137 -37.88 13.19 24.90
N ALA B 138 -38.45 12.23 24.17
CA ALA B 138 -38.13 12.06 22.77
C ALA B 138 -38.16 13.40 22.04
N GLU B 139 -39.31 14.06 21.99
CA GLU B 139 -39.41 15.28 21.18
C GLU B 139 -38.41 16.39 21.58
N ARG B 140 -38.12 16.49 22.88
CA ARG B 140 -37.15 17.49 23.34
C ARG B 140 -35.75 17.14 22.87
N MET B 141 -35.47 15.84 22.87
CA MET B 141 -34.22 15.32 22.32
C MET B 141 -34.07 15.64 20.82
N LEU B 142 -35.11 15.35 20.03
CA LEU B 142 -35.08 15.64 18.60
C LEU B 142 -34.80 17.10 18.43
N GLU B 143 -35.38 17.92 19.31
CA GLU B 143 -35.17 19.37 19.28
C GLU B 143 -33.70 19.78 19.42
N VAL B 144 -33.05 19.28 20.47
CA VAL B 144 -31.64 19.62 20.66
C VAL B 144 -30.81 19.04 19.52
N MET B 145 -31.19 17.86 19.06
CA MET B 145 -30.56 17.23 17.89
C MET B 145 -30.53 18.20 16.69
N GLU B 146 -31.70 18.62 16.22
CA GLU B 146 -31.78 19.55 15.10
C GLU B 146 -31.00 20.82 15.39
N LYS B 147 -31.04 21.26 16.64
CA LYS B 147 -30.28 22.46 17.02
C LYS B 147 -28.80 22.32 16.68
N ILE B 148 -28.16 21.33 17.31
CA ILE B 148 -26.75 21.00 17.08
C ILE B 148 -26.42 20.85 15.61
N TYR B 149 -27.16 20.00 14.88
CA TYR B 149 -26.91 19.89 13.43
C TYR B 149 -26.95 21.24 12.70
N GLU B 150 -27.97 22.03 12.99
CA GLU B 150 -28.23 23.28 12.26
C GLU B 150 -27.16 24.34 12.48
N ARG B 151 -26.70 24.49 13.71
CA ARG B 151 -25.72 25.53 13.94
C ARG B 151 -24.36 24.98 13.58
N LEU B 152 -24.19 23.67 13.72
CA LEU B 152 -22.91 23.05 13.40
C LEU B 152 -22.56 23.09 11.91
N MET B 153 -23.57 22.90 11.06
CA MET B 153 -23.37 22.84 9.63
C MET B 153 -22.68 24.03 8.96
N GLU B 154 -22.61 25.17 9.66
CA GLU B 154 -21.96 26.33 9.03
C GLU B 154 -20.45 26.30 9.24
N PHE B 155 -19.94 25.31 9.96
CA PHE B 155 -18.51 25.17 10.19
C PHE B 155 -17.82 24.28 9.18
N THR B 156 -18.60 23.69 8.29
CA THR B 156 -18.06 22.81 7.26
C THR B 156 -17.76 23.58 5.97
N THR B 157 -17.64 24.90 6.10
CA THR B 157 -17.09 25.74 5.05
C THR B 157 -15.61 25.90 5.34
N PHE B 158 -15.11 25.01 6.17
CA PHE B 158 -13.72 25.05 6.54
C PHE B 158 -13.05 23.83 5.96
N PRO B 159 -11.81 24.00 5.49
CA PRO B 159 -11.07 22.91 4.88
C PRO B 159 -10.89 21.77 5.88
N ASP B 160 -11.14 20.56 5.42
CA ASP B 160 -11.27 19.39 6.26
C ASP B 160 -10.13 19.22 7.25
N LYS B 161 -8.94 19.66 6.84
CA LYS B 161 -7.77 19.40 7.67
C LYS B 161 -7.88 20.14 9.00
N LEU B 162 -8.63 21.25 8.99
CA LEU B 162 -8.87 22.04 10.19
C LEU B 162 -10.02 21.51 11.04
N VAL B 163 -10.81 20.64 10.44
CA VAL B 163 -12.12 20.35 10.97
C VAL B 163 -12.36 18.84 11.04
N SER B 164 -11.53 18.08 10.34
CA SER B 164 -11.57 16.62 10.37
C SER B 164 -12.96 15.98 10.19
N GLY B 165 -13.26 15.01 11.05
CA GLY B 165 -14.39 14.11 10.90
C GLY B 165 -15.77 14.73 10.94
N LEU B 166 -15.83 16.04 11.18
CA LEU B 166 -17.09 16.77 11.31
C LEU B 166 -18.06 16.39 10.22
N ARG B 167 -17.61 16.49 8.98
CA ARG B 167 -18.48 16.23 7.87
C ARG B 167 -19.18 14.88 8.05
N LYS B 168 -18.41 13.83 8.23
CA LYS B 168 -18.95 12.47 8.29
C LYS B 168 -19.94 12.42 9.43
N LYS B 169 -19.56 13.04 10.54
CA LYS B 169 -20.36 13.00 11.76
C LYS B 169 -21.69 13.69 11.50
N LEU B 170 -21.65 14.83 10.81
CA LEU B 170 -22.85 15.57 10.48
C LEU B 170 -23.68 14.77 9.52
N ASP B 171 -23.03 14.08 8.57
CA ASP B 171 -23.76 13.16 7.73
C ASP B 171 -24.52 12.21 8.62
N VAL B 172 -23.80 11.58 9.55
CA VAL B 172 -24.39 10.55 10.41
C VAL B 172 -25.52 11.20 11.09
N ALA B 173 -25.24 12.40 11.60
CA ALA B 173 -26.17 13.15 12.44
C ALA B 173 -27.44 13.33 11.65
N ARG B 174 -27.27 13.91 10.45
CA ARG B 174 -28.37 14.23 9.58
C ARG B 174 -29.27 13.02 9.54
N GLY B 175 -28.68 11.87 9.23
CA GLY B 175 -29.42 10.64 9.07
C GLY B 175 -30.28 10.38 10.27
N GLY B 176 -29.64 10.27 11.44
CA GLY B 176 -30.35 9.99 12.68
C GLY B 176 -31.54 10.92 12.88
N ILE B 177 -31.32 12.21 12.61
CA ILE B 177 -32.39 13.19 12.76
C ILE B 177 -33.58 12.70 11.97
N GLU B 178 -33.40 12.58 10.65
CA GLU B 178 -34.47 12.18 9.74
C GLU B 178 -35.12 10.90 10.18
N ARG B 179 -34.34 10.01 10.78
CA ARG B 179 -34.90 8.71 11.08
C ARG B 179 -35.68 8.86 12.35
N THR B 180 -35.13 9.57 13.33
CA THR B 180 -35.81 9.69 14.62
C THR B 180 -37.20 10.31 14.46
N LYS B 181 -37.27 11.33 13.61
CA LYS B 181 -38.54 11.89 13.16
C LYS B 181 -39.51 10.78 12.81
N SER B 182 -39.20 9.97 11.80
CA SER B 182 -40.08 8.88 11.42
C SER B 182 -40.48 8.11 12.64
N ASP B 183 -39.48 7.68 13.42
CA ASP B 183 -39.72 6.84 14.58
C ASP B 183 -40.75 7.49 15.49
N TYR B 184 -40.54 8.77 15.79
CA TYR B 184 -41.51 9.55 16.57
C TYR B 184 -42.93 9.34 16.07
N ILE B 185 -43.16 9.79 14.84
CA ILE B 185 -44.45 9.64 14.20
C ILE B 185 -44.98 8.22 14.27
N ALA B 186 -44.12 7.24 14.00
CA ALA B 186 -44.60 5.87 13.97
C ALA B 186 -45.11 5.45 15.36
N ALA B 187 -44.46 5.91 16.42
CA ALA B 187 -44.87 5.53 17.76
C ALA B 187 -46.20 6.22 18.06
N LYS B 188 -46.39 7.41 17.47
CA LYS B 188 -47.64 8.17 17.65
C LYS B 188 -48.88 7.39 17.20
N VAL B 189 -48.88 6.96 15.95
CA VAL B 189 -49.92 6.08 15.46
C VAL B 189 -49.90 4.71 16.19
N ALA B 190 -48.73 4.32 16.70
CA ALA B 190 -48.60 3.03 17.37
C ALA B 190 -49.40 3.09 18.65
N ARG B 191 -49.31 4.22 19.33
CA ARG B 191 -50.00 4.41 20.59
C ARG B 191 -51.20 5.35 20.43
N LEU B 192 -51.99 5.12 19.38
CA LEU B 192 -53.39 5.50 19.39
C LEU B 192 -54.03 4.28 20.01
N ASN B 193 -53.47 3.14 19.62
CA ASN B 193 -53.90 1.83 20.09
C ASN B 193 -52.97 1.38 21.20
N MET C 4 23.52 -31.15 16.36
CA MET C 4 23.93 -29.91 15.68
C MET C 4 22.80 -28.86 15.61
N ARG C 5 23.05 -27.69 16.19
CA ARG C 5 22.06 -26.60 16.28
C ARG C 5 21.32 -26.35 14.98
N LEU C 6 21.99 -26.52 13.85
CA LEU C 6 21.31 -26.39 12.56
C LEU C 6 20.34 -27.51 12.34
N GLU C 7 20.70 -28.72 12.75
CA GLU C 7 19.80 -29.84 12.59
C GLU C 7 18.65 -29.74 13.59
N GLU C 8 18.95 -29.17 14.75
CA GLU C 8 17.92 -28.90 15.72
C GLU C 8 16.90 -27.95 15.11
N CYS C 9 17.35 -26.78 14.64
CA CYS C 9 16.43 -25.81 14.06
C CYS C 9 15.74 -26.34 12.80
N ARG C 10 16.37 -27.27 12.11
CA ARG C 10 15.72 -27.92 10.97
C ARG C 10 14.59 -28.84 11.38
N LYS C 11 14.84 -29.67 12.39
CA LYS C 11 13.84 -30.60 12.90
C LYS C 11 12.65 -29.79 13.40
N ARG C 12 12.97 -28.82 14.24
CA ARG C 12 12.00 -27.86 14.76
C ARG C 12 11.13 -27.30 13.65
N LEU C 13 11.75 -26.85 12.56
CA LEU C 13 10.97 -26.29 11.45
C LEU C 13 10.02 -27.30 10.80
N GLU C 14 10.43 -28.55 10.68
CA GLU C 14 9.52 -29.54 10.12
C GLU C 14 8.34 -29.82 11.06
N GLU C 15 8.64 -29.88 12.37
CA GLU C 15 7.61 -30.08 13.39
C GLU C 15 6.58 -29.00 13.23
N LEU C 16 7.06 -27.74 13.29
CA LEU C 16 6.22 -26.57 13.10
C LEU C 16 5.36 -26.61 11.83
N GLU C 17 5.94 -27.05 10.73
CA GLU C 17 5.17 -27.10 9.50
C GLU C 17 4.00 -28.11 9.55
N ALA C 18 4.33 -29.37 9.86
CA ALA C 18 3.29 -30.39 9.98
C ALA C 18 2.18 -29.88 10.90
N ALA C 19 2.62 -29.38 12.06
CA ALA C 19 1.75 -28.82 13.09
C ALA C 19 0.76 -27.86 12.48
N ARG C 20 1.32 -26.80 11.90
CA ARG C 20 0.52 -25.78 11.23
C ARG C 20 -0.52 -26.38 10.27
N GLU C 21 -0.11 -27.37 9.48
CA GLU C 21 -1.05 -27.97 8.54
C GLU C 21 -2.24 -28.59 9.25
N GLU C 22 -1.98 -29.49 10.19
CA GLU C 22 -3.12 -30.15 10.87
C GLU C 22 -3.99 -29.17 11.66
N LEU C 23 -3.34 -28.20 12.30
CA LEU C 23 -4.05 -27.16 13.04
C LEU C 23 -5.03 -26.43 12.13
N LEU C 24 -4.55 -26.09 10.95
CA LEU C 24 -5.46 -25.57 9.94
C LEU C 24 -6.66 -26.50 9.77
N LYS C 25 -6.39 -27.80 9.61
CA LYS C 25 -7.49 -28.72 9.32
C LYS C 25 -8.55 -28.69 10.43
N VAL C 26 -8.07 -28.72 11.66
CA VAL C 26 -8.91 -28.77 12.87
C VAL C 26 -9.75 -27.54 12.98
N LEU C 27 -9.09 -26.39 13.01
CA LEU C 27 -9.78 -25.11 13.10
C LEU C 27 -10.81 -25.01 11.99
N ARG C 28 -10.46 -25.56 10.84
CA ARG C 28 -11.34 -25.54 9.67
C ARG C 28 -12.62 -26.28 9.99
N GLU C 29 -12.50 -27.53 10.44
CA GLU C 29 -13.68 -28.35 10.75
C GLU C 29 -14.55 -27.70 11.84
N MET C 30 -13.87 -27.21 12.86
CA MET C 30 -14.50 -26.49 13.94
C MET C 30 -15.35 -25.35 13.40
N ARG C 31 -14.78 -24.51 12.53
CA ARG C 31 -15.55 -23.41 11.96
C ARG C 31 -16.72 -23.85 11.06
N ILE C 32 -16.59 -25.00 10.40
CA ILE C 32 -17.72 -25.53 9.65
C ILE C 32 -18.86 -25.81 10.59
N HIS C 33 -18.55 -26.46 11.71
CA HIS C 33 -19.56 -26.78 12.72
C HIS C 33 -20.21 -25.55 13.34
N SER C 34 -19.39 -24.60 13.75
CA SER C 34 -19.89 -23.32 14.25
C SER C 34 -20.93 -22.76 13.28
N THR C 35 -20.48 -22.50 12.06
CA THR C 35 -21.34 -21.89 11.07
C THR C 35 -22.65 -22.63 10.83
N LYS C 36 -22.54 -23.93 10.54
CA LYS C 36 -23.74 -24.76 10.37
C LYS C 36 -24.67 -24.54 11.55
N SER C 37 -24.14 -24.66 12.76
CA SER C 37 -24.92 -24.40 13.97
C SER C 37 -25.73 -23.08 13.93
N ILE C 38 -25.06 -21.99 13.58
CA ILE C 38 -25.74 -20.69 13.48
C ILE C 38 -26.86 -20.71 12.43
N ALA C 39 -26.60 -21.28 11.26
CA ALA C 39 -27.64 -21.35 10.24
C ALA C 39 -28.85 -22.18 10.72
N LEU C 40 -28.55 -23.21 11.49
CA LEU C 40 -29.59 -24.09 12.02
C LEU C 40 -30.49 -23.28 12.93
N ILE C 41 -29.87 -22.65 13.93
CA ILE C 41 -30.61 -21.87 14.91
C ILE C 41 -31.47 -20.87 14.17
N HIS C 42 -30.85 -20.22 13.20
CA HIS C 42 -31.59 -19.23 12.41
C HIS C 42 -32.83 -19.85 11.78
N ALA C 43 -32.72 -21.09 11.27
CA ALA C 43 -33.85 -21.73 10.58
C ALA C 43 -34.73 -22.58 11.48
N GLY C 44 -34.42 -22.62 12.78
CA GLY C 44 -35.35 -23.17 13.77
C GLY C 44 -34.91 -24.47 14.44
N LYS C 45 -33.87 -25.10 13.89
CA LYS C 45 -33.55 -26.48 14.23
C LYS C 45 -32.54 -26.62 15.39
N VAL C 46 -32.93 -26.10 16.55
CA VAL C 46 -31.98 -25.90 17.64
C VAL C 46 -31.41 -27.15 18.30
N GLU C 47 -32.07 -28.30 18.19
CA GLU C 47 -31.49 -29.52 18.74
C GLU C 47 -30.30 -29.88 17.87
N GLU C 48 -30.53 -29.83 16.56
CA GLU C 48 -29.47 -30.06 15.60
C GLU C 48 -28.30 -29.19 15.97
N ALA C 49 -28.60 -27.90 16.13
CA ALA C 49 -27.61 -26.91 16.51
C ALA C 49 -26.79 -27.33 17.71
N GLU C 50 -27.47 -27.74 18.78
CA GLU C 50 -26.80 -28.21 19.99
C GLU C 50 -25.77 -29.26 19.63
N GLN C 51 -26.21 -30.24 18.85
CA GLN C 51 -25.31 -31.37 18.57
C GLN C 51 -24.07 -30.86 17.82
N GLU C 52 -24.30 -30.05 16.81
CA GLU C 52 -23.21 -29.43 16.07
C GLU C 52 -22.22 -28.75 16.98
N LEU C 53 -22.72 -27.83 17.80
CA LEU C 53 -21.91 -27.19 18.83
C LEU C 53 -21.08 -28.16 19.65
N LYS C 54 -21.68 -29.30 19.99
CA LYS C 54 -20.98 -30.31 20.78
C LYS C 54 -19.72 -30.82 20.03
N LYS C 55 -19.95 -31.21 18.76
CA LYS C 55 -18.84 -31.60 17.89
C LYS C 55 -17.74 -30.54 17.94
N ALA C 56 -18.14 -29.30 17.69
CA ALA C 56 -17.22 -28.17 17.70
C ALA C 56 -16.39 -28.05 18.99
N ILE C 57 -16.98 -28.33 20.15
CA ILE C 57 -16.22 -28.24 21.40
C ILE C 57 -15.18 -29.34 21.48
N GLU C 58 -15.55 -30.53 21.02
CA GLU C 58 -14.60 -31.65 20.99
C GLU C 58 -13.37 -31.28 20.16
N LEU C 59 -13.67 -30.72 18.99
CA LEU C 59 -12.64 -30.20 18.13
C LEU C 59 -11.80 -29.14 18.85
N LEU C 60 -12.43 -28.32 19.69
CA LEU C 60 -11.67 -27.34 20.48
C LEU C 60 -10.70 -28.00 21.44
N GLU C 61 -11.03 -29.20 21.91
CA GLU C 61 -10.06 -29.96 22.70
C GLU C 61 -8.85 -30.34 21.86
N LYS C 62 -9.13 -30.92 20.69
CA LYS C 62 -8.03 -31.17 19.76
C LYS C 62 -7.18 -29.93 19.47
N VAL C 63 -7.81 -28.77 19.31
CA VAL C 63 -7.07 -27.51 19.13
C VAL C 63 -6.20 -27.16 20.33
N LYS C 64 -6.79 -27.19 21.52
CA LYS C 64 -6.07 -26.83 22.73
C LYS C 64 -4.80 -27.68 22.86
N ALA C 65 -4.85 -28.87 22.26
CA ALA C 65 -3.69 -29.75 22.20
C ALA C 65 -2.41 -29.10 21.64
N TYR C 66 -2.60 -28.14 20.72
CA TYR C 66 -1.48 -27.58 19.95
C TYR C 66 -0.73 -26.42 20.59
N ARG C 67 -1.20 -25.94 21.74
CA ARG C 67 -0.59 -24.77 22.37
C ARG C 67 0.83 -25.04 22.83
N GLU C 68 1.31 -26.27 22.60
CA GLU C 68 2.71 -26.64 22.85
C GLU C 68 3.65 -26.02 21.80
N TYR C 69 3.07 -25.36 20.80
CA TYR C 69 3.80 -24.50 19.89
C TYR C 69 3.10 -23.14 19.85
N PRO C 70 3.29 -22.30 20.89
CA PRO C 70 2.57 -21.01 20.91
C PRO C 70 2.92 -20.05 19.76
N GLU C 71 4.10 -20.16 19.16
CA GLU C 71 4.35 -19.45 17.91
C GLU C 71 3.53 -20.19 16.87
N ILE C 72 2.95 -19.47 15.92
CA ILE C 72 1.74 -19.91 15.22
C ILE C 72 0.61 -20.11 16.25
N TYR C 73 -0.30 -21.05 16.03
CA TYR C 73 -1.45 -21.25 16.93
C TYR C 73 -2.34 -20.02 17.04
N PHE C 74 -1.95 -19.10 17.93
CA PHE C 74 -2.67 -17.84 18.15
C PHE C 74 -2.69 -17.03 16.84
N TYR C 75 -1.67 -17.26 16.02
CA TYR C 75 -1.56 -16.64 14.72
C TYR C 75 -2.62 -17.13 13.72
N LEU C 76 -3.56 -17.95 14.20
CA LEU C 76 -4.56 -18.55 13.31
C LEU C 76 -5.91 -18.82 14.01
N CYS C 77 -5.83 -19.27 15.26
CA CYS C 77 -6.98 -19.69 16.05
C CYS C 77 -8.09 -18.66 16.17
N ASN C 78 -7.72 -17.44 16.54
CA ASN C 78 -8.66 -16.37 16.91
C ASN C 78 -10.01 -16.47 16.23
N ASP C 79 -10.03 -16.20 14.92
CA ASP C 79 -11.24 -16.36 14.10
C ASP C 79 -12.15 -17.50 14.55
N ALA C 80 -11.69 -18.73 14.33
CA ALA C 80 -12.37 -19.94 14.76
C ALA C 80 -12.99 -19.77 16.15
N MET C 81 -12.12 -19.54 17.14
CA MET C 81 -12.56 -19.31 18.53
C MET C 81 -13.73 -18.32 18.65
N GLN C 82 -13.60 -17.10 18.12
CA GLN C 82 -14.70 -16.13 18.18
C GLN C 82 -16.00 -16.75 17.76
N GLU C 83 -16.01 -17.39 16.60
CA GLU C 83 -17.27 -17.84 16.07
C GLU C 83 -17.87 -18.89 16.97
N LEU C 84 -17.02 -19.75 17.56
CA LEU C 84 -17.50 -20.73 18.54
C LEU C 84 -18.27 -19.99 19.60
N VAL C 85 -17.57 -19.12 20.32
CA VAL C 85 -18.20 -18.22 21.27
C VAL C 85 -19.49 -17.63 20.68
N GLU C 86 -19.40 -16.98 19.51
CA GLU C 86 -20.56 -16.33 18.90
C GLU C 86 -21.74 -17.30 18.88
N ALA C 87 -21.52 -18.43 18.23
CA ALA C 87 -22.60 -19.33 17.96
C ALA C 87 -23.22 -19.79 19.26
N ILE C 88 -22.34 -20.08 20.24
CA ILE C 88 -22.78 -20.58 21.54
C ILE C 88 -23.73 -19.59 22.17
N ALA C 89 -23.28 -18.34 22.29
CA ALA C 89 -24.08 -17.32 22.92
C ALA C 89 -25.37 -17.29 22.18
N PHE C 90 -25.31 -17.40 20.86
CA PHE C 90 -26.52 -17.31 20.03
C PHE C 90 -27.56 -18.33 20.46
N LYS C 91 -27.20 -19.62 20.53
CA LYS C 91 -28.19 -20.62 20.99
C LYS C 91 -28.70 -20.15 22.34
N ASN C 92 -27.79 -19.94 23.28
CA ASN C 92 -28.12 -19.51 24.63
C ASN C 92 -29.07 -18.33 24.68
N ALA C 93 -28.96 -17.41 23.73
CA ALA C 93 -29.82 -16.23 23.80
C ALA C 93 -31.24 -16.60 23.39
N ILE C 94 -31.36 -17.28 22.25
CA ILE C 94 -32.68 -17.60 21.73
C ILE C 94 -33.36 -18.68 22.53
N SER C 95 -32.71 -19.14 23.60
CA SER C 95 -33.22 -20.19 24.44
C SER C 95 -33.46 -19.74 25.88
N GLY C 96 -33.15 -18.47 26.16
CA GLY C 96 -33.42 -17.87 27.46
C GLY C 96 -32.34 -18.19 28.46
N GLU C 97 -31.51 -19.14 28.10
CA GLU C 97 -30.42 -19.53 28.94
C GLU C 97 -29.17 -18.71 28.59
N PHE C 98 -29.35 -17.43 28.25
CA PHE C 98 -28.22 -16.57 27.90
C PHE C 98 -27.41 -16.18 29.11
N THR C 99 -26.09 -16.29 28.98
CA THR C 99 -25.16 -15.85 30.03
C THR C 99 -23.78 -15.50 29.49
N PHE C 100 -23.09 -14.64 30.23
CA PHE C 100 -21.71 -14.27 29.97
C PHE C 100 -20.81 -15.28 30.64
N GLU C 101 -21.41 -16.35 31.16
CA GLU C 101 -20.65 -17.34 31.92
C GLU C 101 -20.27 -18.55 31.12
N ILE C 102 -19.84 -18.30 29.88
CA ILE C 102 -19.34 -19.32 28.98
C ILE C 102 -17.88 -19.69 29.33
N ASP C 103 -17.74 -20.83 29.99
CA ASP C 103 -16.47 -21.23 30.57
C ASP C 103 -15.68 -22.08 29.59
N LEU C 104 -15.01 -21.41 28.66
CA LEU C 104 -14.21 -22.10 27.67
C LEU C 104 -12.76 -21.64 27.73
N GLU C 105 -11.85 -22.44 27.15
CA GLU C 105 -10.42 -22.12 27.11
C GLU C 105 -10.06 -21.15 25.97
N VAL C 106 -10.50 -19.90 26.10
CA VAL C 106 -10.49 -18.96 24.99
C VAL C 106 -9.88 -17.61 25.38
N THR C 107 -9.31 -16.91 24.40
CA THR C 107 -8.61 -15.63 24.60
C THR C 107 -9.57 -14.48 24.83
N PRO C 108 -9.16 -13.49 25.65
CA PRO C 108 -10.05 -12.37 25.99
C PRO C 108 -10.62 -11.65 24.76
N ALA C 109 -9.78 -11.45 23.74
CA ALA C 109 -10.17 -10.75 22.54
C ALA C 109 -11.18 -11.56 21.71
N ALA C 110 -10.91 -12.85 21.58
CA ALA C 110 -11.83 -13.74 20.89
C ALA C 110 -13.20 -13.78 21.57
N PHE C 111 -13.18 -13.73 22.89
CA PHE C 111 -14.38 -13.86 23.72
C PHE C 111 -15.25 -12.62 23.57
N LEU C 112 -14.65 -11.46 23.82
CA LEU C 112 -15.36 -10.20 23.68
C LEU C 112 -15.88 -9.99 22.25
N ASN C 113 -15.09 -10.37 21.26
CA ASN C 113 -15.50 -10.14 19.88
C ASN C 113 -16.56 -11.11 19.40
N GLY C 114 -16.48 -12.34 19.89
CA GLY C 114 -17.53 -13.30 19.60
C GLY C 114 -18.83 -12.77 20.17
N PHE C 115 -18.80 -12.43 21.45
CA PHE C 115 -19.98 -11.86 22.06
C PHE C 115 -20.57 -10.66 21.31
N ALA C 116 -19.74 -9.72 20.89
CA ALA C 116 -20.25 -8.63 20.07
C ALA C 116 -20.79 -9.14 18.74
N ASP C 117 -20.17 -10.18 18.22
CA ASP C 117 -20.55 -10.70 16.94
C ASP C 117 -21.96 -11.26 17.00
N ALA C 118 -22.28 -11.85 18.14
CA ALA C 118 -23.62 -12.39 18.38
C ALA C 118 -24.74 -11.32 18.24
N VAL C 119 -24.42 -10.06 18.53
CA VAL C 119 -25.39 -8.99 18.47
C VAL C 119 -26.03 -8.95 17.09
N GLY C 120 -25.22 -8.96 16.05
CA GLY C 120 -25.74 -8.83 14.71
C GLY C 120 -26.60 -10.03 14.33
N GLU C 121 -26.24 -11.17 14.91
CA GLU C 121 -27.01 -12.38 14.69
C GLU C 121 -28.39 -12.21 15.29
N LEU C 122 -28.44 -11.72 16.54
CA LEU C 122 -29.70 -11.46 17.21
C LEU C 122 -30.54 -10.41 16.49
N ARG C 123 -29.92 -9.39 15.94
CA ARG C 123 -30.67 -8.49 15.08
C ARG C 123 -31.33 -9.27 13.95
N ARG C 124 -30.58 -10.11 13.23
CA ARG C 124 -31.22 -10.85 12.14
C ARG C 124 -32.39 -11.72 12.60
N TYR C 125 -32.19 -12.42 13.72
CA TYR C 125 -33.24 -13.24 14.29
C TYR C 125 -34.45 -12.36 14.60
N ALA C 126 -34.25 -11.33 15.40
CA ALA C 126 -35.32 -10.41 15.80
C ALA C 126 -36.06 -9.81 14.62
N LEU C 127 -35.37 -9.73 13.49
CA LEU C 127 -36.00 -9.26 12.27
C LEU C 127 -36.91 -10.36 11.71
N THR C 128 -36.39 -11.57 11.57
CA THR C 128 -37.25 -12.66 11.10
C THR C 128 -38.50 -12.83 11.96
N LYS C 129 -38.35 -12.81 13.29
CA LYS C 129 -39.48 -12.93 14.22
C LYS C 129 -40.44 -11.77 14.03
N LEU C 130 -39.90 -10.54 14.01
CA LEU C 130 -40.71 -9.34 13.75
C LEU C 130 -41.61 -9.55 12.53
N ILE C 131 -41.05 -10.11 11.47
CA ILE C 131 -41.80 -10.31 10.23
C ILE C 131 -42.77 -11.50 10.32
N GLU C 132 -42.47 -12.45 11.18
CA GLU C 132 -43.41 -13.51 11.49
C GLU C 132 -44.45 -13.00 12.48
N GLY C 133 -44.57 -11.68 12.58
CA GLY C 133 -45.50 -11.06 13.52
C GLY C 133 -45.29 -11.40 14.98
N ASP C 134 -44.21 -12.10 15.31
CA ASP C 134 -43.87 -12.43 16.68
C ASP C 134 -43.08 -11.27 17.30
N PHE C 135 -43.73 -10.51 18.18
CA PHE C 135 -43.13 -9.31 18.76
C PHE C 135 -42.41 -9.59 20.08
N LYS C 136 -42.78 -10.66 20.77
CA LYS C 136 -42.22 -10.90 22.09
C LYS C 136 -40.81 -11.44 22.00
N SER C 137 -40.60 -12.33 21.04
CA SER C 137 -39.29 -12.94 20.85
C SER C 137 -38.35 -11.86 20.38
N ALA C 138 -38.82 -11.08 19.41
CA ALA C 138 -38.09 -9.94 18.93
C ALA C 138 -37.66 -9.11 20.12
N GLU C 139 -38.63 -8.68 20.91
CA GLU C 139 -38.32 -7.82 22.04
C GLU C 139 -37.31 -8.39 23.06
N ARG C 140 -37.35 -9.71 23.32
CA ARG C 140 -36.40 -10.27 24.28
C ARG C 140 -35.03 -10.40 23.68
N MET C 141 -35.00 -10.68 22.38
CA MET C 141 -33.74 -10.65 21.66
C MET C 141 -33.11 -9.29 21.81
N LEU C 142 -33.83 -8.26 21.39
CA LEU C 142 -33.42 -6.88 21.61
C LEU C 142 -32.90 -6.63 23.04
N GLU C 143 -33.52 -7.30 24.01
CA GLU C 143 -33.15 -7.12 25.40
C GLU C 143 -31.75 -7.65 25.58
N VAL C 144 -31.46 -8.78 24.96
CA VAL C 144 -30.13 -9.35 25.17
C VAL C 144 -29.06 -8.61 24.35
N MET C 145 -29.39 -8.21 23.12
CA MET C 145 -28.55 -7.27 22.36
C MET C 145 -28.10 -6.14 23.28
N GLU C 146 -29.06 -5.30 23.66
CA GLU C 146 -28.80 -4.22 24.62
C GLU C 146 -27.88 -4.66 25.78
N LYS C 147 -28.24 -5.76 26.44
CA LYS C 147 -27.50 -6.19 27.64
C LYS C 147 -26.02 -6.36 27.30
N ILE C 148 -25.79 -7.21 26.30
CA ILE C 148 -24.47 -7.48 25.75
C ILE C 148 -23.72 -6.20 25.46
N TYR C 149 -24.28 -5.31 24.65
CA TYR C 149 -23.62 -4.04 24.39
C TYR C 149 -23.19 -3.32 25.65
N GLU C 150 -24.19 -2.94 26.46
CA GLU C 150 -23.98 -2.19 27.69
C GLU C 150 -22.84 -2.75 28.53
N ARG C 151 -22.75 -4.07 28.59
CA ARG C 151 -21.74 -4.75 29.40
C ARG C 151 -20.36 -4.78 28.73
N LEU C 152 -20.34 -4.92 27.42
CA LEU C 152 -19.09 -5.00 26.65
C LEU C 152 -18.34 -3.65 26.57
N MET C 153 -19.07 -2.54 26.48
CA MET C 153 -18.43 -1.21 26.41
C MET C 153 -17.42 -0.99 27.51
N GLU C 154 -17.73 -1.54 28.68
CA GLU C 154 -16.86 -1.47 29.85
C GLU C 154 -15.38 -1.73 29.51
N PHE C 155 -15.16 -2.42 28.38
CA PHE C 155 -13.83 -2.90 27.96
C PHE C 155 -13.20 -2.03 26.89
N THR C 156 -13.95 -1.06 26.40
CA THR C 156 -13.49 -0.14 25.37
C THR C 156 -12.21 0.58 25.76
N THR C 157 -12.12 0.98 27.03
CA THR C 157 -10.94 1.62 27.63
C THR C 157 -9.59 1.01 27.20
N PHE C 158 -9.50 -0.31 27.26
CA PHE C 158 -8.29 -1.03 26.85
C PHE C 158 -7.87 -0.65 25.45
N PRO C 159 -6.57 -0.60 25.21
CA PRO C 159 -5.99 -0.27 23.90
C PRO C 159 -6.46 -1.28 22.87
N ASP C 160 -7.09 -0.79 21.81
CA ASP C 160 -7.69 -1.67 20.81
C ASP C 160 -6.72 -2.66 20.18
N LYS C 161 -5.43 -2.50 20.45
CA LYS C 161 -4.49 -3.49 19.98
C LYS C 161 -4.63 -4.72 20.86
N LEU C 162 -4.95 -4.47 22.13
CA LEU C 162 -4.97 -5.49 23.18
C LEU C 162 -6.23 -6.31 23.10
N VAL C 163 -7.25 -5.71 22.52
CA VAL C 163 -8.60 -6.23 22.58
C VAL C 163 -9.15 -6.41 21.16
N SER C 164 -8.24 -6.33 20.19
CA SER C 164 -8.58 -6.35 18.77
C SER C 164 -9.60 -5.28 18.42
N GLY C 165 -10.28 -5.43 17.30
CA GLY C 165 -11.12 -4.36 16.79
C GLY C 165 -12.44 -4.15 17.50
N LEU C 166 -12.41 -4.14 18.84
CA LEU C 166 -13.64 -4.09 19.63
C LEU C 166 -14.42 -2.85 19.33
N ARG C 167 -13.85 -1.68 19.66
CA ARG C 167 -14.59 -0.41 19.58
C ARG C 167 -15.40 -0.22 18.29
N LYS C 168 -14.77 -0.44 17.15
CA LYS C 168 -15.48 -0.36 15.89
C LYS C 168 -16.65 -1.31 15.92
N LYS C 169 -16.38 -2.56 16.23
CA LYS C 169 -17.38 -3.63 16.24
C LYS C 169 -18.60 -3.22 17.05
N LEU C 170 -18.33 -2.64 18.22
CA LEU C 170 -19.39 -2.23 19.12
C LEU C 170 -20.19 -1.10 18.54
N ASP C 171 -19.55 -0.17 17.86
CA ASP C 171 -20.31 0.92 17.23
C ASP C 171 -21.24 0.34 16.18
N VAL C 172 -20.76 -0.68 15.47
CA VAL C 172 -21.56 -1.39 14.49
C VAL C 172 -22.79 -1.93 15.18
N ALA C 173 -22.53 -2.78 16.16
CA ALA C 173 -23.57 -3.39 16.98
C ALA C 173 -24.62 -2.35 17.36
N ARG C 174 -24.18 -1.34 18.11
CA ARG C 174 -25.00 -0.20 18.51
C ARG C 174 -25.94 0.27 17.43
N GLY C 175 -25.41 0.73 16.32
CA GLY C 175 -26.30 1.18 15.25
C GLY C 175 -27.31 0.14 14.81
N GLY C 176 -26.91 -1.12 14.87
CA GLY C 176 -27.83 -2.20 14.54
C GLY C 176 -28.96 -2.37 15.55
N ILE C 177 -28.63 -2.24 16.83
CA ILE C 177 -29.59 -2.22 17.91
C ILE C 177 -30.65 -1.17 17.68
N GLU C 178 -30.20 0.06 17.43
CA GLU C 178 -31.14 1.13 17.08
C GLU C 178 -32.01 0.80 15.87
N ARG C 179 -31.42 0.18 14.86
CA ARG C 179 -32.21 -0.17 13.70
C ARG C 179 -33.31 -1.17 14.05
N THR C 180 -32.96 -2.16 14.86
CA THR C 180 -33.93 -3.12 15.40
C THR C 180 -35.10 -2.44 16.11
N LYS C 181 -34.78 -1.50 16.99
CA LYS C 181 -35.82 -0.72 17.66
C LYS C 181 -36.76 0.08 16.73
N SER C 182 -36.17 0.85 15.81
CA SER C 182 -36.97 1.54 14.79
C SER C 182 -37.91 0.55 14.10
N ASP C 183 -37.37 -0.62 13.79
CA ASP C 183 -38.12 -1.65 13.11
C ASP C 183 -39.29 -2.16 13.94
N TYR C 184 -39.03 -2.58 15.17
CA TYR C 184 -40.08 -2.94 16.14
C TYR C 184 -41.24 -1.96 16.06
N ILE C 185 -40.96 -0.70 16.34
CA ILE C 185 -41.98 0.35 16.22
C ILE C 185 -42.77 0.32 14.88
N ALA C 186 -42.02 0.26 13.79
CA ALA C 186 -42.61 0.23 12.45
C ALA C 186 -43.44 -1.03 12.19
N ALA C 187 -43.15 -2.07 12.95
CA ALA C 187 -43.80 -3.35 12.79
C ALA C 187 -45.12 -3.31 13.53
N LYS C 188 -45.11 -2.63 14.69
CA LYS C 188 -46.33 -2.43 15.45
C LYS C 188 -47.30 -1.58 14.63
N VAL C 189 -46.86 -0.42 14.18
CA VAL C 189 -47.75 0.36 13.34
C VAL C 189 -48.18 -0.44 12.11
N ALA C 190 -47.26 -1.18 11.51
CA ALA C 190 -47.60 -1.86 10.27
C ALA C 190 -48.34 -3.17 10.46
N ARG C 191 -48.62 -3.51 11.71
CA ARG C 191 -49.52 -4.65 11.99
C ARG C 191 -50.91 -4.12 12.33
N LEU C 192 -51.34 -3.15 11.52
CA LEU C 192 -52.69 -2.60 11.56
C LEU C 192 -53.28 -2.69 10.16
N MET D 4 14.85 -23.60 -33.95
CA MET D 4 15.99 -23.27 -33.09
C MET D 4 15.57 -22.62 -31.76
N ARG D 5 14.58 -23.22 -31.10
CA ARG D 5 14.22 -22.89 -29.72
C ARG D 5 13.93 -21.41 -29.45
N LEU D 6 14.99 -20.60 -29.35
CA LEU D 6 14.81 -19.15 -29.09
C LEU D 6 13.84 -18.54 -30.09
N GLU D 7 13.94 -18.99 -31.31
CA GLU D 7 13.01 -18.60 -32.36
C GLU D 7 11.63 -19.19 -32.09
N GLU D 8 11.60 -20.42 -31.58
CA GLU D 8 10.33 -21.05 -31.21
C GLU D 8 9.62 -20.26 -30.10
N CYS D 9 10.26 -20.15 -28.94
CA CYS D 9 9.69 -19.39 -27.82
C CYS D 9 9.32 -17.95 -28.24
N ARG D 10 10.09 -17.37 -29.18
CA ARG D 10 9.74 -16.07 -29.82
C ARG D 10 8.40 -16.08 -30.61
N LYS D 11 8.21 -17.13 -31.41
CA LYS D 11 6.95 -17.31 -32.13
C LYS D 11 5.80 -17.44 -31.13
N ARG D 12 5.98 -18.29 -30.13
CA ARG D 12 4.98 -18.50 -29.08
C ARG D 12 4.58 -17.21 -28.36
N LEU D 13 5.58 -16.39 -28.03
CA LEU D 13 5.34 -15.07 -27.48
C LEU D 13 4.43 -14.22 -28.38
N GLU D 14 4.82 -14.07 -29.65
CA GLU D 14 4.00 -13.33 -30.59
C GLU D 14 2.55 -13.83 -30.56
N GLU D 15 2.42 -15.15 -30.53
CA GLU D 15 1.10 -15.78 -30.44
C GLU D 15 0.36 -15.21 -29.25
N LEU D 16 0.94 -15.41 -28.07
CA LEU D 16 0.37 -14.98 -26.80
C LEU D 16 -0.08 -13.54 -26.82
N GLU D 17 0.76 -12.66 -27.37
CA GLU D 17 0.41 -11.25 -27.46
C GLU D 17 -0.87 -11.08 -28.26
N ALA D 18 -0.94 -11.78 -29.39
CA ALA D 18 -2.10 -11.67 -30.26
C ALA D 18 -3.34 -12.11 -29.52
N ALA D 19 -3.21 -13.24 -28.81
CA ALA D 19 -4.32 -13.86 -28.10
C ALA D 19 -4.79 -12.98 -26.95
N ARG D 20 -3.85 -12.31 -26.29
CA ARG D 20 -4.18 -11.41 -25.22
C ARG D 20 -5.00 -10.25 -25.76
N GLU D 21 -4.51 -9.61 -26.81
CA GLU D 21 -5.24 -8.51 -27.44
C GLU D 21 -6.68 -8.92 -27.76
N GLU D 22 -6.81 -10.06 -28.45
CA GLU D 22 -8.12 -10.54 -28.81
C GLU D 22 -9.04 -10.87 -27.64
N LEU D 23 -8.52 -11.57 -26.64
CA LEU D 23 -9.31 -11.93 -25.45
C LEU D 23 -9.79 -10.69 -24.71
N LEU D 24 -8.88 -9.72 -24.62
CA LEU D 24 -9.16 -8.42 -24.06
C LEU D 24 -10.40 -7.85 -24.72
N LYS D 25 -10.39 -7.79 -26.05
CA LYS D 25 -11.56 -7.24 -26.75
C LYS D 25 -12.84 -8.07 -26.62
N VAL D 26 -12.74 -9.38 -26.76
CA VAL D 26 -13.89 -10.25 -26.51
C VAL D 26 -14.55 -10.00 -25.15
N LEU D 27 -13.77 -10.20 -24.09
CA LEU D 27 -14.27 -10.03 -22.73
C LEU D 27 -14.87 -8.65 -22.51
N ARG D 28 -14.23 -7.62 -23.04
CA ARG D 28 -14.77 -6.26 -22.96
C ARG D 28 -16.16 -6.21 -23.56
N GLU D 29 -16.29 -6.74 -24.77
CA GLU D 29 -17.60 -6.79 -25.42
C GLU D 29 -18.64 -7.50 -24.56
N MET D 30 -18.24 -8.64 -24.03
CA MET D 30 -19.10 -9.51 -23.26
C MET D 30 -19.57 -8.82 -22.01
N ARG D 31 -18.69 -8.01 -21.42
CA ARG D 31 -19.02 -7.31 -20.19
C ARG D 31 -19.94 -6.14 -20.50
N ILE D 32 -19.72 -5.46 -21.63
CA ILE D 32 -20.66 -4.42 -22.07
C ILE D 32 -22.07 -5.01 -22.15
N HIS D 33 -22.17 -6.19 -22.76
CA HIS D 33 -23.45 -6.88 -22.83
C HIS D 33 -24.04 -7.25 -21.46
N SER D 34 -23.24 -7.86 -20.59
CA SER D 34 -23.73 -8.30 -19.28
C SER D 34 -24.29 -7.09 -18.52
N THR D 35 -23.50 -6.02 -18.54
CA THR D 35 -23.85 -4.75 -17.95
C THR D 35 -25.16 -4.18 -18.49
N LYS D 36 -25.22 -4.08 -19.81
CA LYS D 36 -26.41 -3.59 -20.50
C LYS D 36 -27.64 -4.43 -20.12
N SER D 37 -27.43 -5.72 -20.02
CA SER D 37 -28.49 -6.66 -19.67
C SER D 37 -29.08 -6.30 -18.31
N ILE D 38 -28.19 -6.13 -17.34
CA ILE D 38 -28.64 -5.73 -16.00
C ILE D 38 -29.42 -4.42 -16.05
N ALA D 39 -28.83 -3.41 -16.68
CA ALA D 39 -29.45 -2.08 -16.76
C ALA D 39 -30.85 -2.12 -17.35
N LEU D 40 -31.06 -3.04 -18.29
CA LEU D 40 -32.38 -3.23 -18.86
C LEU D 40 -33.30 -3.97 -17.89
N ILE D 41 -32.81 -5.01 -17.24
CA ILE D 41 -33.63 -5.72 -16.26
C ILE D 41 -34.16 -4.74 -15.19
N HIS D 42 -33.34 -3.74 -14.86
CA HIS D 42 -33.78 -2.73 -13.90
C HIS D 42 -34.74 -1.77 -14.53
N ALA D 43 -34.40 -1.33 -15.73
CA ALA D 43 -35.22 -0.38 -16.50
C ALA D 43 -36.60 -0.93 -16.88
N GLY D 44 -36.72 -2.26 -16.92
CA GLY D 44 -37.98 -2.91 -17.22
C GLY D 44 -38.04 -3.70 -18.52
N LYS D 45 -37.13 -3.38 -19.44
CA LYS D 45 -37.06 -4.01 -20.73
C LYS D 45 -36.50 -5.43 -20.63
N VAL D 46 -37.21 -6.30 -19.93
CA VAL D 46 -36.71 -7.64 -19.67
C VAL D 46 -36.42 -8.43 -20.97
N GLU D 47 -37.23 -8.26 -21.99
CA GLU D 47 -37.01 -8.97 -23.24
C GLU D 47 -35.63 -8.68 -23.83
N GLU D 48 -35.28 -7.40 -23.87
CA GLU D 48 -34.06 -6.93 -24.52
C GLU D 48 -32.90 -7.34 -23.66
N ALA D 49 -33.19 -7.53 -22.38
CA ALA D 49 -32.21 -8.06 -21.43
C ALA D 49 -31.90 -9.51 -21.80
N GLU D 50 -32.95 -10.27 -22.12
CA GLU D 50 -32.75 -11.62 -22.59
C GLU D 50 -31.89 -11.62 -23.85
N GLN D 51 -32.14 -10.64 -24.72
CA GLN D 51 -31.38 -10.51 -25.97
C GLN D 51 -29.88 -10.27 -25.74
N GLU D 52 -29.56 -9.14 -25.10
CA GLU D 52 -28.18 -8.80 -24.76
C GLU D 52 -27.49 -9.95 -24.07
N LEU D 53 -28.21 -10.59 -23.14
CA LEU D 53 -27.68 -11.78 -22.48
C LEU D 53 -27.29 -12.86 -23.47
N LYS D 54 -28.18 -13.16 -24.41
CA LYS D 54 -27.88 -14.18 -25.40
C LYS D 54 -26.62 -13.83 -26.20
N LYS D 55 -26.54 -12.60 -26.75
CA LYS D 55 -25.33 -12.14 -27.47
C LYS D 55 -24.09 -12.35 -26.64
N ALA D 56 -24.20 -12.01 -25.35
CA ALA D 56 -23.10 -12.18 -24.41
C ALA D 56 -22.62 -13.62 -24.32
N ILE D 57 -23.55 -14.54 -24.10
CA ILE D 57 -23.21 -15.96 -23.97
C ILE D 57 -22.60 -16.50 -25.25
N GLU D 58 -23.07 -15.98 -26.39
CA GLU D 58 -22.45 -16.31 -27.67
C GLU D 58 -20.98 -15.91 -27.62
N LEU D 59 -20.73 -14.69 -27.15
CA LEU D 59 -19.37 -14.18 -27.02
C LEU D 59 -18.55 -15.03 -26.05
N LEU D 60 -19.23 -15.61 -25.07
CA LEU D 60 -18.61 -16.49 -24.08
C LEU D 60 -18.12 -17.76 -24.76
N GLU D 61 -18.96 -18.34 -25.61
CA GLU D 61 -18.51 -19.50 -26.37
C GLU D 61 -17.39 -19.09 -27.32
N LYS D 62 -17.33 -17.80 -27.67
CA LYS D 62 -16.16 -17.29 -28.39
C LYS D 62 -14.92 -17.22 -27.48
N VAL D 63 -15.15 -17.01 -26.18
CA VAL D 63 -14.05 -16.93 -25.21
C VAL D 63 -13.48 -18.31 -25.01
N LYS D 64 -14.36 -19.31 -25.04
CA LYS D 64 -14.00 -20.69 -24.69
C LYS D 64 -12.96 -21.33 -25.62
N ALA D 65 -12.38 -20.54 -26.52
CA ALA D 65 -11.33 -21.03 -27.40
C ALA D 65 -9.97 -20.96 -26.73
N TYR D 66 -9.69 -19.82 -26.11
CA TYR D 66 -8.35 -19.49 -25.63
C TYR D 66 -7.88 -20.30 -24.43
N ARG D 67 -8.53 -21.43 -24.17
CA ARG D 67 -8.08 -22.35 -23.14
C ARG D 67 -6.69 -22.86 -23.51
N GLU D 68 -6.43 -22.94 -24.81
CA GLU D 68 -5.16 -23.41 -25.36
C GLU D 68 -4.01 -22.47 -25.04
N TYR D 69 -4.31 -21.40 -24.32
CA TYR D 69 -3.33 -20.41 -23.92
C TYR D 69 -3.42 -20.15 -22.43
N PRO D 70 -3.23 -21.20 -21.60
CA PRO D 70 -3.52 -21.13 -20.15
C PRO D 70 -2.61 -20.16 -19.43
N GLU D 71 -1.47 -19.83 -20.05
CA GLU D 71 -0.53 -18.83 -19.53
C GLU D 71 -1.23 -17.51 -19.26
N ILE D 72 -2.33 -17.30 -19.97
CA ILE D 72 -3.23 -16.20 -19.69
C ILE D 72 -4.64 -16.76 -19.37
N TYR D 73 -5.60 -16.45 -20.24
CA TYR D 73 -6.99 -16.89 -20.12
C TYR D 73 -7.66 -16.57 -18.79
N PHE D 74 -7.67 -17.56 -17.90
CA PHE D 74 -8.30 -17.48 -16.58
C PHE D 74 -8.13 -16.12 -15.96
N TYR D 75 -6.88 -15.71 -15.88
CA TYR D 75 -6.46 -14.42 -15.36
C TYR D 75 -7.43 -13.29 -15.73
N LEU D 76 -7.57 -13.08 -17.03
CA LEU D 76 -8.40 -12.00 -17.51
C LEU D 76 -9.90 -12.30 -17.38
N CYS D 77 -10.25 -13.57 -17.54
CA CYS D 77 -11.64 -13.98 -17.72
C CYS D 77 -12.58 -13.72 -16.53
N ASN D 78 -12.10 -14.04 -15.34
CA ASN D 78 -12.92 -14.08 -14.14
C ASN D 78 -13.94 -12.95 -13.99
N ASP D 79 -13.45 -11.70 -13.91
CA ASP D 79 -14.34 -10.56 -13.68
C ASP D 79 -15.47 -10.40 -14.70
N ALA D 80 -15.30 -10.95 -15.90
CA ALA D 80 -16.38 -10.92 -16.90
C ALA D 80 -17.29 -12.13 -16.74
N MET D 81 -16.68 -13.29 -16.51
CA MET D 81 -17.43 -14.51 -16.30
C MET D 81 -18.34 -14.29 -15.10
N GLN D 82 -17.74 -13.92 -13.97
CA GLN D 82 -18.48 -13.52 -12.77
C GLN D 82 -19.60 -12.48 -13.04
N GLU D 83 -19.33 -11.56 -13.97
CA GLU D 83 -20.34 -10.57 -14.41
C GLU D 83 -21.52 -11.26 -15.08
N LEU D 84 -21.23 -12.10 -16.07
CA LEU D 84 -22.28 -12.83 -16.77
C LEU D 84 -23.16 -13.60 -15.81
N VAL D 85 -22.54 -14.47 -15.02
CA VAL D 85 -23.21 -15.26 -14.02
C VAL D 85 -24.16 -14.41 -13.21
N GLU D 86 -23.73 -13.18 -12.92
CA GLU D 86 -24.57 -12.26 -12.17
C GLU D 86 -25.85 -11.99 -12.95
N ALA D 87 -25.72 -11.35 -14.10
CA ALA D 87 -26.86 -10.92 -14.91
C ALA D 87 -27.89 -12.02 -15.13
N ILE D 88 -27.41 -13.16 -15.60
CA ILE D 88 -28.23 -14.35 -15.74
C ILE D 88 -29.09 -14.61 -14.50
N ALA D 89 -28.44 -14.85 -13.35
CA ALA D 89 -29.16 -15.15 -12.12
C ALA D 89 -30.23 -14.09 -11.87
N PHE D 90 -29.86 -12.82 -12.10
CA PHE D 90 -30.77 -11.71 -11.85
C PHE D 90 -32.07 -11.92 -12.64
N LYS D 91 -31.95 -12.13 -13.96
CA LYS D 91 -33.10 -12.39 -14.81
C LYS D 91 -33.95 -13.52 -14.20
N ASN D 92 -33.30 -14.63 -13.87
CA ASN D 92 -33.98 -15.82 -13.36
C ASN D 92 -34.83 -15.51 -12.14
N ALA D 93 -34.40 -14.55 -11.36
CA ALA D 93 -35.08 -14.24 -10.13
C ALA D 93 -36.22 -13.25 -10.37
N ILE D 94 -36.06 -12.36 -11.35
CA ILE D 94 -37.10 -11.37 -11.62
C ILE D 94 -38.18 -11.91 -12.58
N SER D 95 -38.08 -13.20 -12.89
CA SER D 95 -39.11 -13.92 -13.62
C SER D 95 -39.36 -15.30 -12.97
N GLY D 96 -39.47 -15.31 -11.64
CA GLY D 96 -39.81 -16.50 -10.89
C GLY D 96 -38.89 -17.71 -11.05
N GLU D 97 -38.29 -17.85 -12.23
CA GLU D 97 -37.53 -19.05 -12.59
C GLU D 97 -36.12 -19.08 -11.99
N PHE D 98 -36.00 -18.74 -10.71
CA PHE D 98 -34.70 -18.79 -10.03
C PHE D 98 -34.21 -20.21 -9.71
N THR D 99 -33.02 -20.51 -10.21
CA THR D 99 -32.37 -21.79 -10.01
C THR D 99 -30.88 -21.56 -9.87
N PHE D 100 -30.17 -22.51 -9.25
CA PHE D 100 -28.71 -22.50 -9.24
C PHE D 100 -28.16 -23.27 -10.43
N GLU D 101 -28.89 -24.30 -10.83
CA GLU D 101 -28.46 -25.22 -11.87
C GLU D 101 -28.50 -24.56 -13.24
N ILE D 102 -27.43 -23.83 -13.56
CA ILE D 102 -27.20 -23.37 -14.93
C ILE D 102 -25.80 -23.83 -15.37
N ASP D 103 -25.68 -24.18 -16.65
CA ASP D 103 -24.39 -24.63 -17.18
C ASP D 103 -23.76 -23.57 -18.09
N LEU D 104 -22.52 -23.23 -17.78
CA LEU D 104 -21.87 -22.12 -18.43
C LEU D 104 -20.38 -22.38 -18.50
N GLU D 105 -19.95 -23.48 -17.89
CA GLU D 105 -18.53 -23.78 -17.71
C GLU D 105 -17.77 -22.53 -17.27
N VAL D 106 -17.90 -22.20 -16.00
CA VAL D 106 -17.23 -21.04 -15.46
C VAL D 106 -16.53 -21.43 -14.17
N THR D 107 -15.32 -20.89 -13.98
CA THR D 107 -14.52 -21.06 -12.77
C THR D 107 -15.35 -20.93 -11.49
N PRO D 108 -15.24 -21.92 -10.57
CA PRO D 108 -16.03 -21.99 -9.34
C PRO D 108 -16.14 -20.65 -8.61
N ALA D 109 -15.02 -19.95 -8.54
CA ALA D 109 -15.01 -18.61 -7.97
C ALA D 109 -15.99 -17.66 -8.67
N ALA D 110 -15.89 -17.51 -9.99
CA ALA D 110 -16.77 -16.57 -10.70
C ALA D 110 -18.22 -16.98 -10.60
N PHE D 111 -18.46 -18.27 -10.51
CA PHE D 111 -19.78 -18.84 -10.34
C PHE D 111 -20.38 -18.35 -9.02
N LEU D 112 -19.77 -18.81 -7.92
CA LEU D 112 -20.20 -18.48 -6.56
C LEU D 112 -20.29 -16.98 -6.32
N ASN D 113 -19.17 -16.31 -6.49
CA ASN D 113 -19.13 -14.88 -6.34
C ASN D 113 -20.10 -14.14 -7.27
N GLY D 114 -20.40 -14.72 -8.43
CA GLY D 114 -21.40 -14.16 -9.32
C GLY D 114 -22.77 -14.17 -8.66
N PHE D 115 -23.06 -15.30 -8.02
CA PHE D 115 -24.34 -15.45 -7.33
C PHE D 115 -24.49 -14.53 -6.11
N ALA D 116 -23.43 -14.34 -5.34
CA ALA D 116 -23.47 -13.34 -4.27
C ALA D 116 -23.68 -11.94 -4.83
N ASP D 117 -22.82 -11.59 -5.81
CA ASP D 117 -22.93 -10.38 -6.59
C ASP D 117 -24.38 -10.06 -6.93
N ALA D 118 -25.14 -11.11 -7.27
CA ALA D 118 -26.57 -10.95 -7.60
C ALA D 118 -27.45 -10.30 -6.53
N VAL D 119 -27.31 -10.77 -5.29
CA VAL D 119 -28.07 -10.28 -4.13
C VAL D 119 -28.19 -8.76 -4.05
N GLY D 120 -27.11 -8.04 -4.36
CA GLY D 120 -27.13 -6.58 -4.34
C GLY D 120 -28.13 -6.01 -5.34
N GLU D 121 -28.02 -6.47 -6.58
CA GLU D 121 -28.92 -6.07 -7.65
C GLU D 121 -30.38 -6.42 -7.31
N LEU D 122 -30.55 -7.55 -6.61
CA LEU D 122 -31.85 -7.97 -6.13
C LEU D 122 -32.40 -7.00 -5.13
N ARG D 123 -31.59 -6.57 -4.17
CA ARG D 123 -32.09 -5.64 -3.17
C ARG D 123 -32.38 -4.29 -3.80
N ARG D 124 -31.59 -3.87 -4.78
CA ARG D 124 -31.93 -2.61 -5.48
C ARG D 124 -33.28 -2.70 -6.18
N TYR D 125 -33.48 -3.82 -6.87
CA TYR D 125 -34.73 -4.07 -7.55
C TYR D 125 -35.89 -4.06 -6.56
N ALA D 126 -35.89 -5.03 -5.65
CA ALA D 126 -36.84 -5.19 -4.55
C ALA D 126 -37.19 -3.89 -3.88
N LEU D 127 -36.18 -3.04 -3.70
CA LEU D 127 -36.41 -1.71 -3.15
C LEU D 127 -37.23 -0.84 -4.10
N THR D 128 -36.81 -0.77 -5.36
CA THR D 128 -37.56 0.03 -6.34
C THR D 128 -39.02 -0.41 -6.38
N LYS D 129 -39.26 -1.72 -6.42
CA LYS D 129 -40.62 -2.23 -6.44
C LYS D 129 -41.32 -1.80 -5.18
N LEU D 130 -40.66 -1.91 -4.04
CA LEU D 130 -41.22 -1.47 -2.77
C LEU D 130 -41.66 0.02 -2.79
N ILE D 131 -41.00 0.83 -3.60
CA ILE D 131 -41.35 2.24 -3.72
C ILE D 131 -42.62 2.44 -4.54
N GLU D 132 -42.78 1.60 -5.55
CA GLU D 132 -43.93 1.69 -6.44
C GLU D 132 -45.06 0.80 -5.94
N GLY D 133 -44.97 0.35 -4.69
CA GLY D 133 -46.05 -0.42 -4.08
C GLY D 133 -45.95 -1.94 -4.15
N ASP D 134 -45.26 -2.47 -5.15
CA ASP D 134 -45.19 -3.91 -5.39
C ASP D 134 -44.55 -4.74 -4.23
N PHE D 135 -45.36 -5.20 -3.27
CA PHE D 135 -44.84 -5.99 -2.13
C PHE D 135 -44.58 -7.44 -2.52
N LYS D 136 -45.13 -7.87 -3.65
CA LYS D 136 -45.02 -9.26 -4.04
C LYS D 136 -43.65 -9.48 -4.62
N SER D 137 -43.24 -8.57 -5.52
CA SER D 137 -41.88 -8.56 -6.06
C SER D 137 -40.94 -8.67 -4.90
N ALA D 138 -40.87 -7.58 -4.14
CA ALA D 138 -40.04 -7.49 -2.95
C ALA D 138 -40.03 -8.78 -2.10
N GLU D 139 -41.19 -9.36 -1.82
CA GLU D 139 -41.20 -10.58 -1.02
C GLU D 139 -40.53 -11.78 -1.69
N ARG D 140 -40.82 -11.95 -2.98
CA ARG D 140 -40.18 -13.01 -3.72
C ARG D 140 -38.66 -12.79 -3.73
N MET D 141 -38.25 -11.55 -3.94
CA MET D 141 -36.82 -11.24 -3.90
C MET D 141 -36.20 -11.58 -2.55
N LEU D 142 -36.92 -11.27 -1.47
CA LEU D 142 -36.41 -11.60 -0.14
C LEU D 142 -36.20 -13.11 0.00
N GLU D 143 -37.13 -13.88 -0.57
CA GLU D 143 -36.96 -15.33 -0.64
C GLU D 143 -35.68 -15.70 -1.38
N VAL D 144 -35.56 -15.27 -2.63
CA VAL D 144 -34.40 -15.71 -3.41
C VAL D 144 -33.09 -15.27 -2.76
N MET D 145 -32.97 -13.97 -2.46
CA MET D 145 -31.86 -13.41 -1.71
C MET D 145 -31.44 -14.28 -0.51
N GLU D 146 -32.40 -14.60 0.35
CA GLU D 146 -32.10 -15.45 1.49
C GLU D 146 -31.59 -16.81 1.00
N LYS D 147 -32.06 -17.28 -0.14
CA LYS D 147 -31.65 -18.61 -0.61
C LYS D 147 -30.20 -18.62 -1.09
N ILE D 148 -29.88 -17.66 -1.94
CA ILE D 148 -28.51 -17.48 -2.41
C ILE D 148 -27.58 -17.42 -1.22
N TYR D 149 -27.93 -16.62 -0.20
CA TYR D 149 -27.09 -16.57 1.00
C TYR D 149 -26.95 -17.91 1.73
N GLU D 150 -28.08 -18.54 1.99
CA GLU D 150 -28.11 -19.75 2.79
C GLU D 150 -27.30 -20.86 2.13
N ARG D 151 -27.45 -20.96 0.84
CA ARG D 151 -26.80 -22.00 0.10
C ARG D 151 -25.30 -21.67 -0.02
N LEU D 152 -24.96 -20.53 -0.63
CA LEU D 152 -23.57 -20.14 -0.85
C LEU D 152 -22.73 -20.19 0.41
N MET D 153 -23.32 -19.95 1.57
CA MET D 153 -22.49 -19.98 2.79
C MET D 153 -21.79 -21.33 3.02
N GLU D 154 -22.21 -22.38 2.31
CA GLU D 154 -21.63 -23.69 2.49
C GLU D 154 -20.19 -23.75 2.03
N PHE D 155 -19.81 -22.82 1.15
CA PHE D 155 -18.47 -22.82 0.58
C PHE D 155 -17.47 -21.89 1.27
N THR D 156 -17.81 -21.36 2.45
CA THR D 156 -17.01 -20.32 3.10
C THR D 156 -15.77 -20.88 3.79
N THR D 157 -15.83 -22.16 4.13
CA THR D 157 -14.77 -22.84 4.86
C THR D 157 -13.57 -23.13 3.98
N PHE D 158 -13.69 -22.86 2.69
CA PHE D 158 -12.62 -23.13 1.73
C PHE D 158 -11.56 -22.05 1.76
N PRO D 159 -10.30 -22.44 1.52
CA PRO D 159 -9.19 -21.50 1.39
C PRO D 159 -9.50 -20.34 0.45
N ASP D 160 -9.23 -19.13 0.91
CA ASP D 160 -9.61 -17.92 0.19
C ASP D 160 -8.95 -17.88 -1.16
N LYS D 161 -7.80 -18.54 -1.26
CA LYS D 161 -7.01 -18.59 -2.49
C LYS D 161 -7.68 -19.32 -3.66
N LEU D 162 -8.74 -20.09 -3.38
CA LEU D 162 -9.47 -20.79 -4.43
C LEU D 162 -10.90 -20.27 -4.60
N VAL D 163 -11.51 -19.87 -3.49
CA VAL D 163 -12.90 -19.43 -3.54
C VAL D 163 -13.01 -17.91 -3.65
N SER D 164 -11.86 -17.28 -3.90
CA SER D 164 -11.73 -15.83 -3.82
C SER D 164 -12.26 -15.34 -2.48
N GLY D 165 -12.73 -14.10 -2.45
CA GLY D 165 -13.16 -13.50 -1.19
C GLY D 165 -14.64 -13.66 -0.95
N LEU D 166 -15.11 -14.90 -0.96
CA LEU D 166 -16.55 -15.16 -0.89
C LEU D 166 -17.17 -14.70 0.41
N ARG D 167 -16.57 -15.08 1.54
CA ARG D 167 -17.01 -14.63 2.87
C ARG D 167 -17.37 -13.11 2.95
N LYS D 168 -16.42 -12.23 2.66
CA LYS D 168 -16.68 -10.79 2.70
C LYS D 168 -17.87 -10.37 1.81
N LYS D 169 -17.91 -10.88 0.59
CA LYS D 169 -19.02 -10.57 -0.31
C LYS D 169 -20.33 -10.99 0.32
N LEU D 170 -20.26 -12.13 1.03
CA LEU D 170 -21.45 -12.74 1.63
C LEU D 170 -21.98 -11.89 2.77
N ASP D 171 -21.10 -11.50 3.71
CA ASP D 171 -21.48 -10.58 4.78
C ASP D 171 -22.10 -9.29 4.25
N VAL D 172 -21.48 -8.73 3.22
CA VAL D 172 -22.06 -7.57 2.55
C VAL D 172 -23.51 -7.87 2.19
N ALA D 173 -23.72 -8.98 1.46
CA ALA D 173 -25.07 -9.39 1.06
C ALA D 173 -26.04 -9.51 2.23
N ARG D 174 -25.70 -10.35 3.21
CA ARG D 174 -26.44 -10.50 4.45
C ARG D 174 -26.95 -9.16 4.91
N GLY D 175 -26.04 -8.21 5.05
CA GLY D 175 -26.39 -6.90 5.54
C GLY D 175 -27.40 -6.21 4.65
N GLY D 176 -27.23 -6.41 3.34
CA GLY D 176 -28.21 -5.90 2.40
C GLY D 176 -29.58 -6.54 2.58
N ILE D 177 -29.59 -7.82 2.96
CA ILE D 177 -30.82 -8.56 3.18
C ILE D 177 -31.56 -7.98 4.38
N GLU D 178 -30.85 -7.77 5.48
CA GLU D 178 -31.44 -7.13 6.64
C GLU D 178 -31.98 -5.76 6.31
N ARG D 179 -31.15 -4.93 5.70
CA ARG D 179 -31.61 -3.60 5.34
C ARG D 179 -32.84 -3.63 4.41
N THR D 180 -33.00 -4.70 3.63
CA THR D 180 -34.20 -4.83 2.80
C THR D 180 -35.42 -5.32 3.57
N LYS D 181 -35.26 -6.37 4.37
CA LYS D 181 -36.30 -6.76 5.33
C LYS D 181 -36.83 -5.54 6.09
N SER D 182 -35.91 -4.74 6.62
CA SER D 182 -36.25 -3.50 7.32
C SER D 182 -36.96 -2.50 6.43
N ASP D 183 -36.42 -2.26 5.23
CA ASP D 183 -37.03 -1.29 4.34
C ASP D 183 -38.45 -1.70 3.96
N TYR D 184 -38.72 -2.99 4.12
CA TYR D 184 -40.01 -3.59 3.77
C TYR D 184 -41.00 -3.58 4.94
N ILE D 185 -40.50 -3.66 6.17
CA ILE D 185 -41.33 -3.47 7.35
C ILE D 185 -41.81 -2.01 7.40
N ALA D 186 -40.95 -1.10 6.94
CA ALA D 186 -41.40 0.24 6.59
C ALA D 186 -42.32 0.09 5.38
N ALA D 187 -42.71 1.17 4.74
CA ALA D 187 -43.50 1.04 3.49
C ALA D 187 -44.83 0.25 3.64
N LYS D 188 -44.77 -0.89 4.33
CA LYS D 188 -45.96 -1.57 4.79
C LYS D 188 -46.69 -0.65 5.77
N VAL D 189 -45.98 0.38 6.24
CA VAL D 189 -46.62 1.55 6.84
C VAL D 189 -47.04 2.58 5.72
N ALA D 190 -48.20 2.31 5.11
CA ALA D 190 -48.81 3.15 4.07
C ALA D 190 -50.05 3.91 4.59
N MET E 4 -19.79 34.82 21.91
CA MET E 4 -20.43 33.62 22.45
C MET E 4 -19.89 32.31 21.87
N ARG E 5 -18.99 31.67 22.63
CA ARG E 5 -18.42 30.34 22.33
C ARG E 5 -18.17 29.96 20.87
N LEU E 6 -19.25 29.71 20.14
CA LEU E 6 -19.18 29.37 18.72
C LEU E 6 -18.59 30.53 17.89
N GLU E 7 -18.95 31.75 18.26
CA GLU E 7 -18.37 32.92 17.64
C GLU E 7 -16.87 32.83 17.75
N GLU E 8 -16.42 32.50 18.97
CA GLU E 8 -15.00 32.35 19.27
C GLU E 8 -14.34 31.27 18.40
N CYS E 9 -14.66 29.99 18.67
CA CYS E 9 -14.04 28.87 17.95
C CYS E 9 -14.14 29.05 16.40
N ARG E 10 -15.18 29.75 15.93
CA ARG E 10 -15.27 30.12 14.51
C ARG E 10 -14.21 31.12 14.05
N LYS E 11 -14.01 32.16 14.84
CA LYS E 11 -13.03 33.17 14.49
C LYS E 11 -11.63 32.55 14.50
N ARG E 12 -11.38 31.73 15.52
CA ARG E 12 -10.11 31.03 15.63
C ARG E 12 -9.91 30.22 14.38
N LEU E 13 -10.96 29.53 13.96
CA LEU E 13 -10.90 28.74 12.74
C LEU E 13 -10.52 29.54 11.48
N GLU E 14 -11.25 30.61 11.19
CA GLU E 14 -10.97 31.45 10.02
C GLU E 14 -9.52 31.95 10.03
N GLU E 15 -9.12 32.39 11.21
CA GLU E 15 -7.75 32.81 11.46
C GLU E 15 -6.78 31.71 11.03
N LEU E 16 -6.98 30.52 11.59
CA LEU E 16 -6.15 29.36 11.29
C LEU E 16 -6.13 28.98 9.82
N GLU E 17 -7.22 29.28 9.11
CA GLU E 17 -7.32 28.96 7.70
C GLU E 17 -6.38 29.84 6.88
N ALA E 18 -6.50 31.16 7.08
CA ALA E 18 -5.64 32.09 6.34
C ALA E 18 -4.18 31.80 6.65
N ALA E 19 -3.93 31.59 7.94
CA ALA E 19 -2.58 31.30 8.45
C ALA E 19 -1.98 30.08 7.76
N ARG E 20 -2.75 28.98 7.74
CA ARG E 20 -2.28 27.77 7.09
C ARG E 20 -1.93 28.00 5.62
N GLU E 21 -2.79 28.69 4.87
CA GLU E 21 -2.43 29.03 3.48
C GLU E 21 -1.05 29.68 3.36
N GLU E 22 -0.86 30.77 4.11
CA GLU E 22 0.40 31.51 4.05
C GLU E 22 1.63 30.69 4.47
N LEU E 23 1.42 29.91 5.52
CA LEU E 23 2.46 29.01 6.01
C LEU E 23 2.89 28.06 4.90
N LEU E 24 1.92 27.46 4.21
CA LEU E 24 2.21 26.57 3.10
C LEU E 24 3.13 27.24 2.09
N LYS E 25 2.73 28.42 1.60
CA LYS E 25 3.59 29.13 0.63
C LYS E 25 5.03 29.36 1.11
N VAL E 26 5.16 29.95 2.29
CA VAL E 26 6.48 30.23 2.85
C VAL E 26 7.34 28.97 3.08
N LEU E 27 6.75 27.92 3.62
CA LEU E 27 7.43 26.63 3.82
C LEU E 27 7.96 26.07 2.51
N ARG E 28 7.13 26.08 1.47
CA ARG E 28 7.57 25.47 0.23
C ARG E 28 8.67 26.30 -0.42
N GLU E 29 8.55 27.63 -0.37
CA GLU E 29 9.61 28.47 -0.91
C GLU E 29 10.91 28.19 -0.19
N MET E 30 10.84 28.08 1.13
CA MET E 30 12.02 27.76 1.92
C MET E 30 12.65 26.44 1.44
N ARG E 31 11.84 25.40 1.35
CA ARG E 31 12.35 24.08 0.98
C ARG E 31 13.05 24.12 -0.37
N ILE E 32 12.31 24.63 -1.35
CA ILE E 32 12.87 24.83 -2.68
C ILE E 32 14.23 25.48 -2.60
N HIS E 33 14.33 26.58 -1.86
CA HIS E 33 15.60 27.31 -1.81
C HIS E 33 16.71 26.46 -1.22
N SER E 34 16.37 25.68 -0.20
CA SER E 34 17.34 24.76 0.41
C SER E 34 17.90 23.80 -0.63
N THR E 35 16.99 23.06 -1.25
CA THR E 35 17.38 22.07 -2.24
C THR E 35 18.23 22.70 -3.35
N LYS E 36 17.69 23.77 -3.94
CA LYS E 36 18.39 24.58 -4.92
C LYS E 36 19.85 24.78 -4.54
N SER E 37 20.10 25.34 -3.37
CA SER E 37 21.47 25.50 -2.88
C SER E 37 22.26 24.19 -2.94
N ILE E 38 21.68 23.09 -2.45
CA ILE E 38 22.41 21.81 -2.50
C ILE E 38 22.84 21.40 -3.91
N ALA E 39 21.99 21.63 -4.90
CA ALA E 39 22.30 21.23 -6.28
C ALA E 39 23.25 22.23 -6.96
N LEU E 40 23.18 23.47 -6.53
CA LEU E 40 24.12 24.48 -6.99
C LEU E 40 25.54 24.16 -6.54
N ILE E 41 25.71 23.65 -5.32
CA ILE E 41 27.04 23.16 -4.90
C ILE E 41 27.55 22.00 -5.77
N HIS E 42 26.70 21.01 -6.01
CA HIS E 42 27.05 19.87 -6.85
C HIS E 42 27.26 20.29 -8.31
N ALA E 43 26.92 21.54 -8.63
CA ALA E 43 27.12 22.04 -9.98
C ALA E 43 28.27 23.03 -10.06
N GLY E 44 28.94 23.27 -8.93
CA GLY E 44 30.11 24.14 -8.91
C GLY E 44 29.86 25.63 -8.64
N LYS E 45 28.61 26.05 -8.70
CA LYS E 45 28.28 27.45 -8.47
C LYS E 45 28.05 27.69 -6.98
N VAL E 46 29.06 27.38 -6.17
CA VAL E 46 28.96 27.40 -4.72
C VAL E 46 28.57 28.79 -4.15
N GLU E 47 28.89 29.85 -4.88
CA GLU E 47 28.55 31.20 -4.45
C GLU E 47 27.05 31.46 -4.58
N GLU E 48 26.51 31.12 -5.74
CA GLU E 48 25.08 31.25 -6.00
C GLU E 48 24.31 30.39 -5.00
N ALA E 49 24.91 29.25 -4.67
CA ALA E 49 24.37 28.34 -3.64
C ALA E 49 24.34 29.00 -2.26
N GLU E 50 25.38 29.77 -1.96
CA GLU E 50 25.39 30.58 -0.74
C GLU E 50 24.24 31.59 -0.77
N GLN E 51 23.96 32.14 -1.95
CA GLN E 51 22.86 33.11 -2.09
C GLN E 51 21.48 32.50 -1.82
N GLU E 52 21.26 31.33 -2.40
CA GLU E 52 20.02 30.59 -2.19
C GLU E 52 19.86 30.17 -0.73
N LEU E 53 20.93 29.62 -0.15
CA LEU E 53 20.88 29.18 1.25
C LEU E 53 20.61 30.35 2.18
N LYS E 54 21.16 31.51 1.83
CA LYS E 54 20.85 32.74 2.54
C LYS E 54 19.37 33.02 2.49
N LYS E 55 18.83 33.10 1.27
CA LYS E 55 17.39 33.32 1.06
C LYS E 55 16.52 32.41 1.93
N ALA E 56 16.89 31.12 1.95
CA ALA E 56 16.21 30.14 2.78
C ALA E 56 16.25 30.52 4.26
N ILE E 57 17.46 30.67 4.82
CA ILE E 57 17.63 31.00 6.24
C ILE E 57 16.86 32.26 6.64
N GLU E 58 16.71 33.17 5.69
CA GLU E 58 15.84 34.32 5.90
C GLU E 58 14.37 33.88 6.01
N LEU E 59 13.83 33.24 4.97
CA LEU E 59 12.42 32.80 5.00
C LEU E 59 12.08 32.03 6.28
N LEU E 60 13.08 31.29 6.78
CA LEU E 60 12.95 30.52 8.00
C LEU E 60 12.34 31.35 9.12
N GLU E 61 12.77 32.60 9.22
CA GLU E 61 12.28 33.50 10.27
C GLU E 61 10.75 33.68 10.18
N LYS E 62 10.31 34.12 9.00
CA LYS E 62 8.89 34.30 8.71
C LYS E 62 8.09 33.03 9.01
N VAL E 63 8.75 31.87 8.85
CA VAL E 63 8.15 30.59 9.25
C VAL E 63 8.04 30.41 10.77
N LYS E 64 9.09 30.81 11.49
CA LYS E 64 9.09 30.77 12.95
C LYS E 64 7.95 31.63 13.53
N ALA E 65 7.57 32.66 12.79
CA ALA E 65 6.47 33.56 13.19
C ALA E 65 5.10 32.88 13.28
N TYR E 66 4.98 31.64 12.81
CA TYR E 66 3.70 30.96 12.81
C TYR E 66 3.58 30.00 13.97
N ARG E 67 4.42 30.17 14.98
CA ARG E 67 4.39 29.28 16.13
C ARG E 67 3.27 29.71 17.09
N GLU E 68 2.62 30.81 16.74
CA GLU E 68 1.48 31.37 17.47
C GLU E 68 0.26 30.47 17.30
N TYR E 69 0.31 29.65 16.26
CA TYR E 69 -0.78 28.75 15.93
C TYR E 69 -0.30 27.31 16.07
N PRO E 70 -0.15 26.84 17.31
CA PRO E 70 0.42 25.50 17.48
C PRO E 70 -0.49 24.38 16.98
N GLU E 71 -1.69 24.74 16.58
CA GLU E 71 -2.55 23.78 15.89
C GLU E 71 -1.81 23.28 14.65
N ILE E 72 -1.68 24.18 13.68
CA ILE E 72 -1.19 23.83 12.36
C ILE E 72 0.34 23.83 12.20
N TYR E 73 1.02 24.67 12.96
CA TYR E 73 2.46 24.88 12.82
C TYR E 73 3.25 23.58 12.80
N PHE E 74 2.76 22.57 13.51
CA PHE E 74 3.54 21.37 13.72
C PHE E 74 3.24 20.24 12.74
N TYR E 75 2.02 20.21 12.22
CA TYR E 75 1.66 19.16 11.29
C TYR E 75 2.38 19.36 9.96
N LEU E 76 2.98 20.53 9.78
CA LEU E 76 3.66 20.87 8.52
C LEU E 76 5.18 21.19 8.62
N CYS E 77 5.66 21.41 9.84
CA CYS E 77 7.07 21.75 10.13
C CYS E 77 8.11 20.87 9.44
N ASN E 78 8.03 19.57 9.68
CA ASN E 78 9.02 18.57 9.26
C ASN E 78 9.88 18.80 8.01
N ASP E 79 9.27 18.77 6.84
CA ASP E 79 9.99 18.52 5.58
C ASP E 79 10.89 19.66 5.11
N ALA E 80 10.31 20.85 4.98
CA ALA E 80 11.08 22.04 4.62
C ALA E 80 12.31 22.24 5.51
N MET E 81 12.16 22.02 6.81
CA MET E 81 13.27 22.21 7.75
C MET E 81 14.24 21.05 7.74
N GLN E 82 13.75 19.87 7.41
CA GLN E 82 14.61 18.73 7.19
C GLN E 82 15.58 19.12 6.09
N GLU E 83 15.04 19.71 5.04
CA GLU E 83 15.86 20.18 3.92
C GLU E 83 16.81 21.30 4.31
N LEU E 84 16.35 22.23 5.13
CA LEU E 84 17.23 23.30 5.57
C LEU E 84 18.45 22.76 6.31
N VAL E 85 18.18 21.97 7.36
CA VAL E 85 19.22 21.24 8.06
C VAL E 85 20.17 20.51 7.12
N GLU E 86 19.62 19.79 6.13
CA GLU E 86 20.45 19.09 5.15
C GLU E 86 21.41 20.07 4.51
N ALA E 87 20.86 21.07 3.82
CA ALA E 87 21.69 22.01 3.05
C ALA E 87 22.78 22.65 3.90
N ILE E 88 22.44 22.97 5.15
CA ILE E 88 23.40 23.58 6.08
C ILE E 88 24.50 22.62 6.53
N ALA E 89 24.11 21.40 6.89
CA ALA E 89 25.05 20.35 7.23
C ALA E 89 26.06 20.19 6.11
N PHE E 90 25.53 20.05 4.90
CA PHE E 90 26.33 19.91 3.69
C PHE E 90 27.30 21.06 3.54
N LYS E 91 26.78 22.28 3.58
CA LYS E 91 27.62 23.46 3.43
C LYS E 91 28.80 23.40 4.40
N ASN E 92 28.49 23.20 5.68
CA ASN E 92 29.52 23.10 6.70
C ASN E 92 30.50 21.97 6.44
N ALA E 93 30.03 20.93 5.77
CA ALA E 93 30.88 19.75 5.56
C ALA E 93 31.87 19.93 4.40
N ILE E 94 31.38 20.51 3.32
CA ILE E 94 32.21 20.77 2.15
C ILE E 94 33.08 21.99 2.39
N SER E 95 33.00 22.52 3.59
CA SER E 95 33.80 23.66 4.00
C SER E 95 34.54 23.38 5.31
N GLY E 96 35.09 22.16 5.43
CA GLY E 96 35.95 21.79 6.55
C GLY E 96 35.49 22.05 7.97
N GLU E 97 34.79 23.15 8.15
CA GLU E 97 34.24 23.53 9.45
C GLU E 97 32.83 22.93 9.63
N PHE E 98 32.74 21.61 9.59
CA PHE E 98 31.47 20.91 9.78
C PHE E 98 31.15 20.77 11.25
N THR E 99 29.88 20.88 11.61
CA THR E 99 29.52 20.66 13.00
C THR E 99 28.05 20.30 13.23
N PHE E 100 27.83 19.43 14.24
CA PHE E 100 26.50 19.10 14.71
C PHE E 100 25.92 20.31 15.42
N GLU E 101 26.80 21.25 15.77
CA GLU E 101 26.37 22.43 16.49
C GLU E 101 25.90 23.50 15.52
N ILE E 102 24.66 23.39 15.06
CA ILE E 102 24.07 24.45 14.25
C ILE E 102 22.97 25.18 15.02
N ASP E 103 23.30 26.41 15.38
CA ASP E 103 22.54 27.18 16.36
C ASP E 103 21.11 27.52 15.95
N LEU E 104 20.33 26.50 15.56
CA LEU E 104 18.91 26.71 15.37
C LEU E 104 18.09 25.42 15.52
N GLU E 105 17.03 25.49 16.33
CA GLU E 105 16.03 24.44 16.47
C GLU E 105 14.67 25.07 16.12
N VAL E 106 13.84 24.47 15.24
CA VAL E 106 14.01 23.19 14.52
C VAL E 106 13.85 21.90 15.37
N THR E 107 12.83 21.10 15.03
CA THR E 107 12.54 19.84 15.74
C THR E 107 13.67 18.81 15.68
N PRO E 108 13.78 17.94 16.70
CA PRO E 108 14.88 16.98 16.75
C PRO E 108 14.82 15.97 15.61
N ALA E 109 13.59 15.57 15.24
CA ALA E 109 13.42 14.61 14.16
C ALA E 109 13.97 15.19 12.87
N ALA E 110 13.46 16.37 12.50
CA ALA E 110 13.96 17.11 11.33
C ALA E 110 15.48 17.19 11.34
N PHE E 111 16.05 17.46 12.52
CA PHE E 111 17.47 17.66 12.68
C PHE E 111 18.23 16.39 12.29
N LEU E 112 17.82 15.30 12.90
CA LEU E 112 18.53 14.04 12.70
C LEU E 112 18.39 13.52 11.27
N ASN E 113 17.15 13.47 10.81
CA ASN E 113 16.88 13.01 9.46
C ASN E 113 17.65 13.87 8.49
N GLY E 114 17.72 15.18 8.77
CA GLY E 114 18.45 16.11 7.93
C GLY E 114 19.93 15.80 7.78
N PHE E 115 20.59 15.51 8.90
CA PHE E 115 21.98 15.09 8.80
C PHE E 115 22.13 13.79 8.02
N ALA E 116 21.28 12.82 8.36
CA ALA E 116 21.34 11.51 7.70
C ALA E 116 21.16 11.65 6.19
N ASP E 117 20.34 12.62 5.81
CA ASP E 117 20.06 12.90 4.43
C ASP E 117 21.21 13.65 3.76
N ALA E 118 21.96 14.40 4.54
CA ALA E 118 23.14 15.04 4.00
C ALA E 118 24.31 14.04 3.81
N VAL E 119 24.21 12.87 4.44
CA VAL E 119 25.23 11.86 4.16
C VAL E 119 25.35 11.58 2.65
N GLY E 120 24.23 11.35 1.98
CA GLY E 120 24.29 10.99 0.57
C GLY E 120 24.80 12.09 -0.37
N GLU E 121 24.55 13.33 -0.03
CA GLU E 121 25.03 14.44 -0.83
C GLU E 121 26.53 14.51 -0.60
N LEU E 122 26.96 14.13 0.60
CA LEU E 122 28.40 14.01 0.85
C LEU E 122 29.01 12.92 -0.01
N ARG E 123 28.36 11.78 -0.19
CA ARG E 123 28.93 10.78 -1.11
C ARG E 123 29.04 11.32 -2.49
N ARG E 124 28.04 12.08 -2.91
CA ARG E 124 28.08 12.64 -4.26
C ARG E 124 29.34 13.48 -4.41
N TYR E 125 29.51 14.41 -3.48
CA TYR E 125 30.66 15.31 -3.45
C TYR E 125 31.98 14.55 -3.33
N ALA E 126 31.99 13.42 -2.63
CA ALA E 126 33.21 12.66 -2.42
C ALA E 126 33.60 11.85 -3.64
N LEU E 127 32.63 11.27 -4.33
CA LEU E 127 32.94 10.55 -5.57
C LEU E 127 33.41 11.54 -6.62
N THR E 128 32.77 12.72 -6.64
CA THR E 128 33.19 13.70 -7.62
C THR E 128 34.57 14.27 -7.28
N LYS E 129 34.86 14.44 -5.99
CA LYS E 129 36.18 14.87 -5.56
C LYS E 129 37.18 13.80 -5.94
N LEU E 130 36.75 12.56 -5.90
CA LEU E 130 37.61 11.44 -6.28
C LEU E 130 37.97 11.50 -7.77
N ILE E 131 36.98 11.86 -8.60
CA ILE E 131 37.20 12.00 -10.04
C ILE E 131 38.16 13.13 -10.37
N GLU E 132 37.89 14.32 -9.83
CA GLU E 132 38.83 15.45 -9.95
C GLU E 132 40.29 15.04 -9.73
N GLY E 133 40.51 14.11 -8.81
CA GLY E 133 41.86 13.66 -8.50
C GLY E 133 42.13 13.77 -7.01
N ASP E 134 41.51 14.75 -6.37
CA ASP E 134 41.76 15.10 -4.95
C ASP E 134 41.34 14.03 -3.96
N PHE E 135 42.31 13.26 -3.43
CA PHE E 135 41.99 12.25 -2.41
C PHE E 135 41.90 12.81 -0.99
N LYS E 136 42.57 13.93 -0.72
CA LYS E 136 42.54 14.51 0.60
C LYS E 136 41.12 14.89 1.00
N SER E 137 40.48 15.74 0.19
CA SER E 137 39.13 16.22 0.50
C SER E 137 38.16 15.04 0.52
N ALA E 138 38.36 14.12 -0.40
CA ALA E 138 37.62 12.86 -0.40
C ALA E 138 37.65 12.14 0.95
N GLU E 139 38.86 11.94 1.50
CA GLU E 139 39.03 11.29 2.81
C GLU E 139 38.39 12.07 3.93
N ARG E 140 38.48 13.40 3.89
CA ARG E 140 37.78 14.21 4.90
C ARG E 140 36.26 14.00 4.84
N MET E 141 35.66 14.10 3.64
CA MET E 141 34.22 13.87 3.45
C MET E 141 33.81 12.49 3.95
N LEU E 142 34.64 11.48 3.66
CA LEU E 142 34.39 10.12 4.12
C LEU E 142 34.42 10.08 5.66
N GLU E 143 35.34 10.85 6.25
CA GLU E 143 35.38 10.98 7.71
C GLU E 143 34.07 11.52 8.25
N VAL E 144 33.62 12.67 7.75
CA VAL E 144 32.41 13.32 8.26
C VAL E 144 31.14 12.49 8.02
N MET E 145 31.08 11.81 6.89
CA MET E 145 30.02 10.85 6.62
C MET E 145 29.94 9.79 7.72
N GLU E 146 31.05 9.06 7.88
CA GLU E 146 31.17 8.08 8.96
C GLU E 146 30.81 8.63 10.34
N LYS E 147 31.18 9.88 10.60
CA LYS E 147 30.91 10.54 11.89
C LYS E 147 29.43 10.73 12.09
N ILE E 148 28.76 11.18 11.03
CA ILE E 148 27.33 11.40 11.12
C ILE E 148 26.68 10.06 11.36
N TYR E 149 27.05 9.05 10.59
CA TYR E 149 26.47 7.73 10.83
C TYR E 149 26.61 7.24 12.28
N GLU E 150 27.81 7.35 12.85
CA GLU E 150 28.04 6.92 14.23
C GLU E 150 27.23 7.75 15.25
N ARG E 151 27.44 9.06 15.26
CA ARG E 151 26.69 9.94 16.16
C ARG E 151 25.17 9.82 16.02
N LEU E 152 24.68 9.37 14.87
CA LEU E 152 23.25 9.24 14.68
C LEU E 152 22.70 7.92 15.18
N MET E 153 23.41 6.82 14.93
CA MET E 153 22.92 5.50 15.30
C MET E 153 22.50 5.42 16.76
N GLU E 154 23.10 6.29 17.57
CA GLU E 154 22.80 6.34 18.99
C GLU E 154 21.33 6.64 19.31
N PHE E 155 20.59 7.16 18.33
CA PHE E 155 19.21 7.56 18.58
C PHE E 155 18.20 6.56 18.03
N THR E 156 18.68 5.47 17.44
CA THR E 156 17.81 4.44 16.87
C THR E 156 17.00 3.70 17.95
N THR E 157 17.53 3.71 19.17
CA THR E 157 16.85 3.17 20.36
C THR E 157 15.42 3.70 20.51
N PHE E 158 15.29 5.03 20.60
CA PHE E 158 14.00 5.73 20.61
C PHE E 158 13.02 5.13 19.61
N PRO E 159 11.72 5.15 19.95
CA PRO E 159 10.72 4.51 19.08
C PRO E 159 10.57 5.29 17.81
N ASP E 160 9.58 4.97 16.99
CA ASP E 160 9.29 5.86 15.88
C ASP E 160 8.62 7.10 16.45
N LYS E 161 7.54 7.55 15.81
CA LYS E 161 6.82 8.72 16.28
C LYS E 161 7.75 9.91 16.50
N LEU E 162 8.55 9.83 17.56
CA LEU E 162 9.49 10.88 17.95
C LEU E 162 10.62 11.11 16.93
N VAL E 163 10.93 10.06 16.18
CA VAL E 163 12.15 10.00 15.37
C VAL E 163 11.83 9.76 13.88
N SER E 164 10.75 9.00 13.64
CA SER E 164 10.25 8.67 12.31
C SER E 164 11.30 8.12 11.32
N GLY E 165 11.90 8.99 10.53
CA GLY E 165 12.70 8.56 9.42
C GLY E 165 13.88 7.71 9.80
N LEU E 166 14.52 8.07 10.92
CA LEU E 166 15.91 7.63 11.25
C LEU E 166 16.41 6.28 10.76
N ARG E 167 15.89 5.17 11.28
CA ARG E 167 16.44 3.84 10.97
C ARG E 167 16.66 3.60 9.49
N LYS E 168 15.59 3.68 8.71
CA LYS E 168 15.72 3.57 7.26
C LYS E 168 16.80 4.51 6.65
N LYS E 169 16.76 5.81 6.97
CA LYS E 169 17.72 6.77 6.43
C LYS E 169 19.18 6.43 6.79
N LEU E 170 19.38 5.77 7.94
CA LEU E 170 20.72 5.38 8.35
C LEU E 170 21.17 4.12 7.67
N ASP E 171 20.26 3.21 7.34
CA ASP E 171 20.70 2.06 6.54
C ASP E 171 21.02 2.48 5.11
N VAL E 172 20.28 3.48 4.66
CA VAL E 172 20.56 4.17 3.41
C VAL E 172 21.99 4.75 3.46
N ALA E 173 22.23 5.62 4.44
CA ALA E 173 23.51 6.29 4.55
C ALA E 173 24.61 5.25 4.65
N ARG E 174 24.33 4.16 5.36
CA ARG E 174 25.27 3.05 5.50
C ARG E 174 25.72 2.50 4.14
N GLY E 175 24.78 1.90 3.39
CA GLY E 175 25.12 1.41 2.06
C GLY E 175 25.85 2.43 1.19
N GLY E 176 25.49 3.70 1.39
CA GLY E 176 26.18 4.79 0.72
C GLY E 176 27.64 4.91 1.11
N ILE E 177 27.91 4.72 2.40
CA ILE E 177 29.27 4.76 2.93
C ILE E 177 30.12 3.61 2.40
N GLU E 178 29.57 2.40 2.42
CA GLU E 178 30.24 1.27 1.75
C GLU E 178 30.61 1.55 0.31
N ARG E 179 29.68 2.13 -0.45
CA ARG E 179 29.99 2.46 -1.83
C ARG E 179 31.08 3.54 -2.02
N THR E 180 30.96 4.63 -1.26
CA THR E 180 31.96 5.70 -1.28
C THR E 180 33.34 5.10 -1.01
N LYS E 181 33.38 4.15 -0.07
CA LYS E 181 34.64 3.48 0.23
C LYS E 181 35.12 2.63 -0.95
N SER E 182 34.33 1.67 -1.40
CA SER E 182 34.73 0.84 -2.53
C SER E 182 35.32 1.67 -3.65
N ASP E 183 34.64 2.78 -3.93
CA ASP E 183 35.07 3.74 -4.94
C ASP E 183 36.42 4.36 -4.57
N TYR E 184 36.61 4.66 -3.28
CA TYR E 184 37.90 5.17 -2.82
C TYR E 184 39.04 4.17 -3.06
N ILE E 185 38.75 2.90 -2.88
CA ILE E 185 39.75 1.86 -3.13
C ILE E 185 40.08 1.71 -4.61
N ALA E 186 39.05 1.59 -5.46
CA ALA E 186 39.36 1.46 -6.89
C ALA E 186 39.95 2.76 -7.42
N ALA E 187 39.79 3.83 -6.65
CA ALA E 187 40.37 5.12 -7.00
C ALA E 187 41.87 5.12 -6.85
N LYS E 188 42.35 4.32 -5.91
CA LYS E 188 43.78 4.21 -5.65
C LYS E 188 44.41 3.24 -6.64
N VAL E 189 44.36 3.64 -7.90
CA VAL E 189 45.23 3.09 -8.91
C VAL E 189 45.95 4.35 -9.42
N ALA E 190 46.35 5.16 -8.43
CA ALA E 190 47.17 6.34 -8.59
C ALA E 190 47.46 6.91 -7.20
N ARG E 191 48.42 6.37 -6.42
CA ARG E 191 49.40 5.30 -6.75
C ARG E 191 50.24 5.52 -8.02
N LEU E 192 49.87 4.85 -9.11
CA LEU E 192 50.53 5.02 -10.39
C LEU E 192 50.28 6.45 -10.90
N ASN E 193 50.88 6.80 -12.04
CA ASN E 193 50.81 8.15 -12.60
C ASN E 193 51.40 9.20 -11.65
N MET F 4 -23.09 17.19 -28.66
CA MET F 4 -23.94 17.11 -27.48
C MET F 4 -23.19 16.51 -26.29
N ARG F 5 -22.64 17.41 -25.46
CA ARG F 5 -21.71 17.12 -24.34
C ARG F 5 -21.35 15.67 -24.00
N LEU F 6 -22.34 14.79 -23.85
CA LEU F 6 -22.04 13.38 -23.57
C LEU F 6 -21.56 12.70 -24.83
N GLU F 7 -22.09 13.16 -25.96
CA GLU F 7 -21.71 12.59 -27.24
C GLU F 7 -20.37 13.08 -27.77
N GLU F 8 -20.07 14.37 -27.56
CA GLU F 8 -18.73 14.90 -27.84
C GLU F 8 -17.70 14.12 -27.03
N CYS F 9 -17.98 14.00 -25.73
CA CYS F 9 -17.07 13.31 -24.82
C CYS F 9 -16.87 11.86 -25.22
N ARG F 10 -17.93 11.14 -25.60
CA ARG F 10 -17.71 9.77 -26.08
C ARG F 10 -16.87 9.74 -27.35
N LYS F 11 -17.14 10.66 -28.27
CA LYS F 11 -16.37 10.74 -29.49
C LYS F 11 -14.89 10.85 -29.14
N ARG F 12 -14.54 11.97 -28.52
CA ARG F 12 -13.17 12.26 -28.10
C ARG F 12 -12.56 11.10 -27.34
N LEU F 13 -13.38 10.39 -26.56
CA LEU F 13 -12.91 9.20 -25.87
C LEU F 13 -12.42 8.14 -26.86
N GLU F 14 -13.28 7.79 -27.81
CA GLU F 14 -12.93 6.78 -28.80
C GLU F 14 -11.68 7.19 -29.59
N GLU F 15 -11.65 8.45 -30.00
CA GLU F 15 -10.47 9.00 -30.66
C GLU F 15 -9.22 8.74 -29.82
N LEU F 16 -9.29 9.12 -28.54
CA LEU F 16 -8.13 9.07 -27.66
C LEU F 16 -7.62 7.65 -27.45
N GLU F 17 -8.53 6.71 -27.21
CA GLU F 17 -8.09 5.33 -27.04
C GLU F 17 -7.39 4.84 -28.30
N ALA F 18 -8.00 5.12 -29.44
CA ALA F 18 -7.39 4.77 -30.72
C ALA F 18 -5.96 5.34 -30.87
N ALA F 19 -5.85 6.65 -30.64
CA ALA F 19 -4.59 7.37 -30.72
C ALA F 19 -3.55 6.72 -29.82
N ARG F 20 -4.01 6.29 -28.65
CA ARG F 20 -3.14 5.60 -27.72
C ARG F 20 -2.61 4.33 -28.33
N GLU F 21 -3.49 3.46 -28.84
CA GLU F 21 -3.03 2.21 -29.47
C GLU F 21 -1.95 2.47 -30.51
N GLU F 22 -2.25 3.41 -31.41
CA GLU F 22 -1.32 3.76 -32.48
C GLU F 22 0.02 4.28 -31.96
N LEU F 23 -0.02 5.40 -31.23
CA LEU F 23 1.17 5.98 -30.61
C LEU F 23 2.02 4.90 -29.96
N LEU F 24 1.40 4.04 -29.16
CA LEU F 24 2.12 2.97 -28.47
C LEU F 24 2.85 2.07 -29.44
N LYS F 25 2.15 1.62 -30.48
CA LYS F 25 2.83 0.74 -31.46
C LYS F 25 4.00 1.44 -32.16
N VAL F 26 3.78 2.69 -32.55
CA VAL F 26 4.80 3.41 -33.29
C VAL F 26 6.03 3.71 -32.46
N LEU F 27 5.77 4.17 -31.24
CA LEU F 27 6.80 4.42 -30.26
C LEU F 27 7.61 3.16 -30.08
N ARG F 28 6.91 2.04 -29.89
CA ARG F 28 7.54 0.73 -29.79
C ARG F 28 8.53 0.51 -30.95
N GLU F 29 8.06 0.73 -32.17
CA GLU F 29 8.90 0.59 -33.34
C GLU F 29 10.17 1.39 -33.25
N MET F 30 9.99 2.69 -33.06
CA MET F 30 11.09 3.61 -32.93
C MET F 30 12.08 3.01 -31.92
N ARG F 31 11.54 2.43 -30.85
CA ARG F 31 12.43 1.91 -29.83
C ARG F 31 13.20 0.69 -30.29
N ILE F 32 12.52 -0.23 -30.98
CA ILE F 32 13.13 -1.48 -31.43
C ILE F 32 14.32 -1.14 -32.30
N HIS F 33 14.15 -0.12 -33.11
CA HIS F 33 15.27 0.32 -33.91
C HIS F 33 16.37 1.00 -33.09
N SER F 34 15.98 1.79 -32.08
CA SER F 34 16.96 2.46 -31.24
C SER F 34 17.91 1.42 -30.61
N THR F 35 17.30 0.44 -29.95
CA THR F 35 18.04 -0.64 -29.33
C THR F 35 18.88 -1.39 -30.39
N LYS F 36 18.25 -1.80 -31.49
CA LYS F 36 18.94 -2.58 -32.53
C LYS F 36 20.19 -1.85 -32.96
N SER F 37 20.05 -0.54 -33.08
CA SER F 37 21.12 0.37 -33.44
C SER F 37 22.29 0.26 -32.46
N ILE F 38 22.00 0.44 -31.18
CA ILE F 38 23.07 0.42 -30.16
C ILE F 38 23.81 -0.92 -30.11
N ALA F 39 23.04 -2.00 -30.28
CA ALA F 39 23.62 -3.33 -30.38
C ALA F 39 24.58 -3.41 -31.55
N LEU F 40 24.15 -2.87 -32.69
CA LEU F 40 24.99 -2.86 -33.88
C LEU F 40 26.27 -2.13 -33.61
N ILE F 41 26.21 -0.94 -33.02
CA ILE F 41 27.41 -0.20 -32.73
C ILE F 41 28.34 -1.02 -31.85
N HIS F 42 27.76 -1.68 -30.86
CA HIS F 42 28.59 -2.52 -29.97
C HIS F 42 29.22 -3.70 -30.70
N ALA F 43 28.60 -4.11 -31.82
CA ALA F 43 29.12 -5.19 -32.64
C ALA F 43 30.23 -4.71 -33.55
N GLY F 44 30.22 -3.42 -33.86
CA GLY F 44 31.12 -2.88 -34.85
C GLY F 44 30.40 -2.41 -36.12
N LYS F 45 29.42 -3.21 -36.58
CA LYS F 45 28.63 -2.88 -37.76
C LYS F 45 28.02 -1.46 -37.77
N VAL F 46 28.88 -0.44 -37.77
CA VAL F 46 28.44 0.94 -37.65
C VAL F 46 27.58 1.38 -38.83
N GLU F 47 27.72 0.69 -39.96
CA GLU F 47 26.92 1.03 -41.11
C GLU F 47 25.45 0.74 -40.83
N GLU F 48 25.18 -0.53 -40.54
CA GLU F 48 23.82 -0.97 -40.24
C GLU F 48 23.29 -0.22 -39.03
N ALA F 49 24.18 0.10 -38.08
CA ALA F 49 23.83 0.97 -36.98
C ALA F 49 23.19 2.26 -37.51
N GLU F 50 23.93 2.95 -38.37
CA GLU F 50 23.49 4.21 -38.96
C GLU F 50 22.14 4.03 -39.68
N GLN F 51 21.95 2.87 -40.30
CA GLN F 51 20.68 2.59 -40.98
C GLN F 51 19.52 2.51 -40.01
N GLU F 52 19.73 1.79 -38.92
CA GLU F 52 18.68 1.61 -37.92
C GLU F 52 18.28 2.95 -37.31
N LEU F 53 19.30 3.75 -36.99
CA LEU F 53 19.09 5.14 -36.62
C LEU F 53 18.16 5.83 -37.63
N LYS F 54 18.53 5.76 -38.90
CA LYS F 54 17.68 6.30 -39.95
C LYS F 54 16.21 5.88 -39.74
N LYS F 55 15.92 4.57 -39.79
CA LYS F 55 14.55 4.06 -39.68
C LYS F 55 13.81 4.67 -38.50
N ALA F 56 14.53 4.72 -37.37
CA ALA F 56 13.96 5.29 -36.16
C ALA F 56 13.58 6.77 -36.31
N ILE F 57 14.49 7.55 -36.89
CA ILE F 57 14.25 8.98 -37.01
C ILE F 57 13.16 9.25 -38.02
N GLU F 58 12.93 8.29 -38.90
CA GLU F 58 11.79 8.34 -39.77
C GLU F 58 10.53 8.19 -38.93
N LEU F 59 10.52 7.19 -38.07
CA LEU F 59 9.41 7.02 -37.13
C LEU F 59 9.04 8.27 -36.29
N LEU F 60 10.05 9.01 -35.85
CA LEU F 60 9.79 10.24 -35.09
C LEU F 60 8.80 11.19 -35.76
N GLU F 61 8.68 11.11 -37.08
CA GLU F 61 7.70 11.90 -37.79
C GLU F 61 6.27 11.47 -37.43
N LYS F 62 6.00 10.19 -37.67
CA LYS F 62 4.72 9.58 -37.32
C LYS F 62 4.36 9.90 -35.87
N VAL F 63 5.35 9.83 -34.98
CA VAL F 63 5.13 10.15 -33.57
C VAL F 63 4.79 11.62 -33.31
N LYS F 64 5.59 12.53 -33.87
CA LYS F 64 5.35 13.98 -33.70
C LYS F 64 3.96 14.34 -34.18
N ALA F 65 3.45 13.52 -35.11
CA ALA F 65 2.11 13.71 -35.66
C ALA F 65 1.00 13.67 -34.60
N TYR F 66 1.34 13.26 -33.38
CA TYR F 66 0.34 13.09 -32.34
C TYR F 66 0.30 14.20 -31.30
N ARG F 67 1.21 15.17 -31.37
CA ARG F 67 1.23 16.23 -30.34
C ARG F 67 0.01 17.15 -30.42
N GLU F 68 -0.98 16.76 -31.24
CA GLU F 68 -2.29 17.42 -31.31
C GLU F 68 -3.22 16.83 -30.25
N TYR F 69 -2.83 15.68 -29.72
CA TYR F 69 -3.42 15.14 -28.50
C TYR F 69 -2.38 15.26 -27.38
N PRO F 70 -2.26 16.45 -26.76
CA PRO F 70 -1.24 16.67 -25.73
C PRO F 70 -1.48 15.76 -24.53
N GLU F 71 -2.74 15.48 -24.20
CA GLU F 71 -3.03 14.41 -23.25
C GLU F 71 -2.64 13.14 -23.96
N ILE F 72 -1.95 12.26 -23.23
CA ILE F 72 -1.31 11.04 -23.74
C ILE F 72 0.08 11.24 -24.40
N TYR F 73 0.24 12.31 -25.17
CA TYR F 73 1.50 12.52 -25.88
C TYR F 73 2.69 12.77 -24.97
N PHE F 74 2.52 13.60 -23.96
CA PHE F 74 3.67 13.97 -23.13
C PHE F 74 3.87 12.99 -21.97
N TYR F 75 2.83 12.23 -21.66
CA TYR F 75 3.00 11.08 -20.78
C TYR F 75 3.81 10.02 -21.49
N LEU F 76 3.18 9.34 -22.44
CA LEU F 76 3.74 8.14 -23.05
C LEU F 76 5.09 8.28 -23.78
N CYS F 77 5.40 9.48 -24.28
CA CYS F 77 6.51 9.66 -25.23
C CYS F 77 7.92 9.46 -24.70
N ASN F 78 8.11 9.72 -23.42
CA ASN F 78 9.45 9.83 -22.86
C ASN F 78 10.45 8.72 -23.21
N ASP F 79 10.17 7.49 -22.80
CA ASP F 79 11.10 6.39 -23.01
C ASP F 79 11.73 6.35 -24.40
N ALA F 80 10.89 6.09 -25.40
CA ALA F 80 11.35 5.94 -26.78
C ALA F 80 12.24 7.10 -27.27
N MET F 81 11.76 8.32 -27.05
CA MET F 81 12.47 9.50 -27.48
C MET F 81 13.84 9.53 -26.84
N GLN F 82 13.81 9.40 -25.53
CA GLN F 82 14.99 9.45 -24.69
C GLN F 82 16.06 8.46 -25.18
N GLU F 83 15.60 7.26 -25.51
CA GLU F 83 16.45 6.17 -25.98
C GLU F 83 17.01 6.43 -27.37
N LEU F 84 16.22 7.12 -28.19
CA LEU F 84 16.67 7.59 -29.50
C LEU F 84 17.85 8.55 -29.36
N VAL F 85 17.64 9.64 -28.62
CA VAL F 85 18.72 10.56 -28.30
C VAL F 85 19.95 9.82 -27.79
N GLU F 86 19.73 8.77 -27.00
CA GLU F 86 20.86 7.92 -26.54
C GLU F 86 21.61 7.28 -27.71
N ALA F 87 20.88 6.62 -28.59
CA ALA F 87 21.49 5.94 -29.73
C ALA F 87 22.27 6.91 -30.57
N ILE F 88 21.64 8.03 -30.87
CA ILE F 88 22.27 9.05 -31.68
C ILE F 88 23.55 9.52 -31.05
N ALA F 89 23.45 10.05 -29.84
CA ALA F 89 24.62 10.59 -29.14
C ALA F 89 25.75 9.56 -29.03
N PHE F 90 25.37 8.30 -28.80
CA PHE F 90 26.32 7.19 -28.71
C PHE F 90 27.10 7.05 -29.99
N LYS F 91 26.37 6.83 -31.09
CA LYS F 91 26.97 6.68 -32.41
C LYS F 91 27.86 7.87 -32.78
N ASN F 92 27.39 9.09 -32.54
CA ASN F 92 28.23 10.28 -32.72
C ASN F 92 29.53 10.21 -31.94
N ALA F 93 29.44 9.85 -30.66
CA ALA F 93 30.63 9.76 -29.81
C ALA F 93 31.64 8.78 -30.36
N ILE F 94 31.18 7.62 -30.85
CA ILE F 94 32.13 6.61 -31.35
C ILE F 94 32.62 6.87 -32.76
N SER F 95 31.97 7.80 -33.46
CA SER F 95 32.49 8.24 -34.75
C SER F 95 33.36 9.48 -34.66
N GLY F 96 33.79 9.83 -33.46
CA GLY F 96 34.64 11.00 -33.25
C GLY F 96 33.90 12.31 -33.47
N GLU F 97 32.67 12.18 -33.93
CA GLU F 97 31.86 13.31 -34.27
C GLU F 97 30.82 13.52 -33.18
N PHE F 98 31.24 13.60 -31.92
CA PHE F 98 30.25 13.78 -30.86
C PHE F 98 29.85 15.22 -30.68
N THR F 99 28.53 15.49 -30.70
CA THR F 99 28.03 16.82 -30.37
C THR F 99 26.74 16.83 -29.56
N PHE F 100 26.51 17.98 -28.90
CA PHE F 100 25.28 18.23 -28.15
C PHE F 100 24.22 18.79 -29.07
N GLU F 101 24.58 18.90 -30.35
CA GLU F 101 23.75 19.63 -31.30
C GLU F 101 22.87 18.74 -32.15
N ILE F 102 22.36 17.68 -31.51
CA ILE F 102 21.26 16.89 -32.04
C ILE F 102 20.03 17.78 -32.08
N ASP F 103 19.27 17.72 -33.16
CA ASP F 103 18.06 18.53 -33.20
C ASP F 103 16.83 17.65 -33.39
N LEU F 104 16.04 17.48 -32.35
CA LEU F 104 14.80 16.75 -32.54
C LEU F 104 13.68 17.43 -31.78
N GLU F 105 12.45 17.25 -32.26
CA GLU F 105 11.29 17.72 -31.54
C GLU F 105 11.05 16.79 -30.35
N VAL F 106 11.72 17.09 -29.22
CA VAL F 106 11.85 16.16 -28.09
C VAL F 106 11.84 16.87 -26.72
N THR F 107 11.10 16.32 -25.76
CA THR F 107 10.99 16.92 -24.41
C THR F 107 12.34 16.94 -23.66
N PRO F 108 12.66 18.07 -23.01
CA PRO F 108 13.98 18.31 -22.39
C PRO F 108 14.45 17.22 -21.42
N ALA F 109 13.53 16.68 -20.62
CA ALA F 109 13.85 15.52 -19.83
C ALA F 109 14.39 14.47 -20.74
N ALA F 110 13.66 14.09 -21.78
CA ALA F 110 14.08 13.03 -22.68
C ALA F 110 15.47 13.27 -23.24
N PHE F 111 15.75 14.54 -23.53
CA PHE F 111 17.03 14.96 -24.11
C PHE F 111 18.21 14.73 -23.16
N LEU F 112 18.16 15.45 -22.04
CA LEU F 112 19.17 15.33 -20.98
C LEU F 112 19.37 13.87 -20.59
N ASN F 113 18.26 13.20 -20.32
CA ASN F 113 18.32 11.79 -19.94
C ASN F 113 18.94 10.93 -21.02
N GLY F 114 18.75 11.31 -22.27
CA GLY F 114 19.33 10.58 -23.38
C GLY F 114 20.84 10.65 -23.36
N PHE F 115 21.37 11.84 -23.10
CA PHE F 115 22.81 11.95 -23.02
C PHE F 115 23.36 11.16 -21.84
N ALA F 116 22.76 11.38 -20.68
CA ALA F 116 23.18 10.66 -19.47
C ALA F 116 23.23 9.19 -19.77
N ASP F 117 22.09 8.65 -20.21
CA ASP F 117 21.96 7.26 -20.61
C ASP F 117 23.05 6.79 -21.58
N ALA F 118 23.45 7.65 -22.50
CA ALA F 118 24.53 7.29 -23.43
C ALA F 118 25.81 7.01 -22.70
N VAL F 119 26.12 7.81 -21.68
CA VAL F 119 27.35 7.58 -20.87
C VAL F 119 27.63 6.13 -20.40
N GLY F 120 26.61 5.39 -20.01
CA GLY F 120 26.83 4.02 -19.62
C GLY F 120 27.21 3.15 -20.80
N GLU F 121 26.63 3.45 -21.94
CA GLU F 121 26.93 2.71 -23.16
C GLU F 121 28.36 3.01 -23.62
N LEU F 122 28.79 4.27 -23.45
CA LEU F 122 30.18 4.63 -23.69
C LEU F 122 31.12 3.87 -22.79
N ARG F 123 30.86 3.87 -21.47
CA ARG F 123 31.70 3.11 -20.55
C ARG F 123 31.79 1.64 -20.97
N ARG F 124 30.66 0.98 -21.21
CA ARG F 124 30.71 -0.39 -21.74
C ARG F 124 31.62 -0.56 -22.98
N TYR F 125 31.44 0.28 -23.99
CA TYR F 125 32.28 0.25 -25.19
C TYR F 125 33.77 0.42 -24.82
N ALA F 126 34.04 1.32 -23.86
CA ALA F 126 35.40 1.71 -23.51
C ALA F 126 36.13 0.61 -22.78
N LEU F 127 35.41 -0.04 -21.89
CA LEU F 127 35.89 -1.27 -21.29
C LEU F 127 36.17 -2.31 -22.38
N THR F 128 35.16 -2.67 -23.18
CA THR F 128 35.35 -3.72 -24.19
C THR F 128 36.52 -3.47 -25.16
N LYS F 129 36.77 -2.19 -25.51
CA LYS F 129 37.96 -1.85 -26.30
C LYS F 129 39.20 -2.07 -25.45
N LEU F 130 39.23 -1.45 -24.27
CA LEU F 130 40.35 -1.49 -23.36
C LEU F 130 40.75 -2.94 -23.03
N ILE F 131 39.85 -3.87 -23.32
CA ILE F 131 40.11 -5.30 -23.14
C ILE F 131 40.81 -5.79 -24.38
N GLU F 132 40.38 -5.28 -25.53
CA GLU F 132 40.99 -5.65 -26.81
C GLU F 132 42.25 -4.83 -27.11
N GLY F 133 42.72 -4.07 -26.12
CA GLY F 133 43.94 -3.28 -26.26
C GLY F 133 43.76 -1.82 -26.62
N ASP F 134 42.89 -1.53 -27.60
CA ASP F 134 42.64 -0.20 -28.12
C ASP F 134 42.60 0.93 -27.08
N PHE F 135 43.72 1.21 -26.43
CA PHE F 135 43.81 2.25 -25.39
C PHE F 135 43.32 3.59 -25.87
N LYS F 136 43.50 3.82 -27.17
CA LYS F 136 43.06 5.04 -27.83
C LYS F 136 41.56 5.22 -27.66
N SER F 137 40.81 4.31 -28.29
CA SER F 137 39.35 4.38 -28.35
C SER F 137 38.86 4.63 -26.96
N ALA F 138 39.37 3.82 -26.03
CA ALA F 138 39.06 3.98 -24.63
C ALA F 138 39.19 5.45 -24.22
N GLU F 139 40.41 5.99 -24.30
CA GLU F 139 40.61 7.34 -23.78
C GLU F 139 39.68 8.39 -24.40
N ARG F 140 39.37 8.22 -25.68
CA ARG F 140 38.50 9.20 -26.37
C ARG F 140 37.08 9.06 -25.82
N MET F 141 36.71 7.83 -25.52
CA MET F 141 35.43 7.54 -24.90
C MET F 141 35.32 8.16 -23.52
N LEU F 142 36.33 7.98 -22.70
CA LEU F 142 36.34 8.60 -21.39
C LEU F 142 36.16 10.09 -21.54
N GLU F 143 36.81 10.67 -22.56
CA GLU F 143 36.73 12.12 -22.82
C GLU F 143 35.30 12.60 -23.06
N VAL F 144 34.60 11.94 -23.99
CA VAL F 144 33.22 12.34 -24.25
C VAL F 144 32.37 12.08 -23.01
N MET F 145 32.66 10.99 -22.29
CA MET F 145 31.99 10.68 -21.03
C MET F 145 32.05 11.88 -20.08
N GLU F 146 33.26 12.28 -19.70
CA GLU F 146 33.44 13.44 -18.83
C GLU F 146 32.76 14.68 -19.37
N LYS F 147 32.81 14.87 -20.69
CA LYS F 147 32.14 16.02 -21.31
C LYS F 147 30.67 16.02 -20.97
N ILE F 148 29.97 14.99 -21.41
CA ILE F 148 28.55 14.83 -21.10
C ILE F 148 28.21 15.05 -19.64
N TYR F 149 28.91 14.35 -18.73
CA TYR F 149 28.66 14.56 -17.29
C TYR F 149 28.81 16.03 -16.87
N GLU F 150 29.89 16.65 -17.33
CA GLU F 150 30.24 17.99 -16.90
C GLU F 150 29.27 19.05 -17.37
N ARG F 151 28.78 18.91 -18.61
CA ARG F 151 27.86 19.89 -19.13
C ARG F 151 26.49 19.66 -18.54
N LEU F 152 26.15 18.37 -18.44
CA LEU F 152 24.83 17.98 -18.00
C LEU F 152 24.54 18.34 -16.56
N MET F 153 25.55 18.28 -15.70
CA MET F 153 25.36 18.53 -14.26
C MET F 153 24.76 19.89 -13.88
N GLU F 154 24.80 20.87 -14.78
CA GLU F 154 24.26 22.17 -14.42
C GLU F 154 22.75 22.24 -14.62
N PHE F 155 22.17 21.14 -15.09
CA PHE F 155 20.71 21.06 -15.30
C PHE F 155 19.98 20.47 -14.13
N THR F 156 20.72 20.06 -13.10
CA THR F 156 20.11 19.44 -11.95
C THR F 156 19.86 20.46 -10.86
N THR F 157 19.89 21.73 -11.25
CA THR F 157 19.38 22.85 -10.44
C THR F 157 17.87 23.06 -10.74
N PHE F 158 17.30 22.07 -11.39
CA PHE F 158 15.93 22.14 -11.77
C PHE F 158 15.19 21.12 -10.94
N PRO F 159 13.96 21.47 -10.54
CA PRO F 159 13.16 20.60 -9.70
C PRO F 159 12.90 19.30 -10.44
N ASP F 160 13.08 18.18 -9.74
CA ASP F 160 13.10 16.84 -10.33
C ASP F 160 11.92 16.52 -11.23
N LYS F 161 10.79 17.14 -10.95
CA LYS F 161 9.60 16.84 -11.71
C LYS F 161 9.74 17.28 -13.18
N LEU F 162 10.57 18.29 -13.41
CA LEU F 162 10.82 18.80 -14.75
C LEU F 162 11.91 18.04 -15.45
N VAL F 163 12.64 17.25 -14.68
CA VAL F 163 13.94 16.75 -15.10
C VAL F 163 14.08 15.25 -14.83
N SER F 164 13.19 14.71 -13.99
CA SER F 164 13.12 13.28 -13.72
C SER F 164 14.46 12.61 -13.42
N GLY F 165 14.67 11.44 -14.04
CA GLY F 165 15.72 10.52 -13.64
C GLY F 165 17.16 11.00 -13.79
N LEU F 166 17.31 12.22 -14.28
CA LEU F 166 18.59 12.79 -14.61
C LEU F 166 19.56 12.57 -13.47
N ARG F 167 19.16 13.02 -12.28
CA ARG F 167 20.04 12.91 -11.13
C ARG F 167 20.58 11.50 -11.00
N LYS F 168 19.68 10.52 -10.95
CA LYS F 168 20.10 9.14 -10.75
C LYS F 168 21.07 8.74 -11.85
N LYS F 169 20.73 9.09 -13.07
CA LYS F 169 21.54 8.73 -14.22
C LYS F 169 22.91 9.38 -14.13
N LEU F 170 22.93 10.63 -13.67
CA LEU F 170 24.21 11.32 -13.51
C LEU F 170 25.00 10.67 -12.42
N ASP F 171 24.31 10.27 -11.34
CA ASP F 171 24.94 9.47 -10.30
C ASP F 171 25.60 8.29 -11.00
N VAL F 172 24.81 7.50 -11.71
CA VAL F 172 25.32 6.31 -12.36
C VAL F 172 26.51 6.72 -13.19
N ALA F 173 26.32 7.79 -13.96
CA ALA F 173 27.31 8.26 -14.92
C ALA F 173 28.61 8.49 -14.19
N ARG F 174 28.52 9.30 -13.13
CA ARG F 174 29.66 9.73 -12.33
C ARG F 174 30.47 8.49 -12.02
N GLY F 175 29.78 7.49 -11.48
CA GLY F 175 30.39 6.25 -11.05
C GLY F 175 31.25 5.68 -12.15
N GLY F 176 30.60 5.34 -13.27
CA GLY F 176 31.28 4.75 -14.40
C GLY F 176 32.52 5.54 -14.81
N ILE F 177 32.40 6.87 -14.81
CA ILE F 177 33.51 7.71 -15.16
C ILE F 177 34.67 7.31 -14.28
N GLU F 178 34.50 7.51 -12.96
CA GLU F 178 35.56 7.21 -11.98
C GLU F 178 36.10 5.80 -12.12
N ARG F 179 35.24 4.85 -12.50
CA ARG F 179 35.70 3.49 -12.54
C ARG F 179 36.47 3.31 -13.80
N THR F 180 35.96 3.84 -14.91
CA THR F 180 36.64 3.63 -16.20
C THR F 180 38.07 4.18 -16.14
N LYS F 181 38.22 5.35 -15.54
CA LYS F 181 39.54 5.87 -15.24
C LYS F 181 40.43 4.80 -14.65
N SER F 182 40.07 4.29 -13.48
CA SER F 182 40.74 3.15 -12.87
C SER F 182 41.11 2.18 -13.96
N ASP F 183 40.09 1.59 -14.57
CA ASP F 183 40.30 0.51 -15.52
C ASP F 183 41.38 0.88 -16.54
N TYR F 184 41.27 2.08 -17.09
CA TYR F 184 42.25 2.60 -18.03
C TYR F 184 43.66 2.37 -17.48
N ILE F 185 43.96 3.06 -16.37
CA ILE F 185 45.25 2.94 -15.70
C ILE F 185 45.66 1.48 -15.46
N ALA F 186 44.71 0.65 -15.03
CA ALA F 186 45.06 -0.71 -14.68
C ALA F 186 45.53 -1.44 -15.92
N ALA F 187 44.86 -1.21 -17.04
CA ALA F 187 45.28 -1.86 -18.27
C ALA F 187 46.66 -1.35 -18.71
N LYS F 188 46.97 -0.08 -18.41
CA LYS F 188 48.26 0.52 -18.76
C LYS F 188 49.42 -0.26 -18.14
N VAL F 189 49.37 -0.43 -16.82
CA VAL F 189 50.37 -1.25 -16.15
C VAL F 189 50.22 -2.72 -16.56
N ALA F 190 49.02 -3.12 -16.95
CA ALA F 190 48.80 -4.51 -17.35
C ALA F 190 49.61 -4.81 -18.59
N ARG F 191 49.60 -3.85 -19.52
CA ARG F 191 50.30 -3.99 -20.79
C ARG F 191 51.58 -3.13 -20.83
N LEU F 192 52.34 -3.20 -19.75
CA LEU F 192 53.77 -2.92 -19.82
C LEU F 192 54.28 -4.30 -20.16
N ASN F 193 53.62 -5.28 -19.53
CA ASN F 193 53.93 -6.67 -19.72
C ASN F 193 52.93 -7.28 -20.71
N MET G 4 -26.15 -31.82 -9.14
CA MET G 4 -26.46 -30.45 -8.76
C MET G 4 -25.26 -29.51 -8.94
N ARG G 5 -25.44 -28.48 -9.77
CA ARG G 5 -24.39 -27.53 -10.10
C ARG G 5 -23.65 -27.04 -8.86
N LEU G 6 -24.34 -26.90 -7.75
CA LEU G 6 -23.67 -26.53 -6.50
C LEU G 6 -22.74 -27.61 -6.03
N GLU G 7 -23.18 -28.86 -6.15
CA GLU G 7 -22.35 -29.97 -5.74
C GLU G 7 -21.21 -30.22 -6.74
N GLU G 8 -21.48 -29.93 -8.00
CA GLU G 8 -20.43 -29.97 -8.98
C GLU G 8 -19.33 -28.97 -8.59
N CYS G 9 -19.69 -27.70 -8.41
CA CYS G 9 -18.69 -26.69 -8.10
C CYS G 9 -18.03 -26.96 -6.74
N ARG G 10 -18.75 -27.68 -5.86
CA ARG G 10 -18.16 -28.10 -4.60
C ARG G 10 -17.05 -29.15 -4.82
N LYS G 11 -17.38 -30.19 -5.57
CA LYS G 11 -16.44 -31.28 -5.82
C LYS G 11 -15.23 -30.69 -6.48
N ARG G 12 -15.49 -29.92 -7.54
CA ARG G 12 -14.46 -29.18 -8.25
C ARG G 12 -13.52 -28.44 -7.28
N LEU G 13 -14.11 -27.71 -6.33
CA LEU G 13 -13.32 -26.93 -5.38
C LEU G 13 -12.41 -27.81 -4.51
N GLU G 14 -12.91 -28.98 -4.10
CA GLU G 14 -12.06 -29.91 -3.33
C GLU G 14 -10.90 -30.49 -4.15
N GLU G 15 -11.23 -30.87 -5.39
CA GLU G 15 -10.21 -31.32 -6.33
C GLU G 15 -9.10 -30.30 -6.42
N LEU G 16 -9.49 -29.08 -6.78
CA LEU G 16 -8.55 -27.99 -6.90
C LEU G 16 -7.70 -27.81 -5.64
N GLU G 17 -8.30 -27.98 -4.45
CA GLU G 17 -7.53 -27.74 -3.22
C GLU G 17 -6.43 -28.78 -2.99
N ALA G 18 -6.85 -30.05 -3.02
CA ALA G 18 -5.88 -31.15 -2.91
C ALA G 18 -4.75 -30.95 -3.92
N ALA G 19 -5.16 -30.73 -5.17
CA ALA G 19 -4.27 -30.47 -6.29
C ALA G 19 -3.21 -29.45 -5.90
N ARG G 20 -3.69 -28.25 -5.58
CA ARG G 20 -2.81 -27.16 -5.18
C ARG G 20 -1.80 -27.60 -4.10
N GLU G 21 -2.27 -28.35 -3.12
CA GLU G 21 -1.37 -28.78 -2.05
C GLU G 21 -0.22 -29.64 -2.57
N GLU G 22 -0.55 -30.72 -3.28
CA GLU G 22 0.53 -31.59 -3.75
C GLU G 22 1.44 -30.90 -4.75
N LEU G 23 0.86 -30.08 -5.64
CA LEU G 23 1.64 -29.30 -6.60
C LEU G 23 2.67 -28.45 -5.87
N LEU G 24 2.25 -27.81 -4.79
CA LEU G 24 3.19 -27.12 -3.92
C LEU G 24 4.30 -28.07 -3.51
N LYS G 25 3.94 -29.26 -3.02
CA LYS G 25 4.98 -30.19 -2.56
C LYS G 25 6.02 -30.51 -3.65
N VAL G 26 5.53 -30.83 -4.84
CA VAL G 26 6.37 -31.19 -5.98
C VAL G 26 7.30 -30.06 -6.38
N LEU G 27 6.71 -28.90 -6.68
CA LEU G 27 7.49 -27.74 -7.07
C LEU G 27 8.53 -27.42 -6.01
N ARG G 28 8.13 -27.65 -4.76
CA ARG G 28 9.03 -27.47 -3.63
C ARG G 28 10.29 -28.35 -3.74
N GLU G 29 10.08 -29.67 -3.87
CA GLU G 29 11.18 -30.61 -3.97
C GLU G 29 12.08 -30.29 -5.17
N MET G 30 11.42 -29.99 -6.28
CA MET G 30 12.08 -29.60 -7.51
C MET G 30 13.05 -28.44 -7.24
N ARG G 31 12.55 -27.38 -6.63
CA ARG G 31 13.38 -26.22 -6.32
C ARG G 31 14.54 -26.56 -5.36
N ILE G 32 14.33 -27.49 -4.43
CA ILE G 32 15.42 -27.93 -3.55
C ILE G 32 16.55 -28.51 -4.40
N HIS G 33 16.15 -29.36 -5.34
CA HIS G 33 17.13 -29.99 -6.22
C HIS G 33 17.87 -28.99 -7.11
N SER G 34 17.11 -28.11 -7.76
CA SER G 34 17.69 -27.02 -8.52
C SER G 34 18.79 -26.37 -7.70
N THR G 35 18.38 -25.81 -6.56
CA THR G 35 19.30 -25.01 -5.76
C THR G 35 20.54 -25.76 -5.34
N LYS G 36 20.33 -26.95 -4.79
CA LYS G 36 21.44 -27.82 -4.41
C LYS G 36 22.41 -27.94 -5.58
N SER G 37 21.88 -28.32 -6.74
CA SER G 37 22.66 -28.40 -7.97
C SER G 37 23.55 -27.16 -8.21
N ILE G 38 22.95 -25.99 -8.11
CA ILE G 38 23.73 -24.76 -8.32
C ILE G 38 24.86 -24.60 -7.32
N ALA G 39 24.59 -24.87 -6.05
CA ALA G 39 25.64 -24.76 -5.03
C ALA G 39 26.78 -25.78 -5.25
N LEU G 40 26.41 -26.95 -5.76
CA LEU G 40 27.37 -27.99 -6.09
C LEU G 40 28.30 -27.49 -7.17
N ILE G 41 27.74 -27.11 -8.31
CA ILE G 41 28.53 -26.60 -9.42
C ILE G 41 29.44 -25.51 -8.91
N HIS G 42 28.89 -24.61 -8.11
CA HIS G 42 29.70 -23.52 -7.58
C HIS G 42 30.89 -24.04 -6.80
N ALA G 43 30.69 -25.12 -6.05
CA ALA G 43 31.76 -25.68 -5.21
C ALA G 43 32.61 -26.81 -5.87
N GLY G 44 32.26 -27.16 -7.10
CA GLY G 44 33.12 -27.98 -7.94
C GLY G 44 32.53 -29.32 -8.33
N LYS G 45 31.48 -29.72 -7.63
CA LYS G 45 31.07 -31.12 -7.65
C LYS G 45 30.05 -31.43 -8.74
N VAL G 46 30.45 -31.22 -9.97
CA VAL G 46 29.53 -31.23 -11.12
C VAL G 46 28.85 -32.56 -11.49
N GLU G 47 29.43 -33.68 -11.11
CA GLU G 47 28.76 -34.96 -11.35
C GLU G 47 27.55 -35.04 -10.43
N GLU G 48 27.79 -34.67 -9.18
CA GLU G 48 26.75 -34.62 -8.18
C GLU G 48 25.62 -33.76 -8.74
N ALA G 49 26.00 -32.55 -9.16
CA ALA G 49 25.09 -31.60 -9.78
C ALA G 49 24.24 -32.24 -10.88
N GLU G 50 24.88 -32.92 -11.85
CA GLU G 50 24.16 -33.62 -12.91
C GLU G 50 23.06 -34.49 -12.32
N GLN G 51 23.43 -35.31 -11.36
CA GLN G 51 22.46 -36.25 -10.79
C GLN G 51 21.27 -35.50 -10.21
N GLU G 52 21.56 -34.51 -9.38
CA GLU G 52 20.52 -33.64 -8.83
C GLU G 52 19.56 -33.11 -9.91
N LEU G 53 20.13 -32.47 -10.93
CA LEU G 53 19.35 -31.96 -12.05
C LEU G 53 18.47 -33.05 -12.64
N LYS G 54 18.98 -34.28 -12.68
CA LYS G 54 18.22 -35.40 -13.21
C LYS G 54 16.94 -35.60 -12.38
N LYS G 55 17.14 -35.68 -11.07
CA LYS G 55 16.02 -35.81 -10.13
C LYS G 55 14.98 -34.72 -10.45
N ALA G 56 15.48 -33.49 -10.52
CA ALA G 56 14.66 -32.33 -10.79
C ALA G 56 13.81 -32.47 -12.06
N ILE G 57 14.39 -33.02 -13.13
CA ILE G 57 13.62 -33.19 -14.38
C ILE G 57 12.50 -34.21 -14.21
N GLU G 58 12.79 -35.28 -13.46
CA GLU G 58 11.75 -36.29 -13.18
C GLU G 58 10.55 -35.65 -12.46
N LEU G 59 10.91 -34.86 -11.44
CA LEU G 59 9.93 -34.07 -10.73
C LEU G 59 9.16 -33.14 -11.68
N LEU G 60 9.83 -32.56 -12.68
CA LEU G 60 9.13 -31.75 -13.69
C LEU G 60 8.11 -32.59 -14.46
N GLU G 61 8.36 -33.88 -14.64
CA GLU G 61 7.34 -34.70 -15.27
C GLU G 61 6.11 -34.77 -14.40
N LYS G 62 6.35 -35.06 -13.12
CA LYS G 62 5.23 -35.04 -12.14
C LYS G 62 4.48 -33.70 -12.15
N VAL G 63 5.19 -32.57 -12.27
CA VAL G 63 4.55 -31.26 -12.39
C VAL G 63 3.70 -31.13 -13.66
N LYS G 64 4.28 -31.51 -14.80
CA LYS G 64 3.58 -31.40 -16.08
C LYS G 64 2.27 -32.15 -16.00
N ALA G 65 2.23 -33.20 -15.17
CA ALA G 65 0.99 -33.93 -14.91
C ALA G 65 -0.22 -33.05 -14.54
N TYR G 66 0.04 -31.94 -13.86
CA TYR G 66 -1.01 -31.11 -13.24
C TYR G 66 -1.68 -30.08 -14.14
N ARG G 67 -1.19 -29.93 -15.36
CA ARG G 67 -1.71 -28.89 -16.25
C ARG G 67 -3.16 -29.15 -16.63
N GLU G 68 -3.71 -30.24 -16.12
CA GLU G 68 -5.14 -30.55 -16.29
C GLU G 68 -6.02 -29.63 -15.45
N TYR G 69 -5.37 -28.81 -14.62
CA TYR G 69 -6.05 -27.70 -13.95
C TYR G 69 -5.25 -26.43 -14.21
N PRO G 70 -5.36 -25.85 -15.42
CA PRO G 70 -4.55 -24.67 -15.75
C PRO G 70 -4.82 -23.44 -14.87
N GLU G 71 -6.01 -23.32 -14.25
CA GLU G 71 -6.20 -22.34 -13.19
C GLU G 71 -5.44 -22.88 -12.00
N ILE G 72 -4.79 -22.00 -11.25
CA ILE G 72 -3.60 -22.33 -10.45
C ILE G 72 -2.48 -22.83 -11.40
N TYR G 73 -1.63 -23.76 -10.94
CA TYR G 73 -0.51 -24.27 -11.75
C TYR G 73 0.46 -23.16 -12.15
N PHE G 74 0.12 -22.45 -13.23
CA PHE G 74 0.93 -21.36 -13.74
C PHE G 74 1.02 -20.29 -12.66
N TYR G 75 -0.01 -20.22 -11.82
CA TYR G 75 -0.06 -19.29 -10.70
C TYR G 75 0.96 -19.62 -9.60
N LEU G 76 1.85 -20.58 -9.86
CA LEU G 76 2.81 -21.03 -8.85
C LEU G 76 4.10 -21.56 -9.45
N CYS G 77 3.98 -22.29 -10.55
CA CYS G 77 5.10 -22.97 -11.22
C CYS G 77 6.28 -22.08 -11.56
N ASN G 78 5.99 -20.95 -12.22
CA ASN G 78 6.98 -20.07 -12.82
C ASN G 78 8.33 -20.12 -12.13
N ASP G 79 8.37 -19.58 -10.90
CA ASP G 79 9.56 -19.60 -10.07
C ASP G 79 10.39 -20.86 -10.24
N ALA G 80 9.87 -21.97 -9.70
CA ALA G 80 10.48 -23.28 -9.86
C ALA G 80 11.09 -23.48 -11.26
N MET G 81 10.25 -23.41 -12.30
CA MET G 81 10.67 -23.57 -13.69
C MET G 81 11.90 -22.73 -14.04
N GLN G 82 11.85 -21.42 -13.79
CA GLN G 82 13.00 -20.56 -14.08
C GLN G 82 14.28 -21.17 -13.54
N GLU G 83 14.27 -21.50 -12.26
CA GLU G 83 15.51 -21.93 -11.63
C GLU G 83 16.01 -23.23 -12.26
N LEU G 84 15.07 -24.11 -12.64
CA LEU G 84 15.44 -25.34 -13.32
C LEU G 84 16.27 -24.92 -14.51
N VAL G 85 15.63 -24.16 -15.39
CA VAL G 85 16.32 -23.56 -16.53
C VAL G 85 17.67 -22.96 -16.12
N GLU G 86 17.65 -22.06 -15.14
CA GLU G 86 18.86 -21.38 -14.69
C GLU G 86 19.95 -22.40 -14.44
N ALA G 87 19.64 -23.33 -13.54
CA ALA G 87 20.65 -24.24 -13.05
C ALA G 87 21.21 -25.04 -14.22
N ILE G 88 20.30 -25.48 -15.09
CA ILE G 88 20.71 -26.30 -16.23
C ILE G 88 21.75 -25.54 -17.05
N ALA G 89 21.36 -24.33 -17.47
CA ALA G 89 22.23 -23.53 -18.32
C ALA G 89 23.56 -23.43 -17.59
N PHE G 90 23.50 -23.17 -16.29
CA PHE G 90 24.72 -23.01 -15.50
C PHE G 90 25.69 -24.20 -15.67
N LYS G 91 25.23 -25.44 -15.45
CA LYS G 91 26.11 -26.60 -15.64
C LYS G 91 26.66 -26.50 -17.06
N ASN G 92 25.73 -26.44 -18.02
CA ASN G 92 26.08 -26.38 -19.43
C ASN G 92 27.16 -25.34 -19.75
N ALA G 93 27.15 -24.21 -19.05
CA ALA G 93 28.07 -23.14 -19.41
C ALA G 93 29.44 -23.51 -18.88
N ILE G 94 29.50 -23.93 -17.63
CA ILE G 94 30.80 -24.18 -17.02
C ILE G 94 31.43 -25.47 -17.59
N SER G 95 30.69 -26.11 -18.50
CA SER G 95 31.12 -27.38 -19.07
C SER G 95 31.43 -27.30 -20.56
N GLY G 96 31.25 -26.11 -21.14
CA GLY G 96 31.54 -25.86 -22.55
C GLY G 96 30.39 -26.31 -23.44
N GLU G 97 29.48 -27.09 -22.86
CA GLU G 97 28.33 -27.58 -23.59
C GLU G 97 27.14 -26.62 -23.45
N PHE G 98 27.43 -25.32 -23.38
CA PHE G 98 26.38 -24.31 -23.30
C PHE G 98 25.56 -24.16 -24.58
N THR G 99 24.25 -24.09 -24.44
CA THR G 99 23.39 -23.83 -25.58
C THR G 99 22.03 -23.29 -25.15
N PHE G 100 21.40 -22.56 -26.06
CA PHE G 100 20.05 -22.06 -25.88
C PHE G 100 19.08 -23.14 -26.31
N GLU G 101 19.59 -24.34 -26.55
CA GLU G 101 18.77 -25.42 -27.08
C GLU G 101 18.25 -26.39 -26.02
N ILE G 102 17.90 -25.81 -24.88
CA ILE G 102 17.34 -26.55 -23.77
C ILE G 102 15.88 -26.89 -24.08
N ASP G 103 15.65 -28.15 -24.43
CA ASP G 103 14.34 -28.60 -24.90
C ASP G 103 13.48 -29.15 -23.75
N LEU G 104 12.87 -28.21 -23.01
CA LEU G 104 12.00 -28.53 -21.88
C LEU G 104 10.59 -28.01 -22.07
N GLU G 105 9.64 -28.59 -21.34
CA GLU G 105 8.25 -28.17 -21.41
C GLU G 105 8.01 -26.93 -20.54
N VAL G 106 8.60 -25.80 -20.94
CA VAL G 106 8.64 -24.61 -20.10
C VAL G 106 8.07 -23.34 -20.79
N THR G 107 7.54 -22.42 -19.98
CA THR G 107 6.96 -21.16 -20.46
C THR G 107 8.03 -20.17 -20.97
N PRO G 108 7.69 -19.37 -22.00
CA PRO G 108 8.65 -18.42 -22.59
C PRO G 108 9.28 -17.47 -21.56
N ALA G 109 8.46 -16.94 -20.67
CA ALA G 109 8.92 -16.00 -19.66
C ALA G 109 9.87 -16.68 -18.65
N ALA G 110 9.48 -17.88 -18.19
CA ALA G 110 10.33 -18.68 -17.32
C ALA G 110 11.68 -18.96 -17.98
N PHE G 111 11.64 -19.24 -19.28
CA PHE G 111 12.80 -19.64 -20.05
C PHE G 111 13.78 -18.47 -20.17
N LEU G 112 13.24 -17.34 -20.61
CA LEU G 112 14.06 -16.16 -20.80
C LEU G 112 14.64 -15.66 -19.48
N ASN G 113 13.83 -15.74 -18.42
CA ASN G 113 14.28 -15.22 -17.11
C ASN G 113 15.25 -16.15 -16.39
N GLY G 114 15.06 -17.46 -16.56
CA GLY G 114 16.04 -18.41 -16.10
C GLY G 114 17.36 -18.08 -16.77
N PHE G 115 17.36 -18.07 -18.10
CA PHE G 115 18.58 -17.77 -18.80
C PHE G 115 19.27 -16.48 -18.36
N ALA G 116 18.50 -15.42 -18.15
CA ALA G 116 19.11 -14.20 -17.66
C ALA G 116 19.67 -14.38 -16.24
N ASP G 117 18.95 -15.20 -15.47
CA ASP G 117 19.31 -15.43 -14.08
C ASP G 117 20.67 -16.12 -14.01
N ALA G 118 20.93 -17.01 -14.96
CA ALA G 118 22.22 -17.67 -15.06
C ALA G 118 23.41 -16.71 -15.20
N VAL G 119 23.18 -15.55 -15.79
CA VAL G 119 24.27 -14.58 -15.96
C VAL G 119 24.91 -14.23 -14.62
N GLY G 120 24.10 -13.93 -13.60
CA GLY G 120 24.62 -13.51 -12.31
C GLY G 120 25.38 -14.63 -11.65
N GLU G 121 24.89 -15.85 -11.87
CA GLU G 121 25.60 -17.06 -11.45
C GLU G 121 27.03 -17.14 -12.06
N LEU G 122 27.10 -17.00 -13.39
CA LEU G 122 28.36 -16.98 -14.10
C LEU G 122 29.27 -15.87 -13.62
N ARG G 123 28.72 -14.71 -13.28
CA ARG G 123 29.56 -13.68 -12.71
C ARG G 123 30.18 -14.21 -11.45
N ARG G 124 29.38 -14.85 -10.59
CA ARG G 124 29.96 -15.31 -9.31
C ARG G 124 31.06 -16.34 -9.55
N TYR G 125 30.79 -17.26 -10.46
CA TYR G 125 31.78 -18.26 -10.87
C TYR G 125 33.07 -17.59 -11.35
N ALA G 126 32.96 -16.78 -12.40
CA ALA G 126 34.09 -16.04 -12.96
C ALA G 126 34.84 -15.23 -11.92
N LEU G 127 34.16 -14.87 -10.84
CA LEU G 127 34.84 -14.16 -9.79
C LEU G 127 35.68 -15.12 -8.96
N THR G 128 35.08 -16.26 -8.58
CA THR G 128 35.86 -17.28 -7.86
C THR G 128 37.11 -17.74 -8.66
N LYS G 129 36.92 -18.04 -9.95
CA LYS G 129 38.03 -18.43 -10.81
C LYS G 129 39.06 -17.33 -10.85
N LEU G 130 38.62 -16.12 -11.15
CA LEU G 130 39.52 -14.95 -11.15
C LEU G 130 40.41 -14.92 -9.92
N ILE G 131 39.82 -15.18 -8.76
CA ILE G 131 40.55 -15.14 -7.49
C ILE G 131 41.45 -16.38 -7.26
N GLU G 132 41.07 -17.50 -7.88
CA GLU G 132 41.93 -18.67 -7.95
C GLU G 132 43.00 -18.48 -9.02
N GLY G 133 43.25 -17.22 -9.42
CA GLY G 133 44.20 -16.88 -10.48
C GLY G 133 43.98 -17.56 -11.82
N ASP G 134 42.85 -18.26 -11.99
CA ASP G 134 42.48 -18.88 -13.27
C ASP G 134 41.77 -17.84 -14.15
N PHE G 135 42.45 -17.35 -15.18
CA PHE G 135 41.92 -16.27 -16.02
C PHE G 135 41.15 -16.77 -17.25
N LYS G 136 41.43 -17.98 -17.71
CA LYS G 136 40.83 -18.49 -18.94
C LYS G 136 39.39 -18.91 -18.73
N SER G 137 39.12 -19.56 -17.60
CA SER G 137 37.76 -19.98 -17.25
C SER G 137 36.91 -18.74 -17.04
N ALA G 138 37.48 -17.78 -16.29
CA ALA G 138 36.85 -16.50 -16.07
C ALA G 138 36.45 -15.97 -17.42
N GLU G 139 37.43 -15.81 -18.30
CA GLU G 139 37.20 -15.24 -19.62
C GLU G 139 36.14 -15.96 -20.46
N ARG G 140 36.08 -17.29 -20.43
CA ARG G 140 35.06 -17.98 -21.25
C ARG G 140 33.67 -17.89 -20.63
N MET G 141 33.64 -17.80 -19.30
CA MET G 141 32.38 -17.54 -18.62
C MET G 141 31.85 -16.19 -19.10
N LEU G 142 32.70 -15.17 -18.95
CA LEU G 142 32.41 -13.83 -19.47
C LEU G 142 31.89 -13.90 -20.89
N GLU G 143 32.47 -14.79 -21.68
CA GLU G 143 32.06 -14.95 -23.07
C GLU G 143 30.62 -15.43 -23.15
N VAL G 144 30.28 -16.36 -22.28
CA VAL G 144 28.89 -16.84 -22.33
C VAL G 144 27.85 -15.86 -21.70
N MET G 145 28.22 -15.20 -20.60
CA MET G 145 27.48 -14.04 -20.09
C MET G 145 27.10 -13.11 -21.25
N GLU G 146 28.12 -12.49 -21.86
CA GLU G 146 27.93 -11.64 -23.04
C GLU G 146 26.99 -12.23 -24.08
N LYS G 147 27.27 -13.45 -24.52
CA LYS G 147 26.47 -14.11 -25.55
C LYS G 147 24.98 -14.12 -25.17
N ILE G 148 24.69 -14.70 -24.01
CA ILE G 148 23.36 -14.73 -23.42
C ILE G 148 22.69 -13.36 -23.44
N TYR G 149 23.34 -12.35 -22.86
CA TYR G 149 22.78 -10.99 -22.88
C TYR G 149 22.37 -10.57 -24.28
N GLU G 150 23.38 -10.49 -25.13
CA GLU G 150 23.26 -9.98 -26.48
C GLU G 150 22.10 -10.62 -27.20
N ARG G 151 21.95 -11.92 -27.02
CA ARG G 151 20.86 -12.66 -27.63
C ARG G 151 19.47 -12.44 -26.95
N LEU G 152 19.47 -12.23 -25.64
CA LEU G 152 18.21 -12.08 -24.90
C LEU G 152 17.56 -10.73 -25.14
N MET G 153 18.38 -9.69 -25.30
CA MET G 153 17.86 -8.33 -25.56
C MET G 153 16.86 -8.28 -26.71
N GLU G 154 17.14 -9.04 -27.76
CA GLU G 154 16.22 -9.24 -28.87
C GLU G 154 14.73 -9.33 -28.48
N PHE G 155 14.46 -9.72 -27.22
CA PHE G 155 13.12 -9.98 -26.74
C PHE G 155 12.52 -8.83 -25.91
N THR G 156 13.34 -7.80 -25.69
CA THR G 156 12.98 -6.67 -24.85
C THR G 156 11.74 -5.97 -25.38
N THR G 157 11.70 -5.87 -26.71
CA THR G 157 10.55 -5.32 -27.46
C THR G 157 9.16 -5.69 -26.90
N PHE G 158 8.97 -6.99 -26.64
CA PHE G 158 7.72 -7.50 -26.09
C PHE G 158 7.35 -6.79 -24.81
N PRO G 159 6.04 -6.55 -24.63
CA PRO G 159 5.52 -5.88 -23.44
C PRO G 159 5.95 -6.66 -22.21
N ASP G 160 6.62 -5.99 -21.28
CA ASP G 160 7.13 -6.64 -20.08
C ASP G 160 6.06 -7.39 -19.25
N LYS G 161 4.79 -7.18 -19.55
CA LYS G 161 3.77 -7.96 -18.89
C LYS G 161 3.83 -9.36 -19.47
N LEU G 162 4.17 -9.44 -20.76
CA LEU G 162 4.12 -10.69 -21.52
C LEU G 162 5.33 -11.57 -21.24
N VAL G 163 6.38 -10.92 -20.79
CA VAL G 163 7.67 -11.55 -20.73
C VAL G 163 8.20 -11.44 -19.31
N SER G 164 7.31 -11.08 -18.39
CA SER G 164 7.68 -10.79 -17.00
C SER G 164 8.78 -9.73 -16.92
N GLY G 165 9.43 -9.62 -15.77
CA GLY G 165 10.35 -8.52 -15.53
C GLY G 165 11.66 -8.62 -16.25
N LEU G 166 11.63 -8.91 -17.57
CA LEU G 166 12.85 -9.15 -18.34
C LEU G 166 13.76 -7.96 -18.35
N ARG G 167 13.26 -6.85 -18.90
CA ARG G 167 14.09 -5.67 -19.13
C ARG G 167 14.94 -5.26 -17.93
N LYS G 168 14.29 -5.14 -16.78
CA LYS G 168 15.03 -4.82 -15.57
C LYS G 168 16.14 -5.86 -15.36
N LYS G 169 15.74 -7.13 -15.36
CA LYS G 169 16.65 -8.26 -15.15
C LYS G 169 17.87 -8.14 -16.03
N LEU G 170 17.64 -7.80 -17.30
CA LEU G 170 18.74 -7.69 -18.26
C LEU G 170 19.64 -6.52 -17.95
N ASP G 171 19.08 -5.41 -17.46
CA ASP G 171 19.93 -4.27 -17.12
C ASP G 171 20.85 -4.64 -15.96
N VAL G 172 20.29 -5.40 -15.02
CA VAL G 172 21.07 -5.93 -13.89
C VAL G 172 22.24 -6.72 -14.44
N ALA G 173 21.89 -7.74 -15.23
CA ALA G 173 22.87 -8.63 -15.84
C ALA G 173 23.99 -7.82 -16.45
N ARG G 174 23.62 -6.96 -17.38
CA ARG G 174 24.50 -6.02 -18.07
C ARG G 174 25.52 -5.41 -17.11
N GLY G 175 25.03 -4.63 -16.15
CA GLY G 175 25.94 -4.01 -15.19
C GLY G 175 26.89 -5.00 -14.55
N GLY G 176 26.38 -6.20 -14.29
CA GLY G 176 27.20 -7.24 -13.70
C GLY G 176 28.33 -7.67 -14.61
N ILE G 177 28.00 -7.89 -15.88
CA ILE G 177 28.97 -8.17 -16.94
C ILE G 177 30.10 -7.15 -16.94
N GLU G 178 29.73 -5.87 -16.98
CA GLU G 178 30.73 -4.82 -16.91
C GLU G 178 31.58 -4.94 -15.65
N ARG G 179 30.96 -5.30 -14.53
CA ARG G 179 31.73 -5.41 -13.30
C ARG G 179 32.77 -6.55 -13.38
N THR G 180 32.34 -7.67 -13.96
CA THR G 180 33.21 -8.81 -14.22
C THR G 180 34.42 -8.39 -15.04
N LYS G 181 34.18 -7.64 -16.13
CA LYS G 181 35.27 -7.12 -16.98
C LYS G 181 36.27 -6.20 -16.27
N SER G 182 35.76 -5.19 -15.55
CA SER G 182 36.62 -4.34 -14.74
C SER G 182 37.48 -5.19 -13.84
N ASP G 183 36.85 -6.22 -13.28
CA ASP G 183 37.53 -7.14 -12.35
C ASP G 183 38.66 -7.93 -13.02
N TYR G 184 38.37 -8.61 -14.12
CA TYR G 184 39.38 -9.25 -14.96
C TYR G 184 40.63 -8.38 -15.11
N ILE G 185 40.45 -7.19 -15.70
CA ILE G 185 41.54 -6.23 -15.81
C ILE G 185 42.30 -5.99 -14.50
N ALA G 186 41.54 -5.76 -13.43
CA ALA G 186 42.15 -5.52 -12.10
C ALA G 186 42.88 -6.72 -11.54
N ALA G 187 42.52 -7.90 -12.04
CA ALA G 187 43.07 -9.17 -11.61
C ALA G 187 44.39 -9.40 -12.34
N LYS G 188 44.43 -9.02 -13.62
CA LYS G 188 45.68 -9.09 -14.37
C LYS G 188 46.68 -8.14 -13.76
N VAL G 189 46.33 -6.86 -13.61
CA VAL G 189 47.29 -5.97 -12.97
C VAL G 189 47.67 -6.48 -11.58
N ALA G 190 46.70 -6.99 -10.82
CA ALA G 190 47.00 -7.37 -9.44
C ALA G 190 47.65 -8.73 -9.32
N ARG G 191 47.86 -9.41 -10.45
CA ARG G 191 48.67 -10.64 -10.47
C ARG G 191 50.13 -10.33 -10.89
N LEU G 192 50.66 -9.24 -10.30
CA LEU G 192 52.03 -8.79 -10.50
C LEU G 192 52.63 -8.57 -9.13
N MET H 4 -16.27 -14.35 38.41
CA MET H 4 -17.38 -14.10 37.51
C MET H 4 -16.93 -13.80 36.07
N ARG H 5 -16.00 -14.60 35.56
CA ARG H 5 -15.60 -14.57 34.13
C ARG H 5 -15.23 -13.21 33.54
N LEU H 6 -16.22 -12.37 33.22
CA LEU H 6 -15.93 -11.04 32.66
C LEU H 6 -14.92 -10.30 33.53
N GLU H 7 -15.05 -10.47 34.85
CA GLU H 7 -14.10 -9.91 35.78
C GLU H 7 -12.78 -10.64 35.65
N GLU H 8 -12.84 -11.93 35.38
CA GLU H 8 -11.62 -12.71 35.15
C GLU H 8 -10.86 -12.25 33.90
N CYS H 9 -11.46 -12.41 32.72
CA CYS H 9 -10.86 -11.96 31.47
C CYS H 9 -10.40 -10.51 31.59
N ARG H 10 -11.09 -9.67 32.39
CA ARG H 10 -10.54 -8.32 32.66
C ARG H 10 -9.26 -8.27 33.52
N LYS H 11 -9.19 -9.08 34.56
CA LYS H 11 -7.94 -9.17 35.32
C LYS H 11 -6.80 -9.57 34.38
N ARG H 12 -7.08 -10.60 33.57
CA ARG H 12 -6.11 -11.09 32.60
C ARG H 12 -5.66 -10.01 31.62
N LEU H 13 -6.60 -9.22 31.12
CA LEU H 13 -6.28 -8.08 30.28
C LEU H 13 -5.31 -7.11 30.95
N GLU H 14 -5.65 -6.68 32.16
CA GLU H 14 -4.76 -5.81 32.93
C GLU H 14 -3.35 -6.38 33.02
N GLU H 15 -3.26 -7.68 33.32
CA GLU H 15 -1.97 -8.39 33.31
C GLU H 15 -1.30 -8.10 31.99
N LEU H 16 -1.85 -8.66 30.92
CA LEU H 16 -1.28 -8.51 29.59
C LEU H 16 -0.77 -7.13 29.29
N GLU H 17 -1.50 -6.10 29.69
CA GLU H 17 -1.08 -4.72 29.47
C GLU H 17 0.22 -4.46 30.22
N ALA H 18 0.25 -4.87 31.48
CA ALA H 18 1.45 -4.67 32.29
C ALA H 18 2.64 -5.36 31.64
N ALA H 19 2.42 -6.61 31.25
CA ALA H 19 3.45 -7.45 30.64
C ALA H 19 3.96 -6.86 29.33
N ARG H 20 3.06 -6.28 28.55
CA ARG H 20 3.45 -5.66 27.30
C ARG H 20 4.35 -4.48 27.60
N GLU H 21 3.92 -3.60 28.48
CA GLU H 21 4.74 -2.45 28.84
C GLU H 21 6.16 -2.88 29.24
N GLU H 22 6.21 -3.84 30.17
CA GLU H 22 7.49 -4.35 30.66
C GLU H 22 8.39 -5.00 29.58
N LEU H 23 7.82 -5.86 28.75
CA LEU H 23 8.57 -6.52 27.67
C LEU H 23 9.11 -5.51 26.68
N LEU H 24 8.28 -4.52 26.36
CA LEU H 24 8.65 -3.38 25.53
C LEU H 24 9.93 -2.76 26.05
N LYS H 25 9.92 -2.36 27.32
CA LYS H 25 11.13 -1.79 27.92
C LYS H 25 12.38 -2.74 28.00
N VAL H 26 12.18 -4.00 28.40
CA VAL H 26 13.25 -4.99 28.35
C VAL H 26 13.90 -5.05 26.97
N LEU H 27 13.10 -5.45 25.98
CA LEU H 27 13.59 -5.59 24.61
C LEU H 27 14.28 -4.33 24.08
N ARG H 28 13.71 -3.16 24.36
CA ARG H 28 14.37 -1.90 23.99
C ARG H 28 15.76 -1.82 24.58
N GLU H 29 15.89 -2.09 25.88
CA GLU H 29 17.19 -2.11 26.53
C GLU H 29 18.16 -3.06 25.86
N MET H 30 17.67 -4.26 25.61
CA MET H 30 18.46 -5.33 25.04
C MET H 30 18.95 -4.95 23.66
N ARG H 31 18.10 -4.26 22.93
CA ARG H 31 18.45 -3.82 21.59
C ARG H 31 19.57 -2.83 21.76
N ILE H 32 19.34 -1.77 22.56
CA ILE H 32 20.37 -0.73 22.77
C ILE H 32 21.73 -1.37 22.98
N HIS H 33 21.77 -2.39 23.84
CA HIS H 33 23.01 -3.14 24.05
C HIS H 33 23.53 -3.86 22.80
N SER H 34 22.68 -4.59 22.07
CA SER H 34 23.12 -5.34 20.88
C SER H 34 23.75 -4.38 19.87
N THR H 35 23.03 -3.29 19.64
CA THR H 35 23.47 -2.18 18.81
C THR H 35 24.84 -1.61 19.23
N LYS H 36 24.93 -1.18 20.49
CA LYS H 36 26.16 -0.65 21.05
C LYS H 36 27.32 -1.64 20.88
N SER H 37 27.00 -2.92 21.04
CA SER H 37 27.98 -3.99 20.91
C SER H 37 28.57 -3.97 19.52
N ILE H 38 27.69 -3.93 18.52
CA ILE H 38 28.15 -3.87 17.13
C ILE H 38 29.02 -2.65 16.89
N ALA H 39 28.51 -1.47 17.25
CA ALA H 39 29.23 -0.21 17.07
C ALA H 39 30.63 -0.22 17.68
N LEU H 40 30.79 -0.93 18.79
CA LEU H 40 32.10 -1.09 19.39
C LEU H 40 32.94 -2.08 18.60
N ILE H 41 32.37 -3.20 18.19
CA ILE H 41 33.13 -4.19 17.40
C ILE H 41 33.70 -3.53 16.15
N HIS H 42 32.97 -2.56 15.60
CA HIS H 42 33.47 -1.78 14.45
C HIS H 42 34.52 -0.77 14.89
N ALA H 43 34.20 -0.02 15.94
CA ALA H 43 35.10 0.99 16.49
C ALA H 43 36.43 0.41 16.98
N GLY H 44 36.48 -0.88 17.28
CA GLY H 44 37.69 -1.56 17.69
C GLY H 44 37.73 -2.05 19.13
N LYS H 45 36.92 -1.45 19.98
CA LYS H 45 36.87 -1.82 21.39
C LYS H 45 36.13 -3.15 21.58
N VAL H 46 36.70 -4.22 21.07
CA VAL H 46 36.11 -5.54 21.13
C VAL H 46 35.79 -6.04 22.57
N GLU H 47 36.62 -5.68 23.55
CA GLU H 47 36.35 -6.09 24.93
C GLU H 47 35.01 -5.58 25.42
N GLU H 48 34.74 -4.30 25.18
CA GLU H 48 33.57 -3.61 25.70
C GLU H 48 32.37 -4.10 24.94
N ALA H 49 32.63 -4.59 23.74
CA ALA H 49 31.62 -5.25 22.94
C ALA H 49 31.20 -6.55 23.61
N GLU H 50 32.19 -7.30 24.10
CA GLU H 50 31.91 -8.52 24.84
C GLU H 50 31.10 -8.17 26.08
N GLN H 51 31.41 -7.04 26.71
CA GLN H 51 30.67 -6.59 27.89
C GLN H 51 29.18 -6.28 27.63
N GLU H 52 28.94 -5.28 26.79
CA GLU H 52 27.58 -4.93 26.36
C GLU H 52 26.82 -6.17 25.92
N LEU H 53 27.45 -7.03 25.14
CA LEU H 53 26.86 -8.31 24.77
C LEU H 53 26.41 -9.15 25.98
N LYS H 54 27.29 -9.28 26.97
CA LYS H 54 26.93 -10.06 28.15
C LYS H 54 25.70 -9.44 28.82
N LYS H 55 25.74 -8.13 29.05
CA LYS H 55 24.62 -7.37 29.62
C LYS H 55 23.30 -7.68 28.91
N ALA H 56 23.37 -7.62 27.59
CA ALA H 56 22.26 -7.95 26.73
C ALA H 56 21.71 -9.34 26.97
N ILE H 57 22.58 -10.35 26.96
CA ILE H 57 22.14 -11.74 27.13
C ILE H 57 21.50 -11.93 28.50
N GLU H 58 22.00 -11.21 29.50
CA GLU H 58 21.37 -11.21 30.81
C GLU H 58 19.93 -10.70 30.68
N LEU H 59 19.77 -9.59 29.98
CA LEU H 59 18.44 -9.07 29.70
C LEU H 59 17.57 -10.05 28.93
N LEU H 60 18.19 -10.88 28.09
CA LEU H 60 17.50 -11.90 27.30
C LEU H 60 16.94 -12.96 28.24
N GLU H 61 17.72 -13.37 29.22
CA GLU H 61 17.19 -14.31 30.19
C GLU H 61 16.12 -13.63 31.05
N LYS H 62 16.18 -12.31 31.12
CA LYS H 62 15.06 -11.58 31.72
C LYS H 62 13.80 -11.58 30.82
N VAL H 63 14.02 -11.69 29.50
CA VAL H 63 12.91 -11.76 28.53
C VAL H 63 12.25 -13.12 28.59
N LYS H 64 13.05 -14.15 28.80
CA LYS H 64 12.58 -15.54 28.78
C LYS H 64 11.52 -15.89 29.82
N ALA H 65 11.01 -14.89 30.53
CA ALA H 65 9.96 -15.10 31.52
C ALA H 65 8.60 -15.09 30.85
N TYR H 66 8.38 -14.08 30.01
CA TYR H 66 7.06 -13.76 29.45
C TYR H 66 6.54 -14.78 28.46
N ARG H 67 7.08 -15.99 28.47
CA ARG H 67 6.54 -17.07 27.64
C ARG H 67 5.13 -17.38 28.11
N GLU H 68 4.90 -17.16 29.40
CA GLU H 68 3.59 -17.40 30.03
C GLU H 68 2.52 -16.45 29.52
N TYR H 69 2.89 -15.61 28.57
CA TYR H 69 1.95 -14.67 27.97
C TYR H 69 2.04 -14.74 26.46
N PRO H 70 1.79 -15.93 25.88
CA PRO H 70 2.07 -16.18 24.46
C PRO H 70 1.19 -15.32 23.55
N GLU H 71 0.09 -14.80 24.08
CA GLU H 71 -0.78 -13.88 23.35
C GLU H 71 0.01 -12.71 22.81
N ILE H 72 1.13 -12.43 23.46
CA ILE H 72 2.11 -11.49 22.96
C ILE H 72 3.45 -12.19 22.77
N TYR H 73 4.46 -11.77 23.54
CA TYR H 73 5.81 -12.33 23.52
C TYR H 73 6.48 -12.35 22.14
N PHE H 74 6.39 -13.49 21.48
CA PHE H 74 7.01 -13.74 20.18
C PHE H 74 6.94 -12.53 19.28
N TYR H 75 5.70 -12.06 19.09
CA TYR H 75 5.39 -10.88 18.29
C TYR H 75 6.42 -9.77 18.43
N LEU H 76 6.60 -9.30 19.67
CA LEU H 76 7.53 -8.21 19.93
C LEU H 76 8.99 -8.65 19.87
N CYS H 77 9.25 -9.87 20.32
CA CYS H 77 10.60 -10.35 20.56
C CYS H 77 11.54 -10.40 19.36
N ASN H 78 11.05 -10.99 18.27
CA ASN H 78 11.85 -11.29 17.08
C ASN H 78 12.94 -10.28 16.70
N ASP H 79 12.55 -9.07 16.33
CA ASP H 79 13.52 -8.06 15.89
C ASP H 79 14.63 -7.72 16.88
N ALA H 80 14.45 -8.01 18.17
CA ALA H 80 15.55 -7.86 19.13
C ALA H 80 16.37 -9.14 19.27
N MET H 81 15.67 -10.28 19.28
CA MET H 81 16.34 -11.56 19.29
C MET H 81 17.25 -11.67 18.08
N GLN H 82 16.68 -11.54 16.89
CA GLN H 82 17.43 -11.43 15.64
C GLN H 82 18.58 -10.42 15.68
N GLU H 83 18.40 -9.30 16.39
CA GLU H 83 19.48 -8.34 16.57
C GLU H 83 20.64 -8.94 17.38
N LEU H 84 20.33 -9.53 18.54
CA LEU H 84 21.31 -10.17 19.41
C LEU H 84 22.12 -11.21 18.65
N VAL H 85 21.42 -12.17 18.06
CA VAL H 85 22.02 -13.20 17.25
C VAL H 85 23.01 -12.63 16.26
N GLU H 86 22.67 -11.45 15.71
CA GLU H 86 23.58 -10.77 14.79
C GLU H 86 24.90 -10.45 15.53
N ALA H 87 24.83 -9.55 16.52
CA ALA H 87 26.02 -9.04 17.21
C ALA H 87 26.97 -10.14 17.65
N ILE H 88 26.41 -11.12 18.34
CA ILE H 88 27.13 -12.31 18.75
C ILE H 88 27.93 -12.87 17.58
N ALA H 89 27.26 -13.33 16.52
CA ALA H 89 27.94 -13.93 15.37
C ALA H 89 29.09 -13.03 14.87
N PHE H 90 28.81 -11.73 14.85
CA PHE H 90 29.79 -10.75 14.38
C PHE H 90 31.07 -10.89 15.21
N LYS H 91 30.95 -10.77 16.54
CA LYS H 91 32.11 -10.96 17.43
C LYS H 91 32.86 -12.24 17.08
N ASN H 92 32.12 -13.35 16.97
CA ASN H 92 32.72 -14.66 16.76
C ASN H 92 33.55 -14.72 15.51
N ALA H 93 33.18 -13.92 14.51
CA ALA H 93 33.88 -13.92 13.23
C ALA H 93 35.09 -13.00 13.30
N ILE H 94 34.98 -11.89 14.04
CA ILE H 94 36.10 -10.94 14.11
C ILE H 94 37.14 -11.33 15.16
N SER H 95 37.00 -12.54 15.71
CA SER H 95 37.98 -13.15 16.60
C SER H 95 38.09 -14.63 16.26
N GLY H 96 38.14 -14.93 14.98
CA GLY H 96 38.39 -16.28 14.48
C GLY H 96 37.43 -17.37 14.90
N GLU H 97 36.85 -17.20 16.09
CA GLU H 97 35.99 -18.20 16.69
C GLU H 97 34.57 -18.23 16.09
N PHE H 98 34.49 -18.24 14.77
CA PHE H 98 33.18 -18.33 14.14
C PHE H 98 32.59 -19.75 14.14
N THR H 99 31.40 -19.83 14.73
CA THR H 99 30.63 -21.06 14.80
C THR H 99 29.15 -20.75 14.61
N PHE H 100 28.39 -21.76 14.18
CA PHE H 100 26.93 -21.66 14.16
C PHE H 100 26.33 -22.12 15.48
N GLU H 101 26.98 -23.12 16.10
CA GLU H 101 26.50 -23.76 17.33
C GLU H 101 26.59 -22.85 18.53
N ILE H 102 25.61 -21.96 18.67
CA ILE H 102 25.42 -21.19 19.89
C ILE H 102 24.01 -21.42 20.42
N ASP H 103 23.87 -21.49 21.74
CA ASP H 103 22.58 -21.74 22.35
C ASP H 103 22.07 -20.47 23.00
N LEU H 104 20.86 -20.08 22.60
CA LEU H 104 20.26 -18.83 23.03
C LEU H 104 18.76 -18.96 23.13
N GLU H 105 18.26 -20.15 22.78
CA GLU H 105 16.83 -20.38 22.64
C GLU H 105 16.13 -19.21 21.96
N VAL H 106 16.25 -19.17 20.65
CA VAL H 106 15.66 -18.10 19.88
C VAL H 106 14.91 -18.73 18.71
N THR H 107 13.76 -18.13 18.39
CA THR H 107 12.92 -18.50 17.25
C THR H 107 13.72 -18.71 15.97
N PRO H 108 13.51 -19.85 15.29
CA PRO H 108 14.28 -20.24 14.09
C PRO H 108 14.52 -19.07 13.12
N ALA H 109 13.46 -18.30 12.90
CA ALA H 109 13.53 -17.12 12.05
C ALA H 109 14.57 -16.13 12.53
N ALA H 110 14.53 -15.71 13.80
CA ALA H 110 15.46 -14.69 14.29
C ALA H 110 16.88 -15.20 14.29
N PHE H 111 17.01 -16.52 14.45
CA PHE H 111 18.30 -17.22 14.38
C PHE H 111 18.91 -17.08 13.00
N LEU H 112 18.27 -17.75 12.03
CA LEU H 112 18.67 -17.72 10.62
C LEU H 112 18.89 -16.31 10.07
N ASN H 113 17.84 -15.52 10.15
CA ASN H 113 17.88 -14.16 9.68
C ASN H 113 18.91 -13.32 10.43
N GLY H 114 19.20 -13.69 11.68
CA GLY H 114 20.24 -13.01 12.44
C GLY H 114 21.59 -13.28 11.81
N PHE H 115 21.74 -14.52 11.35
CA PHE H 115 23.01 -14.92 10.73
C PHE H 115 23.24 -14.29 9.35
N ALA H 116 22.19 -14.23 8.51
CA ALA H 116 22.28 -13.45 7.26
C ALA H 116 22.58 -11.98 7.55
N ASP H 117 21.75 -11.38 8.39
CA ASP H 117 21.98 -10.04 8.91
C ASP H 117 23.46 -9.77 9.21
N ALA H 118 24.17 -10.75 9.77
CA ALA H 118 25.61 -10.60 10.07
C ALA H 118 26.52 -10.21 8.87
N VAL H 119 26.37 -10.99 7.79
CA VAL H 119 27.11 -10.82 6.55
C VAL H 119 27.33 -9.35 6.17
N GLY H 120 26.30 -8.54 6.31
CA GLY H 120 26.43 -7.14 5.96
C GLY H 120 27.48 -6.46 6.82
N GLU H 121 27.37 -6.68 8.12
CA GLU H 121 28.28 -6.08 9.09
C GLU H 121 29.73 -6.58 8.85
N LEU H 122 29.81 -7.82 8.37
CA LEU H 122 31.08 -8.43 7.99
C LEU H 122 31.69 -7.74 6.78
N ARG H 123 30.90 -7.49 5.75
CA ARG H 123 31.44 -6.82 4.59
C ARG H 123 31.84 -5.37 4.92
N ARG H 124 31.08 -4.67 5.75
CA ARG H 124 31.50 -3.33 6.19
C ARG H 124 32.85 -3.37 6.90
N TYR H 125 32.99 -4.33 7.82
CA TYR H 125 34.24 -4.53 8.55
C TYR H 125 35.40 -4.80 7.56
N ALA H 126 35.32 -5.98 6.91
CA ALA H 126 36.24 -6.42 5.84
C ALA H 126 36.70 -5.30 4.93
N LEU H 127 35.75 -4.45 4.54
CA LEU H 127 36.05 -3.30 3.72
C LEU H 127 36.91 -2.29 4.48
N THR H 128 36.52 -1.91 5.69
CA THR H 128 37.32 -0.96 6.46
C THR H 128 38.75 -1.48 6.62
N LYS H 129 38.87 -2.78 6.92
CA LYS H 129 40.19 -3.40 7.06
C LYS H 129 40.96 -3.30 5.75
N LEU H 130 40.31 -3.65 4.64
CA LEU H 130 40.85 -3.49 3.30
C LEU H 130 41.39 -2.08 3.01
N ILE H 131 40.79 -1.06 3.63
CA ILE H 131 41.23 0.32 3.45
C ILE H 131 42.50 0.59 4.23
N GLU H 132 42.64 -0.03 5.40
CA GLU H 132 43.81 0.16 6.24
C GLU H 132 44.90 -0.88 5.96
N GLY H 133 44.77 -1.59 4.84
CA GLY H 133 45.76 -2.55 4.40
C GLY H 133 45.54 -3.99 4.79
N ASP H 134 44.81 -4.23 5.87
CA ASP H 134 44.62 -5.58 6.41
C ASP H 134 43.93 -6.57 5.44
N PHE H 135 44.68 -7.30 4.63
CA PHE H 135 44.08 -8.28 3.71
C PHE H 135 43.71 -9.58 4.39
N LYS H 136 44.23 -9.78 5.59
CA LYS H 136 44.06 -11.05 6.28
C LYS H 136 42.67 -11.05 6.87
N SER H 137 42.37 -9.97 7.59
CA SER H 137 41.01 -9.71 8.08
C SER H 137 40.06 -10.03 6.96
N ALA H 138 40.03 -9.12 6.00
CA ALA H 138 39.23 -9.25 4.80
C ALA H 138 39.13 -10.66 4.20
N GLU H 139 40.22 -11.39 4.09
CA GLU H 139 40.13 -12.75 3.57
C GLU H 139 39.38 -13.72 4.48
N ARG H 140 39.67 -13.63 5.78
CA ARG H 140 38.96 -14.46 6.73
C ARG H 140 37.48 -14.14 6.68
N MET H 141 37.15 -12.85 6.65
CA MET H 141 35.75 -12.45 6.54
C MET H 141 35.10 -13.02 5.30
N LEU H 142 35.81 -13.02 4.18
CA LEU H 142 35.24 -13.58 2.94
C LEU H 142 34.92 -15.05 3.13
N GLU H 143 35.80 -15.75 3.87
CA GLU H 143 35.56 -17.14 4.24
C GLU H 143 34.27 -17.32 5.05
N VAL H 144 34.17 -16.60 6.17
CA VAL H 144 33.00 -16.74 7.02
C VAL H 144 31.71 -16.37 6.30
N MET H 145 31.68 -15.16 5.69
CA MET H 145 30.58 -14.67 4.85
C MET H 145 30.10 -15.72 3.85
N GLU H 146 31.02 -16.28 3.07
CA GLU H 146 30.65 -17.34 2.15
C GLU H 146 30.06 -18.54 2.88
N LYS H 147 30.52 -18.80 4.12
CA LYS H 147 30.02 -19.95 4.90
C LYS H 147 28.56 -19.78 5.39
N ILE H 148 28.32 -18.67 6.08
CA ILE H 148 26.99 -18.25 6.42
C ILE H 148 26.06 -18.36 5.21
N TYR H 149 26.42 -17.77 4.06
CA TYR H 149 25.59 -17.95 2.87
C TYR H 149 25.35 -19.42 2.46
N GLU H 150 26.43 -20.20 2.39
CA GLU H 150 26.37 -21.54 1.84
C GLU H 150 25.49 -22.42 2.71
N ARG H 151 25.59 -22.19 4.01
CA ARG H 151 24.88 -22.96 5.02
C ARG H 151 23.39 -22.56 5.12
N LEU H 152 23.14 -21.29 5.37
CA LEU H 152 21.78 -20.79 5.48
C LEU H 152 20.95 -21.08 4.25
N MET H 153 21.54 -21.10 3.06
CA MET H 153 20.72 -21.34 1.88
C MET H 153 19.92 -22.66 1.92
N GLU H 154 20.27 -23.55 2.85
CA GLU H 154 19.62 -24.84 2.92
C GLU H 154 18.17 -24.72 3.38
N PHE H 155 17.87 -23.61 4.04
CA PHE H 155 16.55 -23.35 4.61
C PHE H 155 15.61 -22.52 3.73
N THR H 156 15.99 -22.30 2.47
CA THR H 156 15.27 -21.37 1.61
C THR H 156 13.98 -21.97 1.05
N THR H 157 13.95 -23.29 0.96
CA THR H 157 12.81 -24.02 0.40
C THR H 157 11.61 -24.04 1.34
N PHE H 158 11.79 -23.52 2.55
CA PHE H 158 10.71 -23.49 3.54
C PHE H 158 9.72 -22.36 3.28
N PRO H 159 8.44 -22.61 3.61
CA PRO H 159 7.38 -21.60 3.52
C PRO H 159 7.79 -20.28 4.18
N ASP H 160 7.59 -19.19 3.46
CA ASP H 160 8.08 -17.89 3.91
C ASP H 160 7.44 -17.50 5.23
N LYS H 161 6.26 -18.05 5.47
CA LYS H 161 5.48 -17.78 6.67
C LYS H 161 6.13 -18.28 7.98
N LEU H 162 7.11 -19.16 7.87
CA LEU H 162 7.80 -19.64 9.06
C LEU H 162 9.26 -19.18 9.12
N VAL H 163 9.90 -19.08 7.97
CA VAL H 163 11.32 -18.77 7.91
C VAL H 163 11.54 -17.28 7.70
N SER H 164 10.46 -16.53 7.78
CA SER H 164 10.42 -15.12 7.40
C SER H 164 10.93 -14.94 5.97
N GLY H 165 11.49 -13.77 5.68
CA GLY H 165 11.95 -13.49 4.32
C GLY H 165 13.41 -13.80 4.11
N LEU H 166 13.79 -15.06 4.33
CA LEU H 166 15.20 -15.43 4.35
C LEU H 166 15.79 -15.29 2.96
N ARG H 167 15.08 -15.78 1.94
CA ARG H 167 15.65 -15.74 0.58
C ARG H 167 16.17 -14.33 0.19
N LYS H 168 15.29 -13.33 0.24
CA LYS H 168 15.64 -11.95 -0.08
C LYS H 168 16.83 -11.43 0.71
N LYS H 169 16.86 -11.67 2.02
CA LYS H 169 18.00 -11.25 2.84
C LYS H 169 19.27 -11.92 2.32
N LEU H 170 19.08 -13.16 1.88
CA LEU H 170 20.20 -13.96 1.42
C LEU H 170 20.80 -13.41 0.13
N ASP H 171 19.96 -13.17 -0.88
CA ASP H 171 20.38 -12.56 -2.13
C ASP H 171 21.08 -11.25 -1.89
N VAL H 172 20.51 -10.43 -1.02
CA VAL H 172 21.19 -9.19 -0.63
C VAL H 172 22.63 -9.48 -0.17
N ALA H 173 22.77 -10.45 0.76
CA ALA H 173 24.09 -10.87 1.26
C ALA H 173 25.02 -11.29 0.13
N ARG H 174 24.65 -12.33 -0.62
CA ARG H 174 25.34 -12.76 -1.84
C ARG H 174 25.94 -11.61 -2.62
N GLY H 175 25.09 -10.67 -3.01
CA GLY H 175 25.57 -9.51 -3.71
C GLY H 175 26.62 -8.75 -2.94
N GLY H 176 26.45 -8.62 -1.63
CA GLY H 176 27.46 -7.95 -0.84
C GLY H 176 28.77 -8.71 -0.85
N ILE H 177 28.66 -10.03 -0.98
CA ILE H 177 29.83 -10.91 -1.00
C ILE H 177 30.63 -10.64 -2.26
N GLU H 178 29.95 -10.69 -3.42
CA GLU H 178 30.56 -10.34 -4.69
C GLU H 178 31.19 -8.97 -4.65
N ARG H 179 30.43 -7.97 -4.22
CA ARG H 179 30.99 -6.62 -4.16
C ARG H 179 32.22 -6.55 -3.25
N THR H 180 32.32 -7.45 -2.26
CA THR H 180 33.50 -7.47 -1.41
C THR H 180 34.70 -8.18 -2.05
N LYS H 181 34.47 -9.38 -2.61
CA LYS H 181 35.46 -10.05 -3.44
C LYS H 181 36.05 -9.05 -4.45
N SER H 182 35.18 -8.34 -5.17
CA SER H 182 35.61 -7.32 -6.10
C SER H 182 36.37 -6.19 -5.43
N ASP H 183 35.89 -5.68 -4.30
CA ASP H 183 36.56 -4.55 -3.67
C ASP H 183 37.93 -4.98 -3.18
N TYR H 184 38.13 -6.29 -3.14
CA TYR H 184 39.35 -6.87 -2.64
C TYR H 184 40.34 -7.19 -3.75
N ILE H 185 39.84 -7.56 -4.93
CA ILE H 185 40.71 -7.66 -6.11
C ILE H 185 41.28 -6.29 -6.47
N ALA H 186 40.49 -5.24 -6.26
CA ALA H 186 41.04 -3.89 -6.18
C ALA H 186 41.93 -3.85 -4.94
N ALA H 187 42.39 -2.68 -4.53
CA ALA H 187 43.19 -2.59 -3.28
C ALA H 187 44.46 -3.45 -3.29
N LYS H 188 44.31 -4.70 -3.71
CA LYS H 188 45.44 -5.56 -4.06
C LYS H 188 46.21 -4.91 -5.20
N VAL H 189 45.58 -3.95 -5.85
CA VAL H 189 46.29 -2.99 -6.68
C VAL H 189 46.79 -1.80 -5.82
N ALA H 190 47.94 -2.01 -5.17
CA ALA H 190 48.64 -1.01 -4.33
C ALA H 190 49.91 -0.45 -5.00
MG MG I . -20.98 8.64 20.75
MG MG J . -21.89 -13.67 12.52
MG MG K . -23.74 -6.00 -9.25
MG MG L . 21.70 2.47 -22.06
MG MG M . 20.48 -17.36 -9.23
#